data_9O08
#
_entry.id   9O08
#
_cell.length_a   216.427
_cell.length_b   69.733
_cell.length_c   143.128
_cell.angle_alpha   90.000
_cell.angle_beta   104.383
_cell.angle_gamma   90.000
#
_symmetry.space_group_name_H-M   'C 1 2 1'
#
loop_
_entity.id
_entity.type
_entity.pdbx_description
1 polymer 'Major histocompatibility complex class I-related gene protein'
2 polymer Beta-2-microglobulin
3 polymer TCR-alpha
4 polymer TCR-beta
5 non-polymer GLYCEROL
6 non-polymer LUMICHROME
7 non-polymer 'CHLORIDE ION'
8 water water
#
loop_
_entity_poly.entity_id
_entity_poly.type
_entity_poly.pdbx_seq_one_letter_code
_entity_poly.pdbx_strand_id
1 'polypeptide(L)'
;MRTHSLRYFRLGVSDPIHGVPEFISVGYVDSHPITTYDSVTRQKEPRAPWMAENLAPDHWERYTQLLRGWQQMFKVELKR
LQRHYNHSGSHTYQRMIGCELLEDGSTTGFLQYAYDGQDFLIFNKDTLSWLAVDNVAHTIKQAWEANQHELLYQKNWLEE
ECIAWLKRFLEYGKDTLQRTEPPLVRVNRKETFPGVTALFCKAHGFYPPEIYMTWMKNGEEIVQEIDYGDILPSGDGTYQ
AWASIELDPQSSNLYSCHVEHSGVHMVLQVP
;
A,C
2 'polypeptide(L)'
;MIQRTPKIQVYSRHPAENGKSNFLNCYVSGFHPSDIEVDLLKNGERIEKVEHSDLSFSKDWSFYLLYYTEFTPTEKDEYA
CRVNHVTLSQPKIVKWDRDM
;
B,F
3 'polypeptide(L)'
;MGQNIDQPTEMTATEGAIVQINCTYQTSGFNGLFWYQQHAGEAPTFLSYNVLDGLEEKGRFSSFLSRSKGYSYLLLKELQ
MKDSASYLCAVKDSNYQLIWGAGTKLIIKPDIQNPDPAVYQLRDSKSSDKSVCLFTDFDSQTNVSQSKDSDVYITDKCVL
DMRSMDFKSNSAVAWSNKSDFACANAFNNSIIPEDTFFPSPESS
;
D,G
4 'polypeptide(L)'
;MNAGVTQTPKFQVLKTGQSMTLQCAQDMNHNSMYWYRQDPGMGLRLIYYSASEGTTDKGEVPNGYNVSRLNKREFSLRLE
SAAPSQTSVYFCASSVWTGEGSGELFFGEGSRLTVLEDLKNVFPPEVAVFEPSEAEISHTQKATLVCLATGFYPDHVELS
WWVNGKEVHSGVCTDPQPLKEQPALNDSRYALSSRLRVSATFWQNPRNHFRCQVQFYGLSENDEWTQDRAKPVTQIVSAE
AWGRAD
;
E,H
#
# COMPACT_ATOMS: atom_id res chain seq x y z
N MET A 1 34.34 44.23 -34.77
CA MET A 1 35.44 43.27 -34.67
C MET A 1 35.80 42.69 -36.03
N ARG A 2 36.83 41.87 -36.07
CA ARG A 2 37.04 40.99 -37.21
C ARG A 2 35.97 39.90 -37.22
N THR A 3 35.97 39.09 -38.27
CA THR A 3 35.09 37.94 -38.38
C THR A 3 35.49 36.85 -37.40
N HIS A 4 34.51 36.25 -36.74
CA HIS A 4 34.76 35.16 -35.82
C HIS A 4 33.74 34.06 -36.06
N SER A 5 34.11 32.86 -35.65
CA SER A 5 33.24 31.70 -35.85
C SER A 5 33.31 30.79 -34.64
N LEU A 6 32.24 29.99 -34.49
CA LEU A 6 32.12 28.93 -33.51
C LEU A 6 31.65 27.67 -34.23
N ARG A 7 32.37 26.56 -34.02
CA ARG A 7 31.92 25.31 -34.62
CA ARG A 7 32.06 25.29 -34.69
C ARG A 7 32.24 24.13 -33.71
N TYR A 8 31.38 23.11 -33.82
CA TYR A 8 31.55 21.85 -33.11
C TYR A 8 31.60 20.74 -34.15
N PHE A 9 32.59 19.87 -34.01
CA PHE A 9 32.76 18.70 -34.87
C PHE A 9 32.49 17.44 -34.07
N ARG A 10 32.06 16.40 -34.76
CA ARG A 10 31.98 15.07 -34.20
C ARG A 10 32.60 14.09 -35.20
N LEU A 11 33.39 13.16 -34.68
CA LEU A 11 33.90 12.03 -35.44
C LEU A 11 33.40 10.75 -34.78
N GLY A 12 32.85 9.86 -35.59
CA GLY A 12 32.54 8.50 -35.14
C GLY A 12 33.17 7.49 -36.08
N VAL A 13 33.69 6.41 -35.50
CA VAL A 13 34.39 5.36 -36.23
C VAL A 13 33.75 4.02 -35.89
N SER A 14 33.46 3.21 -36.91
CA SER A 14 32.59 2.06 -36.70
C SER A 14 33.33 0.87 -36.09
N ASP A 15 34.58 0.65 -36.47
CA ASP A 15 35.33 -0.50 -35.98
C ASP A 15 36.76 -0.10 -35.63
N PRO A 16 36.93 0.80 -34.65
CA PRO A 16 38.25 1.42 -34.44
C PRO A 16 39.29 0.42 -34.01
N ILE A 17 40.53 0.64 -34.47
CA ILE A 17 41.64 -0.14 -33.97
C ILE A 17 41.80 0.13 -32.48
N HIS A 18 42.47 -0.81 -31.80
CA HIS A 18 42.53 -0.81 -30.34
C HIS A 18 43.13 0.49 -29.81
N GLY A 19 42.42 1.13 -28.88
CA GLY A 19 42.85 2.38 -28.31
C GLY A 19 42.16 3.60 -28.89
N VAL A 20 42.05 3.66 -30.21
CA VAL A 20 41.46 4.82 -30.91
C VAL A 20 39.99 4.96 -30.51
N PRO A 21 39.54 6.15 -30.11
CA PRO A 21 38.16 6.28 -29.62
C PRO A 21 37.12 6.00 -30.70
N GLU A 22 35.99 5.49 -30.26
CA GLU A 22 34.84 5.33 -31.14
C GLU A 22 34.24 6.68 -31.51
N PHE A 23 34.35 7.67 -30.63
CA PHE A 23 33.66 8.94 -30.80
C PHE A 23 34.52 10.06 -30.25
N ILE A 24 34.52 11.20 -30.93
CA ILE A 24 35.25 12.39 -30.48
C ILE A 24 34.43 13.60 -30.87
N SER A 25 34.36 14.59 -29.99
CA SER A 25 33.78 15.89 -30.35
C SER A 25 34.69 17.00 -29.85
N VAL A 26 34.95 18.00 -30.71
CA VAL A 26 35.81 19.14 -30.38
C VAL A 26 35.10 20.42 -30.80
N GLY A 27 35.10 21.41 -29.92
CA GLY A 27 34.65 22.75 -30.27
C GLY A 27 35.82 23.65 -30.59
N TYR A 28 35.60 24.60 -31.51
CA TYR A 28 36.59 25.60 -31.90
C TYR A 28 35.96 26.99 -31.92
N VAL A 29 36.73 27.98 -31.47
CA VAL A 29 36.48 29.38 -31.77
C VAL A 29 37.62 29.86 -32.66
N ASP A 30 37.28 30.35 -33.86
CA ASP A 30 38.23 30.61 -34.96
C ASP A 30 39.09 29.35 -35.06
N SER A 31 40.41 29.44 -35.02
CA SER A 31 41.28 28.28 -35.12
CA SER A 31 41.24 28.25 -35.13
C SER A 31 41.61 27.66 -33.78
N HIS A 32 41.08 28.18 -32.68
CA HIS A 32 41.43 27.70 -31.35
C HIS A 32 40.50 26.59 -30.88
N PRO A 33 41.01 25.42 -30.50
CA PRO A 33 40.16 24.46 -29.79
C PRO A 33 39.73 25.03 -28.45
N ILE A 34 38.47 24.81 -28.08
CA ILE A 34 38.02 25.34 -26.80
C ILE A 34 37.58 24.22 -25.86
N THR A 35 37.03 23.13 -26.42
CA THR A 35 36.49 22.04 -25.62
C THR A 35 36.67 20.72 -26.38
N THR A 36 36.73 19.63 -25.61
CA THR A 36 36.92 18.29 -26.17
C THR A 36 36.19 17.26 -25.32
N TYR A 37 35.81 16.15 -25.97
CA TYR A 37 35.14 15.02 -25.35
C TYR A 37 35.45 13.80 -26.21
N ASP A 38 35.69 12.65 -25.58
CA ASP A 38 35.74 11.42 -26.36
C ASP A 38 35.17 10.24 -25.58
N SER A 39 34.98 9.13 -26.28
CA SER A 39 34.38 7.95 -25.68
C SER A 39 35.31 7.24 -24.71
N VAL A 40 36.58 7.62 -24.66
CA VAL A 40 37.50 6.98 -23.73
C VAL A 40 37.49 7.67 -22.36
N THR A 41 37.59 9.00 -22.34
CA THR A 41 37.49 9.72 -21.09
C THR A 41 36.06 9.82 -20.59
N ARG A 42 35.08 9.90 -21.51
CA ARG A 42 33.68 10.13 -21.16
CA ARG A 42 33.68 10.15 -21.17
C ARG A 42 33.50 11.43 -20.37
N GLN A 43 34.42 12.38 -20.53
CA GLN A 43 34.35 13.67 -19.86
C GLN A 43 34.55 14.79 -20.87
N LYS A 44 33.83 15.88 -20.66
CA LYS A 44 34.07 17.10 -21.42
C LYS A 44 35.14 17.93 -20.70
N GLU A 45 36.19 18.30 -21.43
CA GLU A 45 37.30 19.04 -20.83
C GLU A 45 37.61 20.29 -21.64
N PRO A 46 38.05 21.36 -20.98
CA PRO A 46 38.46 22.56 -21.72
C PRO A 46 39.76 22.30 -22.48
N ARG A 47 39.87 22.98 -23.62
CA ARG A 47 41.11 23.00 -24.38
C ARG A 47 41.66 24.41 -24.50
N ALA A 48 41.08 25.38 -23.80
CA ALA A 48 41.62 26.70 -23.78
C ALA A 48 41.48 27.17 -22.33
N PRO A 49 42.53 27.77 -21.79
CA PRO A 49 42.49 28.20 -20.38
C PRO A 49 41.36 29.17 -20.07
N TRP A 50 41.09 30.10 -20.99
CA TRP A 50 40.04 31.08 -20.75
C TRP A 50 38.65 30.48 -20.83
N MET A 51 38.51 29.26 -21.35
CA MET A 51 37.26 28.53 -21.16
C MET A 51 37.19 27.96 -19.74
N ALA A 52 38.28 27.32 -19.30
CA ALA A 52 38.33 26.71 -17.97
C ALA A 52 38.08 27.74 -16.88
N GLU A 53 38.51 28.98 -17.10
CA GLU A 53 38.50 29.97 -16.04
C GLU A 53 37.18 30.70 -15.93
N ASN A 54 36.31 30.56 -16.92
CA ASN A 54 35.08 31.33 -16.99
C ASN A 54 33.82 30.48 -16.95
N LEU A 55 33.93 29.15 -16.94
CA LEU A 55 32.78 28.26 -16.93
C LEU A 55 32.84 27.39 -15.69
N ALA A 56 31.82 27.52 -14.84
CA ALA A 56 31.77 26.80 -13.58
C ALA A 56 31.66 25.29 -13.82
N PRO A 57 31.96 24.49 -12.79
CA PRO A 57 31.82 23.03 -12.95
C PRO A 57 30.45 22.56 -13.39
N ASP A 58 29.36 23.27 -13.04
CA ASP A 58 28.03 22.81 -13.42
C ASP A 58 27.87 22.80 -14.94
N HIS A 59 28.66 23.62 -15.62
CA HIS A 59 28.63 23.64 -17.08
C HIS A 59 29.33 22.41 -17.65
N TRP A 60 30.54 22.12 -17.17
CA TRP A 60 31.25 20.95 -17.67
C TRP A 60 30.48 19.67 -17.35
N GLU A 61 29.82 19.63 -16.19
CA GLU A 61 29.06 18.44 -15.83
C GLU A 61 27.85 18.28 -16.73
N ARG A 62 27.13 19.37 -17.01
CA ARG A 62 25.93 19.26 -17.83
C ARG A 62 26.26 18.77 -19.24
N TYR A 63 27.24 19.39 -19.90
CA TYR A 63 27.54 18.97 -21.27
C TYR A 63 28.24 17.61 -21.30
N THR A 64 28.87 17.18 -20.20
CA THR A 64 29.37 15.81 -20.16
C THR A 64 28.23 14.81 -20.28
N GLN A 65 27.12 15.07 -19.61
CA GLN A 65 25.94 14.22 -19.76
C GLN A 65 25.38 14.31 -21.17
N LEU A 66 25.27 15.53 -21.72
CA LEU A 66 24.73 15.67 -23.06
C LEU A 66 25.61 14.96 -24.07
N LEU A 67 26.94 15.05 -23.89
CA LEU A 67 27.87 14.45 -24.84
C LEU A 67 27.79 12.93 -24.81
N ARG A 68 27.68 12.35 -23.61
CA ARG A 68 27.52 10.90 -23.53
C ARG A 68 26.27 10.45 -24.27
N GLY A 69 25.22 11.28 -24.24
CA GLY A 69 24.02 10.95 -24.99
C GLY A 69 24.22 11.10 -26.49
N TRP A 70 24.93 12.16 -26.90
CA TRP A 70 25.22 12.39 -28.30
C TRP A 70 26.11 11.29 -28.88
N GLN A 71 27.05 10.79 -28.08
CA GLN A 71 27.89 9.67 -28.50
C GLN A 71 27.06 8.45 -28.85
N GLN A 72 26.09 8.10 -28.02
CA GLN A 72 25.28 6.92 -28.31
C GLN A 72 24.44 7.15 -29.57
N MET A 73 23.84 8.33 -29.68
CA MET A 73 23.06 8.64 -30.88
CA MET A 73 23.07 8.66 -30.88
C MET A 73 23.93 8.57 -32.13
N PHE A 74 25.15 9.09 -32.07
CA PHE A 74 26.05 9.04 -33.21
C PHE A 74 26.36 7.60 -33.60
N LYS A 75 26.58 6.74 -32.61
CA LYS A 75 26.83 5.33 -32.91
C LYS A 75 25.65 4.71 -33.65
N VAL A 76 24.43 4.97 -33.16
CA VAL A 76 23.23 4.44 -33.80
C VAL A 76 23.14 4.91 -35.24
N GLU A 77 23.38 6.21 -35.48
CA GLU A 77 23.32 6.75 -36.84
C GLU A 77 24.38 6.13 -37.74
N LEU A 78 25.62 6.01 -37.27
CA LEU A 78 26.64 5.36 -38.10
C LEU A 78 26.24 3.93 -38.41
N LYS A 79 25.71 3.21 -37.41
CA LYS A 79 25.26 1.85 -37.63
C LYS A 79 24.24 1.78 -38.77
N ARG A 80 23.27 2.70 -38.78
CA ARG A 80 22.22 2.67 -39.81
C ARG A 80 22.79 3.01 -41.19
N LEU A 81 23.71 3.98 -41.26
CA LEU A 81 24.31 4.35 -42.55
C LEU A 81 25.07 3.17 -43.15
N GLN A 82 25.91 2.53 -42.35
CA GLN A 82 26.73 1.45 -42.87
C GLN A 82 25.88 0.21 -43.18
N ARG A 83 24.73 0.04 -42.52
CA ARG A 83 23.83 -1.02 -42.98
C ARG A 83 23.25 -0.67 -44.35
N HIS A 84 22.88 0.61 -44.55
CA HIS A 84 22.22 0.98 -45.79
C HIS A 84 23.20 1.05 -46.95
N TYR A 85 24.46 1.39 -46.70
CA TYR A 85 25.46 1.27 -47.76
C TYR A 85 25.86 -0.18 -48.00
N ASN A 86 25.50 -1.09 -47.10
CA ASN A 86 25.92 -2.48 -47.18
C ASN A 86 27.44 -2.60 -47.14
N HIS A 87 28.04 -1.92 -46.16
CA HIS A 87 29.49 -1.74 -46.09
C HIS A 87 30.08 -2.54 -44.93
N SER A 88 31.18 -3.24 -45.19
CA SER A 88 31.91 -3.97 -44.16
CA SER A 88 31.92 -3.97 -44.16
C SER A 88 33.11 -3.15 -43.67
N GLY A 89 33.68 -3.59 -42.55
CA GLY A 89 34.88 -2.97 -42.03
C GLY A 89 34.60 -1.66 -41.30
N SER A 90 35.63 -0.81 -41.26
CA SER A 90 35.58 0.44 -40.51
C SER A 90 35.25 1.60 -41.43
N HIS A 91 34.34 2.44 -40.99
CA HIS A 91 33.90 3.61 -41.71
C HIS A 91 33.70 4.74 -40.72
N THR A 92 33.72 5.97 -41.21
CA THR A 92 33.64 7.16 -40.35
C THR A 92 32.41 7.97 -40.69
N TYR A 93 31.92 8.67 -39.67
CA TYR A 93 30.75 9.53 -39.74
C TYR A 93 31.19 10.83 -39.10
N GLN A 94 30.88 11.95 -39.72
CA GLN A 94 31.28 13.22 -39.14
C GLN A 94 30.16 14.22 -39.24
N ARG A 95 30.21 15.18 -38.34
CA ARG A 95 29.23 16.23 -38.24
C ARG A 95 29.97 17.52 -37.96
N MET A 96 29.46 18.61 -38.50
CA MET A 96 29.98 19.92 -38.18
CA MET A 96 29.98 19.92 -38.17
C MET A 96 28.81 20.88 -38.07
N ILE A 97 28.77 21.64 -36.98
CA ILE A 97 27.73 22.65 -36.79
C ILE A 97 28.42 23.92 -36.32
N GLY A 98 27.89 25.06 -36.73
CA GLY A 98 28.39 26.29 -36.14
C GLY A 98 27.86 27.52 -36.85
N CYS A 99 28.51 28.64 -36.54
CA CYS A 99 28.03 29.96 -36.97
C CYS A 99 29.18 30.92 -37.11
N GLU A 100 28.94 32.03 -37.83
CA GLU A 100 29.90 33.09 -37.98
C GLU A 100 29.26 34.44 -37.70
N LEU A 101 29.93 35.24 -36.91
CA LEU A 101 29.57 36.64 -36.74
C LEU A 101 30.55 37.46 -37.57
N LEU A 102 30.07 38.01 -38.69
CA LEU A 102 30.94 38.77 -39.58
C LEU A 102 31.18 40.19 -39.06
N GLU A 103 32.23 40.82 -39.60
CA GLU A 103 32.62 42.15 -39.16
C GLU A 103 31.50 43.16 -39.37
N ASP A 104 30.82 43.08 -40.53
CA ASP A 104 29.68 43.93 -40.85
CA ASP A 104 29.69 43.95 -40.83
C ASP A 104 28.48 43.71 -39.94
N GLY A 105 28.52 42.73 -39.04
CA GLY A 105 27.42 42.44 -38.15
C GLY A 105 26.50 41.33 -38.61
N SER A 106 26.58 40.95 -39.88
CA SER A 106 25.76 39.89 -40.42
C SER A 106 26.21 38.54 -39.86
N THR A 107 25.38 37.53 -40.05
CA THR A 107 25.66 36.21 -39.48
C THR A 107 25.44 35.13 -40.52
N THR A 108 26.12 34.01 -40.32
CA THR A 108 25.89 32.80 -41.09
C THR A 108 25.76 31.63 -40.13
N GLY A 109 25.22 30.54 -40.65
CA GLY A 109 24.97 29.35 -39.87
C GLY A 109 24.97 28.10 -40.73
N PHE A 110 25.58 27.03 -40.23
CA PHE A 110 25.76 25.84 -41.04
C PHE A 110 25.65 24.60 -40.16
N LEU A 111 25.23 23.50 -40.79
CA LEU A 111 25.19 22.19 -40.17
C LEU A 111 25.28 21.18 -41.30
N GLN A 112 26.22 20.24 -41.20
CA GLN A 112 26.37 19.25 -42.25
C GLN A 112 27.01 17.99 -41.68
N TYR A 113 26.93 16.91 -42.47
CA TYR A 113 27.36 15.58 -42.10
C TYR A 113 28.19 14.99 -43.23
N ALA A 114 29.10 14.08 -42.88
CA ALA A 114 29.95 13.43 -43.86
C ALA A 114 30.05 11.95 -43.54
N TYR A 115 30.16 11.14 -44.60
CA TYR A 115 30.42 9.71 -44.46
C TYR A 115 31.68 9.37 -45.24
N ASP A 116 32.63 8.73 -44.57
CA ASP A 116 33.98 8.48 -45.12
C ASP A 116 34.60 9.74 -45.69
N GLY A 117 34.48 10.83 -44.93
CA GLY A 117 35.15 12.06 -45.29
C GLY A 117 34.59 12.78 -46.50
N GLN A 118 33.36 12.47 -46.90
CA GLN A 118 32.72 13.10 -48.04
C GLN A 118 31.34 13.60 -47.64
N ASP A 119 30.95 14.76 -48.17
CA ASP A 119 29.64 15.34 -47.87
C ASP A 119 28.55 14.28 -47.92
N PHE A 120 27.65 14.32 -46.94
CA PHE A 120 26.58 13.33 -46.92
C PHE A 120 25.22 14.02 -46.86
N LEU A 121 25.06 14.93 -45.89
CA LEU A 121 23.85 15.72 -45.76
C LEU A 121 24.23 17.15 -45.40
N ILE A 122 23.56 18.12 -46.03
CA ILE A 122 23.85 19.52 -45.78
C ILE A 122 22.54 20.25 -45.48
N PHE A 123 22.49 20.92 -44.32
CA PHE A 123 21.29 21.65 -43.94
C PHE A 123 21.23 23.01 -44.62
N ASN A 124 20.05 23.37 -45.10
CA ASN A 124 19.75 24.71 -45.58
C ASN A 124 18.68 25.30 -44.67
N LYS A 125 19.09 26.27 -43.83
CA LYS A 125 18.22 26.82 -42.78
C LYS A 125 17.33 27.95 -43.28
N ASP A 126 17.39 28.28 -44.56
CA ASP A 126 16.47 29.24 -45.15
C ASP A 126 15.32 28.57 -45.88
N THR A 127 15.59 27.45 -46.55
CA THR A 127 14.53 26.63 -47.12
C THR A 127 14.05 25.54 -46.17
N LEU A 128 14.70 25.39 -45.02
CA LEU A 128 14.39 24.35 -44.03
C LEU A 128 14.30 22.98 -44.69
N SER A 129 15.45 22.53 -45.18
CA SER A 129 15.51 21.29 -45.93
C SER A 129 16.95 20.74 -45.91
N TRP A 130 17.07 19.46 -46.25
CA TRP A 130 18.35 18.78 -46.26
C TRP A 130 18.72 18.41 -47.70
N LEU A 131 19.96 18.73 -48.09
CA LEU A 131 20.51 18.31 -49.37
CA LEU A 131 20.50 18.31 -49.38
C LEU A 131 21.15 16.93 -49.21
N ALA A 132 20.70 15.96 -49.99
CA ALA A 132 21.22 14.59 -49.96
C ALA A 132 22.14 14.35 -51.15
N VAL A 133 23.30 13.71 -50.89
CA VAL A 133 24.23 13.43 -51.99
C VAL A 133 23.96 12.11 -52.72
N ASP A 134 23.31 11.15 -52.08
CA ASP A 134 23.01 9.87 -52.71
C ASP A 134 21.74 9.31 -52.07
N ASN A 135 21.37 8.09 -52.44
CA ASN A 135 20.09 7.49 -52.05
CA ASN A 135 20.08 7.61 -52.01
C ASN A 135 20.06 7.10 -50.58
N VAL A 136 21.22 6.82 -49.98
CA VAL A 136 21.22 6.55 -48.55
C VAL A 136 20.92 7.84 -47.79
N ALA A 137 21.57 8.94 -48.19
CA ALA A 137 21.27 10.24 -47.59
C ALA A 137 19.81 10.63 -47.84
N HIS A 138 19.26 10.27 -49.00
CA HIS A 138 17.89 10.66 -49.33
C HIS A 138 16.88 10.01 -48.38
N THR A 139 17.11 8.72 -48.05
CA THR A 139 16.30 8.06 -47.03
C THR A 139 16.38 8.78 -45.69
N ILE A 140 17.59 9.14 -45.25
CA ILE A 140 17.73 9.88 -44.00
C ILE A 140 17.05 11.25 -44.12
N LYS A 141 17.23 11.91 -45.27
CA LYS A 141 16.63 13.22 -45.48
C LYS A 141 15.11 13.16 -45.32
N GLN A 142 14.46 12.11 -45.85
CA GLN A 142 13.01 12.01 -45.74
CA GLN A 142 13.00 12.01 -45.73
C GLN A 142 12.58 11.92 -44.28
N ALA A 143 13.31 11.14 -43.47
CA ALA A 143 12.94 11.00 -42.07
C ALA A 143 13.18 12.27 -41.28
N TRP A 144 14.28 12.98 -41.56
CA TRP A 144 14.54 14.22 -40.82
C TRP A 144 13.57 15.32 -41.21
N GLU A 145 13.22 15.41 -42.49
CA GLU A 145 12.30 16.46 -42.91
C GLU A 145 10.84 16.17 -42.52
N ALA A 146 10.50 14.95 -42.13
CA ALA A 146 9.14 14.69 -41.69
C ALA A 146 8.87 15.32 -40.32
N ASN A 147 9.93 15.62 -39.57
CA ASN A 147 9.83 16.22 -38.26
C ASN A 147 10.15 17.70 -38.41
N GLN A 148 9.16 18.45 -38.88
CA GLN A 148 9.38 19.85 -39.18
C GLN A 148 9.86 20.63 -37.97
N HIS A 149 9.43 20.26 -36.76
CA HIS A 149 9.85 21.03 -35.58
C HIS A 149 11.34 20.94 -35.34
N GLU A 150 11.94 19.79 -35.62
CA GLU A 150 13.38 19.65 -35.43
CA GLU A 150 13.38 19.63 -35.44
C GLU A 150 14.14 20.56 -36.38
N LEU A 151 13.63 20.74 -37.60
CA LEU A 151 14.26 21.71 -38.51
C LEU A 151 14.17 23.12 -37.95
N LEU A 152 12.97 23.51 -37.50
CA LEU A 152 12.79 24.83 -36.91
C LEU A 152 13.71 25.02 -35.72
N TYR A 153 13.90 23.97 -34.93
CA TYR A 153 14.80 24.07 -33.79
C TYR A 153 16.23 24.36 -34.23
N GLN A 154 16.71 23.66 -35.27
N GLN A 154 16.69 23.66 -35.28
CA GLN A 154 18.07 23.88 -35.74
CA GLN A 154 18.06 23.87 -35.77
C GLN A 154 18.23 25.31 -36.27
C GLN A 154 18.25 25.27 -36.32
N LYS A 155 17.23 25.81 -37.00
CA LYS A 155 17.29 27.18 -37.48
C LYS A 155 17.46 28.15 -36.32
N ASN A 156 16.67 27.98 -35.25
CA ASN A 156 16.77 28.87 -34.10
C ASN A 156 18.13 28.75 -33.43
N TRP A 157 18.63 27.53 -33.29
CA TRP A 157 19.91 27.36 -32.62
C TRP A 157 21.05 27.97 -33.43
N LEU A 158 21.01 27.82 -34.76
CA LEU A 158 22.09 28.34 -35.61
CA LEU A 158 22.08 28.35 -35.62
C LEU A 158 22.05 29.87 -35.67
N GLU A 159 20.87 30.46 -35.79
CA GLU A 159 20.77 31.90 -35.96
C GLU A 159 20.84 32.67 -34.64
N GLU A 160 20.37 32.11 -33.53
CA GLU A 160 20.32 32.83 -32.25
C GLU A 160 21.24 32.27 -31.18
N GLU A 161 21.15 30.97 -30.87
CA GLU A 161 21.91 30.42 -29.74
C GLU A 161 23.40 30.38 -30.06
N CYS A 162 23.75 29.89 -31.24
CA CYS A 162 25.16 29.78 -31.60
C CYS A 162 25.84 31.15 -31.59
N ILE A 163 25.17 32.16 -32.15
CA ILE A 163 25.72 33.51 -32.17
C ILE A 163 25.91 34.04 -30.75
N ALA A 164 24.97 33.70 -29.85
CA ALA A 164 25.09 34.16 -28.46
C ALA A 164 26.21 33.43 -27.73
N TRP A 165 26.38 32.12 -27.99
CA TRP A 165 27.53 31.42 -27.43
C TRP A 165 28.85 32.03 -27.93
N LEU A 166 28.93 32.28 -29.23
CA LEU A 166 30.14 32.86 -29.83
C LEU A 166 30.51 34.18 -29.15
N LYS A 167 29.52 35.07 -28.97
CA LYS A 167 29.85 36.35 -28.34
C LYS A 167 30.32 36.15 -26.91
N ARG A 168 29.70 35.22 -26.19
CA ARG A 168 30.12 34.95 -24.83
C ARG A 168 31.55 34.42 -24.79
N PHE A 169 31.88 33.48 -25.68
CA PHE A 169 33.26 32.96 -25.69
C PHE A 169 34.25 34.00 -26.23
N LEU A 170 33.83 34.85 -27.17
CA LEU A 170 34.71 35.90 -27.67
CA LEU A 170 34.73 35.89 -27.67
C LEU A 170 35.14 36.82 -26.55
N GLU A 171 34.22 37.13 -25.63
CA GLU A 171 34.56 37.96 -24.46
C GLU A 171 35.51 37.20 -23.53
N TYR A 172 35.22 35.93 -23.25
CA TYR A 172 36.09 35.15 -22.38
C TYR A 172 37.54 35.17 -22.88
N GLY A 173 37.74 34.88 -24.16
CA GLY A 173 39.09 34.83 -24.69
C GLY A 173 39.55 36.04 -25.48
N LYS A 174 39.07 37.23 -25.10
CA LYS A 174 39.31 38.40 -25.94
C LYS A 174 40.79 38.75 -26.00
N ASP A 175 41.53 38.58 -24.90
CA ASP A 175 42.96 38.84 -24.93
C ASP A 175 43.68 37.97 -25.95
N THR A 176 43.11 36.82 -26.30
CA THR A 176 43.69 35.97 -27.31
C THR A 176 43.11 36.27 -28.69
N LEU A 177 41.79 36.24 -28.79
CA LEU A 177 41.11 36.21 -30.07
C LEU A 177 41.08 37.57 -30.74
N GLN A 178 41.11 38.64 -29.96
CA GLN A 178 40.90 39.98 -30.52
C GLN A 178 42.20 40.77 -30.66
N ARG A 179 43.36 40.14 -30.39
CA ARG A 179 44.64 40.82 -30.48
C ARG A 179 45.17 40.80 -31.91
N THR A 180 46.17 41.63 -32.18
CA THR A 180 46.82 41.69 -33.48
C THR A 180 48.33 41.61 -33.28
N GLU A 181 48.95 40.61 -33.90
CA GLU A 181 50.41 40.53 -33.97
C GLU A 181 50.82 40.69 -35.43
N PRO A 182 51.40 41.83 -35.82
CA PRO A 182 51.70 42.05 -37.23
C PRO A 182 52.74 41.07 -37.75
N PRO A 183 52.69 40.72 -39.03
CA PRO A 183 53.73 39.85 -39.60
C PRO A 183 55.10 40.51 -39.73
N LEU A 184 56.14 39.69 -39.60
CA LEU A 184 57.49 40.04 -40.02
C LEU A 184 57.70 39.49 -41.43
N VAL A 185 57.99 40.36 -42.39
CA VAL A 185 57.99 39.98 -43.81
C VAL A 185 59.35 40.27 -44.43
N ARG A 186 59.84 39.32 -45.22
CA ARG A 186 61.11 39.43 -45.90
C ARG A 186 60.99 38.78 -47.27
N VAL A 187 61.96 39.09 -48.14
CA VAL A 187 62.08 38.46 -49.45
C VAL A 187 63.44 37.78 -49.54
N ASN A 188 63.43 36.49 -49.87
CA ASN A 188 64.62 35.69 -50.08
C ASN A 188 64.67 35.22 -51.53
N ARG A 189 65.88 34.84 -51.95
CA ARG A 189 66.14 34.35 -53.30
C ARG A 189 66.49 32.88 -53.22
N LYS A 190 65.91 32.07 -54.10
CA LYS A 190 66.16 30.63 -54.09
C LYS A 190 66.43 30.07 -55.48
N THR A 197 65.47 30.16 -60.81
CA THR A 197 65.47 30.77 -59.48
C THR A 197 64.16 31.51 -59.19
N ALA A 198 63.85 31.75 -57.92
CA ALA A 198 62.55 32.29 -57.59
C ALA A 198 62.64 33.24 -56.41
N LEU A 199 61.76 34.23 -56.38
CA LEU A 199 61.61 35.11 -55.23
C LEU A 199 60.62 34.49 -54.25
N PHE A 200 61.02 34.36 -53.00
CA PHE A 200 60.15 33.90 -51.93
C PHE A 200 59.84 35.06 -50.99
N CYS A 201 58.56 35.30 -50.79
CA CYS A 201 58.08 36.28 -49.83
C CYS A 201 57.60 35.51 -48.60
N LYS A 202 58.23 35.76 -47.45
CA LYS A 202 57.97 34.99 -46.24
C LYS A 202 57.48 35.89 -45.12
N ALA A 203 56.34 35.53 -44.53
CA ALA A 203 55.80 36.20 -43.35
C ALA A 203 55.85 35.25 -42.16
N HIS A 204 56.09 35.79 -40.98
CA HIS A 204 55.99 34.98 -39.77
C HIS A 204 55.65 35.85 -38.57
N GLY A 205 55.33 35.19 -37.46
CA GLY A 205 55.04 35.91 -36.23
C GLY A 205 53.70 36.59 -36.18
N PHE A 206 52.74 36.24 -37.03
CA PHE A 206 51.51 37.02 -37.10
C PHE A 206 50.32 36.29 -36.48
N TYR A 207 49.36 37.09 -35.98
CA TYR A 207 48.10 36.66 -35.42
C TYR A 207 47.13 37.80 -35.71
N PRO A 208 45.91 37.52 -36.21
CA PRO A 208 45.29 36.22 -36.49
C PRO A 208 45.87 35.51 -37.70
N PRO A 209 45.46 34.26 -37.97
CA PRO A 209 46.05 33.51 -39.10
C PRO A 209 45.66 34.04 -40.48
N GLU A 210 44.50 34.68 -40.62
CA GLU A 210 44.07 35.21 -41.92
C GLU A 210 45.10 36.23 -42.44
N ILE A 211 45.65 35.97 -43.62
CA ILE A 211 46.64 36.84 -44.25
C ILE A 211 46.58 36.63 -45.77
N TYR A 212 46.79 37.71 -46.52
CA TYR A 212 46.82 37.65 -47.98
C TYR A 212 48.20 38.10 -48.45
N MET A 213 48.86 37.23 -49.20
CA MET A 213 50.17 37.47 -49.77
C MET A 213 50.07 37.21 -51.26
N THR A 214 50.69 38.08 -52.06
CA THR A 214 50.69 37.90 -53.51
C THR A 214 51.89 38.65 -54.09
N TRP A 215 52.24 38.29 -55.32
CA TRP A 215 53.31 38.94 -56.07
C TRP A 215 52.72 39.74 -57.21
N MET A 216 53.19 40.97 -57.36
CA MET A 216 52.87 41.80 -58.49
C MET A 216 54.07 41.87 -59.42
N LYS A 217 53.81 42.09 -60.69
CA LYS A 217 54.85 42.30 -61.70
C LYS A 217 54.50 43.57 -62.46
N ASN A 218 55.29 44.62 -62.23
CA ASN A 218 55.11 45.94 -62.86
C ASN A 218 53.78 46.59 -62.49
N GLY A 219 53.10 46.10 -61.44
CA GLY A 219 51.83 46.64 -60.99
C GLY A 219 50.65 45.73 -61.20
N GLU A 220 50.67 44.90 -62.25
CA GLU A 220 49.58 43.96 -62.49
C GLU A 220 49.84 42.65 -61.74
N GLU A 221 48.75 41.98 -61.37
CA GLU A 221 48.87 40.72 -60.65
C GLU A 221 49.10 39.58 -61.62
N ILE A 222 49.53 38.44 -61.09
CA ILE A 222 49.96 37.31 -61.90
C ILE A 222 49.50 36.00 -61.26
N VAL A 223 48.18 35.78 -61.20
CA VAL A 223 47.62 34.73 -60.35
C VAL A 223 48.09 33.35 -60.79
N GLN A 224 48.09 33.09 -62.10
CA GLN A 224 48.48 31.78 -62.62
C GLN A 224 49.97 31.49 -62.47
N GLU A 225 50.78 32.48 -62.11
CA GLU A 225 52.22 32.31 -62.00
C GLU A 225 52.72 32.19 -60.56
N ILE A 226 51.86 32.45 -59.56
CA ILE A 226 52.28 32.50 -58.17
C ILE A 226 52.08 31.14 -57.53
N ASP A 227 53.05 30.73 -56.71
CA ASP A 227 52.94 29.54 -55.90
C ASP A 227 52.66 29.96 -54.45
N TYR A 228 51.51 29.55 -53.92
CA TYR A 228 51.07 29.96 -52.59
C TYR A 228 51.33 28.83 -51.60
N GLY A 229 52.13 29.13 -50.57
CA GLY A 229 52.24 28.22 -49.45
C GLY A 229 51.12 28.41 -48.44
N ASP A 230 50.96 27.41 -47.57
CA ASP A 230 49.87 27.40 -46.60
C ASP A 230 50.19 28.26 -45.39
N ILE A 231 49.13 28.71 -44.72
CA ILE A 231 49.28 29.38 -43.44
C ILE A 231 49.49 28.29 -42.38
N LEU A 232 50.61 28.36 -41.66
CA LEU A 232 51.04 27.26 -40.81
C LEU A 232 51.27 27.73 -39.38
N PRO A 233 50.84 26.93 -38.40
CA PRO A 233 51.07 27.27 -36.99
C PRO A 233 52.54 27.17 -36.64
N SER A 234 53.06 28.22 -36.01
CA SER A 234 54.45 28.19 -35.55
C SER A 234 54.62 27.40 -34.25
N GLY A 235 53.55 27.21 -33.48
CA GLY A 235 53.61 26.48 -32.24
C GLY A 235 53.56 27.35 -31.01
N ASP A 236 53.62 28.68 -31.17
CA ASP A 236 53.61 29.62 -30.06
C ASP A 236 52.40 30.55 -30.10
N GLY A 237 51.37 30.18 -30.86
CA GLY A 237 50.22 31.04 -31.02
C GLY A 237 50.23 31.94 -32.24
N THR A 238 51.37 32.06 -32.95
CA THR A 238 51.44 32.82 -34.18
C THR A 238 51.62 31.89 -35.39
N TYR A 239 51.59 32.49 -36.58
CA TYR A 239 51.55 31.74 -37.82
C TYR A 239 52.59 32.25 -38.82
N GLN A 240 52.86 31.45 -39.84
CA GLN A 240 53.81 31.81 -40.88
C GLN A 240 53.27 31.35 -42.23
N ALA A 241 53.74 32.00 -43.27
CA ALA A 241 53.25 31.71 -44.62
C ALA A 241 54.26 32.23 -45.63
N TRP A 242 54.08 31.84 -46.88
CA TRP A 242 54.97 32.29 -47.94
C TRP A 242 54.27 32.22 -49.28
N ALA A 243 54.91 32.82 -50.29
CA ALA A 243 54.46 32.77 -51.67
C ALA A 243 55.66 33.05 -52.58
N SER A 244 55.85 32.21 -53.60
CA SER A 244 56.99 32.35 -54.49
C SER A 244 56.54 32.68 -55.90
N ILE A 245 57.46 33.27 -56.66
CA ILE A 245 57.23 33.60 -58.07
C ILE A 245 58.51 33.27 -58.83
N GLU A 246 58.35 32.71 -60.03
CA GLU A 246 59.48 32.26 -60.83
C GLU A 246 60.01 33.41 -61.69
N LEU A 247 61.32 33.65 -61.58
CA LEU A 247 61.96 34.81 -62.21
C LEU A 247 62.23 34.61 -63.69
N ASP A 248 61.94 35.65 -64.49
CA ASP A 248 62.26 35.64 -65.91
C ASP A 248 63.71 36.08 -66.12
N PRO A 249 64.56 35.25 -66.71
CA PRO A 249 65.96 35.63 -66.95
C PRO A 249 66.23 36.44 -68.22
N GLN A 250 65.22 36.70 -69.06
CA GLN A 250 65.43 37.34 -70.35
C GLN A 250 64.98 38.81 -70.39
N SER A 251 64.23 39.28 -69.39
CA SER A 251 63.78 40.66 -69.33
C SER A 251 63.64 41.05 -67.87
N SER A 252 64.14 42.23 -67.50
CA SER A 252 63.99 42.70 -66.13
C SER A 252 62.53 43.09 -65.87
N ASN A 253 62.09 42.85 -64.65
CA ASN A 253 60.77 43.28 -64.23
C ASN A 253 60.87 43.76 -62.79
N LEU A 254 60.06 44.75 -62.46
CA LEU A 254 59.87 45.16 -61.07
C LEU A 254 58.90 44.17 -60.41
N TYR A 255 59.41 43.35 -59.50
CA TYR A 255 58.58 42.47 -58.68
C TYR A 255 58.43 43.06 -57.29
N SER A 256 57.21 42.95 -56.75
CA SER A 256 56.89 43.44 -55.42
C SER A 256 55.99 42.45 -54.71
N CYS A 257 56.30 42.19 -53.44
CA CYS A 257 55.43 41.37 -52.63
C CYS A 257 54.44 42.26 -51.89
N HIS A 258 53.19 41.80 -51.83
CA HIS A 258 52.07 42.51 -51.21
C HIS A 258 51.48 41.63 -50.14
N VAL A 259 51.42 42.14 -48.92
CA VAL A 259 50.88 41.42 -47.78
C VAL A 259 49.78 42.27 -47.18
N GLU A 260 48.62 41.65 -46.93
CA GLU A 260 47.55 42.31 -46.19
C GLU A 260 47.22 41.50 -44.95
N HIS A 261 47.15 42.19 -43.82
CA HIS A 261 46.85 41.54 -42.54
C HIS A 261 46.16 42.55 -41.63
N SER A 262 44.98 42.18 -41.13
CA SER A 262 44.23 42.93 -40.10
C SER A 262 44.11 44.42 -40.43
N GLY A 263 43.74 44.71 -41.68
CA GLY A 263 43.54 46.09 -42.09
C GLY A 263 44.78 46.87 -42.50
N VAL A 264 45.95 46.26 -42.58
CA VAL A 264 47.19 46.98 -42.95
C VAL A 264 47.81 46.31 -44.16
N HIS A 265 48.18 47.12 -45.15
CA HIS A 265 48.79 46.63 -46.39
CA HIS A 265 48.79 46.61 -46.38
C HIS A 265 50.28 46.95 -46.39
N MET A 266 51.08 46.00 -46.84
CA MET A 266 52.53 46.17 -46.92
CA MET A 266 52.53 46.21 -46.95
C MET A 266 53.01 45.87 -48.35
N VAL A 267 54.09 46.54 -48.76
CA VAL A 267 54.72 46.30 -50.05
C VAL A 267 56.23 46.20 -49.87
N LEU A 268 56.82 45.11 -50.37
CA LEU A 268 58.27 44.93 -50.39
C LEU A 268 58.71 44.91 -51.86
N GLN A 269 59.22 46.04 -52.35
CA GLN A 269 59.83 46.09 -53.68
C GLN A 269 61.15 45.34 -53.69
N VAL A 270 61.35 44.49 -54.67
CA VAL A 270 62.63 43.80 -54.80
C VAL A 270 63.50 44.61 -55.76
N PRO A 271 64.51 45.34 -55.27
CA PRO A 271 65.33 46.26 -56.08
C PRO A 271 66.14 45.56 -57.16
N ILE B 2 36.34 7.82 -49.57
CA ILE B 2 37.63 8.11 -50.21
C ILE B 2 38.71 8.18 -49.13
N GLN B 3 39.95 7.89 -49.50
CA GLN B 3 41.08 8.06 -48.61
C GLN B 3 41.96 9.18 -49.13
N ARG B 4 42.50 9.98 -48.21
CA ARG B 4 43.28 11.15 -48.54
C ARG B 4 44.63 11.05 -47.87
N THR B 5 45.68 11.12 -48.66
CA THR B 5 47.02 10.98 -48.13
C THR B 5 47.46 12.29 -47.47
N PRO B 6 48.27 12.23 -46.41
CA PRO B 6 48.61 13.44 -45.67
C PRO B 6 49.60 14.32 -46.41
N LYS B 7 49.44 15.63 -46.24
CA LYS B 7 50.42 16.60 -46.69
C LYS B 7 51.36 16.89 -45.52
N ILE B 8 52.67 16.79 -45.78
CA ILE B 8 53.70 16.86 -44.75
C ILE B 8 54.55 18.09 -45.00
N GLN B 9 54.66 18.97 -44.01
CA GLN B 9 55.50 20.16 -44.09
C GLN B 9 56.34 20.27 -42.84
N VAL B 10 57.65 20.48 -43.03
CA VAL B 10 58.63 20.55 -41.97
C VAL B 10 59.30 21.91 -42.02
N TYR B 11 59.37 22.56 -40.87
CA TYR B 11 59.80 23.95 -40.82
C TYR B 11 60.10 24.29 -39.38
N SER B 12 60.86 25.36 -39.19
CA SER B 12 61.21 25.82 -37.86
C SER B 12 60.25 26.91 -37.43
N ARG B 13 60.07 27.06 -36.11
CA ARG B 13 59.20 28.10 -35.59
C ARG B 13 59.72 29.48 -35.95
N HIS B 14 61.01 29.72 -35.74
CA HIS B 14 61.62 30.96 -36.18
C HIS B 14 62.53 30.70 -37.36
N PRO B 15 62.89 31.74 -38.11
CA PRO B 15 64.06 31.66 -38.99
C PRO B 15 65.26 31.03 -38.30
N ALA B 16 65.70 29.89 -38.82
CA ALA B 16 66.78 29.17 -38.18
C ALA B 16 68.09 29.95 -38.28
N GLU B 17 68.86 29.89 -37.20
CA GLU B 17 70.20 30.42 -37.17
C GLU B 17 71.03 29.42 -36.39
N ASN B 18 72.19 29.06 -36.92
CA ASN B 18 72.97 28.00 -36.30
C ASN B 18 73.39 28.41 -34.89
N GLY B 19 73.12 27.55 -33.92
CA GLY B 19 73.44 27.83 -32.54
C GLY B 19 72.34 28.53 -31.76
N LYS B 20 71.27 28.97 -32.42
CA LYS B 20 70.16 29.64 -31.76
C LYS B 20 69.02 28.65 -31.55
N SER B 21 68.61 28.49 -30.29
CA SER B 21 67.58 27.52 -29.96
CA SER B 21 67.56 27.54 -29.95
C SER B 21 66.31 27.82 -30.76
N ASN B 22 65.58 26.75 -31.11
CA ASN B 22 64.44 26.86 -32.00
C ASN B 22 63.51 25.69 -31.75
N PHE B 23 62.48 25.56 -32.59
CA PHE B 23 61.51 24.47 -32.53
C PHE B 23 61.33 23.89 -33.93
N LEU B 24 61.57 22.60 -34.08
CA LEU B 24 61.29 21.93 -35.34
C LEU B 24 59.83 21.49 -35.36
N ASN B 25 59.11 21.85 -36.41
CA ASN B 25 57.69 21.55 -36.54
C ASN B 25 57.47 20.60 -37.71
N CYS B 26 56.56 19.65 -37.54
CA CYS B 26 56.07 18.82 -38.64
C CYS B 26 54.55 18.91 -38.65
N TYR B 27 54.01 19.65 -39.61
CA TYR B 27 52.58 19.90 -39.72
C TYR B 27 52.03 18.94 -40.77
N VAL B 28 51.11 18.08 -40.33
CA VAL B 28 50.58 16.99 -41.13
C VAL B 28 49.09 17.25 -41.30
N SER B 29 48.63 17.43 -42.53
CA SER B 29 47.27 17.90 -42.75
C SER B 29 46.60 17.18 -43.91
N GLY B 30 45.31 17.47 -44.09
CA GLY B 30 44.54 17.02 -45.22
C GLY B 30 44.36 15.51 -45.37
N PHE B 31 44.61 14.73 -44.32
CA PHE B 31 44.48 13.29 -44.45
C PHE B 31 43.11 12.79 -43.96
N HIS B 32 42.78 11.57 -44.38
CA HIS B 32 41.57 10.87 -43.97
C HIS B 32 41.75 9.41 -44.38
N PRO B 33 41.46 8.45 -43.48
CA PRO B 33 40.92 8.59 -42.12
C PRO B 33 41.94 9.05 -41.09
N SER B 34 41.62 8.97 -39.79
CA SER B 34 42.35 9.74 -38.79
C SER B 34 43.55 9.02 -38.19
N ASP B 35 43.63 7.69 -38.28
CA ASP B 35 44.80 6.99 -37.74
C ASP B 35 46.04 7.45 -38.49
N ILE B 36 47.08 7.81 -37.75
CA ILE B 36 48.32 8.28 -38.38
C ILE B 36 49.45 8.13 -37.37
N GLU B 37 50.67 8.09 -37.88
CA GLU B 37 51.86 7.84 -37.07
C GLU B 37 52.96 8.76 -37.58
N VAL B 38 53.51 9.58 -36.69
CA VAL B 38 54.46 10.63 -37.04
C VAL B 38 55.68 10.54 -36.13
N ASP B 39 56.86 10.79 -36.69
CA ASP B 39 58.09 10.88 -35.91
C ASP B 39 58.98 11.98 -36.46
N LEU B 40 59.66 12.68 -35.54
CA LEU B 40 60.73 13.59 -35.91
C LEU B 40 62.06 12.84 -35.85
N LEU B 41 62.88 13.02 -36.88
CA LEU B 41 64.16 12.34 -36.98
C LEU B 41 65.31 13.31 -36.76
N LYS B 42 66.34 12.84 -36.08
CA LYS B 42 67.62 13.56 -35.95
C LYS B 42 68.70 12.65 -36.52
N ASN B 43 69.24 13.01 -37.67
CA ASN B 43 70.24 12.20 -38.37
C ASN B 43 69.71 10.81 -38.67
N GLY B 44 68.41 10.70 -38.94
CA GLY B 44 67.78 9.42 -39.21
C GLY B 44 67.40 8.62 -37.98
N GLU B 45 67.75 9.10 -36.78
CA GLU B 45 67.32 8.48 -35.54
C GLU B 45 66.03 9.17 -35.06
N ARG B 46 65.25 8.43 -34.28
CA ARG B 46 63.93 8.90 -33.86
C ARG B 46 64.04 9.68 -32.56
N ILE B 47 63.63 10.95 -32.59
CA ILE B 47 63.75 11.82 -31.42
C ILE B 47 62.75 11.39 -30.36
N GLU B 48 63.19 11.39 -29.10
CA GLU B 48 62.39 10.81 -28.02
C GLU B 48 61.35 11.79 -27.49
N LYS B 49 61.79 12.93 -26.96
CA LYS B 49 60.89 13.92 -26.38
C LYS B 49 60.29 14.77 -27.49
N VAL B 50 59.16 14.32 -28.03
CA VAL B 50 58.47 15.00 -29.13
C VAL B 50 57.02 15.21 -28.73
N GLU B 51 56.57 16.46 -28.73
CA GLU B 51 55.20 16.83 -28.38
C GLU B 51 54.30 16.89 -29.62
N HIS B 52 52.99 16.85 -29.40
CA HIS B 52 52.08 17.09 -30.51
C HIS B 52 50.73 17.60 -30.01
N SER B 53 50.06 18.37 -30.85
CA SER B 53 48.74 18.85 -30.56
C SER B 53 47.72 17.70 -30.63
N ASP B 54 46.53 17.93 -30.11
CA ASP B 54 45.45 16.98 -30.33
C ASP B 54 45.03 16.99 -31.79
N LEU B 55 44.59 15.83 -32.27
CA LEU B 55 43.94 15.71 -33.57
C LEU B 55 42.94 16.84 -33.79
N SER B 56 43.01 17.46 -34.95
CA SER B 56 42.20 18.63 -35.26
C SER B 56 41.37 18.35 -36.49
N PHE B 57 40.27 19.09 -36.63
CA PHE B 57 39.29 18.83 -37.68
C PHE B 57 39.19 20.01 -38.63
N SER B 58 39.13 19.72 -39.93
CA SER B 58 38.97 20.77 -40.93
C SER B 58 37.56 20.75 -41.51
N LYS B 59 37.14 21.91 -42.02
CA LYS B 59 35.82 22.05 -42.65
C LYS B 59 35.62 21.07 -43.80
N ASP B 60 36.68 20.66 -44.49
CA ASP B 60 36.53 19.72 -45.59
C ASP B 60 36.58 18.27 -45.13
N TRP B 61 36.50 18.05 -43.83
CA TRP B 61 36.37 16.77 -43.16
C TRP B 61 37.68 16.04 -43.03
N SER B 62 38.79 16.56 -43.56
CA SER B 62 40.09 15.96 -43.31
C SER B 62 40.60 16.42 -41.94
N PHE B 63 41.72 15.86 -41.52
CA PHE B 63 42.29 16.09 -40.20
C PHE B 63 43.66 16.75 -40.31
N TYR B 64 44.14 17.31 -39.20
CA TYR B 64 45.50 17.82 -39.16
C TYR B 64 46.06 17.76 -37.75
N LEU B 65 47.39 17.71 -37.69
CA LEU B 65 48.18 17.58 -36.49
C LEU B 65 49.47 18.40 -36.60
N LEU B 66 50.00 18.86 -35.47
CA LEU B 66 51.30 19.51 -35.41
C LEU B 66 52.18 18.74 -34.43
N TYR B 67 53.23 18.10 -34.94
CA TYR B 67 54.28 17.50 -34.12
C TYR B 67 55.47 18.46 -34.05
N TYR B 68 56.06 18.56 -32.86
CA TYR B 68 57.16 19.51 -32.69
C TYR B 68 58.11 19.03 -31.62
N THR B 69 59.30 19.64 -31.63
CA THR B 69 60.31 19.39 -30.62
C THR B 69 61.21 20.61 -30.55
N GLU B 70 61.71 20.88 -29.35
CA GLU B 70 62.70 21.92 -29.18
C GLU B 70 64.06 21.40 -29.60
N PHE B 71 64.84 22.25 -30.25
CA PHE B 71 66.16 21.85 -30.72
C PHE B 71 67.00 23.10 -30.97
N THR B 72 68.29 22.87 -31.15
CA THR B 72 69.20 23.90 -31.62
C THR B 72 69.79 23.44 -32.94
N PRO B 73 69.53 24.13 -34.05
CA PRO B 73 70.08 23.67 -35.34
C PRO B 73 71.57 23.97 -35.45
N THR B 74 72.33 22.95 -35.83
CA THR B 74 73.75 23.06 -36.15
C THR B 74 73.95 22.81 -37.64
N GLU B 75 75.16 23.13 -38.12
CA GLU B 75 75.45 23.00 -39.54
C GLU B 75 75.33 21.57 -40.04
N LYS B 76 75.66 20.58 -39.19
CA LYS B 76 75.81 19.20 -39.63
C LYS B 76 74.53 18.38 -39.49
N ASP B 77 73.80 18.52 -38.38
CA ASP B 77 72.70 17.60 -38.09
C ASP B 77 71.56 17.77 -39.08
N GLU B 78 71.17 16.67 -39.73
CA GLU B 78 70.04 16.66 -40.64
C GLU B 78 68.76 16.23 -39.91
N TYR B 79 67.64 16.88 -40.24
CA TYR B 79 66.40 16.70 -39.51
C TYR B 79 65.27 16.30 -40.46
N ALA B 80 64.39 15.41 -40.00
CA ALA B 80 63.34 14.90 -40.88
C ALA B 80 62.06 14.65 -40.10
N CYS B 81 60.97 14.49 -40.86
CA CYS B 81 59.69 14.02 -40.33
C CYS B 81 59.29 12.75 -41.08
N ARG B 82 58.81 11.77 -40.33
CA ARG B 82 58.44 10.46 -40.89
C ARG B 82 56.98 10.18 -40.56
N VAL B 83 56.19 9.90 -41.59
CA VAL B 83 54.73 9.75 -41.47
C VAL B 83 54.32 8.41 -42.06
N ASN B 84 53.47 7.68 -41.33
CA ASN B 84 52.81 6.50 -41.88
C ASN B 84 51.31 6.66 -41.77
N HIS B 85 50.61 6.18 -42.79
CA HIS B 85 49.17 6.35 -42.94
C HIS B 85 48.66 5.21 -43.80
N VAL B 86 47.34 4.99 -43.75
CA VAL B 86 46.80 3.87 -44.51
C VAL B 86 46.98 4.07 -46.01
N THR B 87 47.09 5.33 -46.45
CA THR B 87 47.25 5.67 -47.85
C THR B 87 48.67 5.48 -48.36
N LEU B 88 49.62 5.13 -47.50
CA LEU B 88 51.03 5.08 -47.86
C LEU B 88 51.51 3.63 -47.83
N SER B 89 52.16 3.21 -48.93
CA SER B 89 52.70 1.85 -49.01
C SER B 89 53.77 1.62 -47.98
N GLN B 90 54.56 2.66 -47.69
CA GLN B 90 55.64 2.60 -46.71
C GLN B 90 55.77 3.99 -46.11
N PRO B 91 56.42 4.11 -44.95
CA PRO B 91 56.60 5.45 -44.36
C PRO B 91 57.16 6.43 -45.39
N LYS B 92 56.73 7.69 -45.26
CA LYS B 92 57.16 8.78 -46.13
C LYS B 92 57.98 9.75 -45.29
N ILE B 93 59.25 9.93 -45.67
CA ILE B 93 60.18 10.79 -44.94
C ILE B 93 60.30 12.12 -45.66
N VAL B 94 60.17 13.20 -44.91
CA VAL B 94 60.34 14.57 -45.43
C VAL B 94 61.41 15.25 -44.61
N LYS B 95 62.50 15.67 -45.26
CA LYS B 95 63.63 16.29 -44.59
C LYS B 95 63.41 17.80 -44.44
N TRP B 96 64.04 18.37 -43.41
CA TRP B 96 63.95 19.80 -43.13
C TRP B 96 64.90 20.54 -44.08
N ASP B 97 64.35 21.12 -45.16
CA ASP B 97 65.12 21.93 -46.09
C ASP B 97 65.09 23.37 -45.60
N ARG B 98 66.27 23.92 -45.29
CA ARG B 98 66.36 25.21 -44.64
C ARG B 98 66.92 26.29 -45.58
N MET C 1 -17.80 -15.96 -10.89
CA MET C 1 -18.70 -16.21 -9.77
C MET C 1 -19.54 -14.97 -9.50
N ARG C 2 -20.84 -15.15 -9.28
CA ARG C 2 -21.72 -14.01 -9.08
C ARG C 2 -21.73 -13.65 -7.61
N THR C 3 -22.47 -12.60 -7.26
CA THR C 3 -22.58 -12.20 -5.87
CA THR C 3 -22.57 -12.21 -5.87
C THR C 3 -23.33 -13.26 -5.06
N HIS C 4 -22.83 -13.55 -3.86
CA HIS C 4 -23.49 -14.46 -2.94
C HIS C 4 -23.46 -13.86 -1.54
N SER C 5 -24.29 -14.39 -0.64
CA SER C 5 -24.34 -13.86 0.71
C SER C 5 -24.67 -14.96 1.71
N LEU C 6 -24.27 -14.71 2.95
CA LEU C 6 -24.52 -15.59 4.09
C LEU C 6 -25.07 -14.70 5.20
N ARG C 7 -26.20 -15.09 5.79
CA ARG C 7 -26.87 -14.29 6.81
CA ARG C 7 -26.73 -14.30 6.89
C ARG C 7 -27.46 -15.21 7.87
N TYR C 8 -27.42 -14.80 9.13
CA TYR C 8 -28.07 -15.48 10.24
C TYR C 8 -29.04 -14.51 10.88
N PHE C 9 -30.29 -14.95 11.06
CA PHE C 9 -31.33 -14.18 11.72
C PHE C 9 -31.67 -14.79 13.08
N ARG C 10 -32.10 -13.91 13.99
CA ARG C 10 -32.66 -14.31 15.28
C ARG C 10 -33.98 -13.58 15.46
N LEU C 11 -34.95 -14.28 16.05
CA LEU C 11 -36.23 -13.71 16.39
C LEU C 11 -36.53 -14.12 17.83
N GLY C 12 -36.74 -13.13 18.69
CA GLY C 12 -37.10 -13.34 20.06
C GLY C 12 -38.48 -12.77 20.33
N VAL C 13 -39.36 -13.55 20.96
CA VAL C 13 -40.72 -13.11 21.26
C VAL C 13 -40.91 -13.24 22.76
N SER C 14 -41.31 -12.14 23.39
CA SER C 14 -41.61 -12.18 24.81
C SER C 14 -43.06 -12.55 25.01
N ASP C 15 -43.31 -13.35 26.04
CA ASP C 15 -44.67 -13.78 26.38
C ASP C 15 -45.36 -14.35 25.14
N PRO C 16 -44.77 -15.36 24.49
CA PRO C 16 -45.35 -15.85 23.23
C PRO C 16 -46.70 -16.52 23.46
N ILE C 17 -47.62 -16.26 22.54
CA ILE C 17 -48.90 -16.95 22.43
C ILE C 17 -48.58 -18.42 22.27
N HIS C 18 -49.56 -19.28 22.54
CA HIS C 18 -49.37 -20.69 22.30
C HIS C 18 -49.05 -20.95 20.83
N GLY C 19 -48.10 -21.86 20.59
CA GLY C 19 -47.72 -22.23 19.23
C GLY C 19 -46.61 -21.39 18.60
N VAL C 20 -46.15 -20.33 19.25
CA VAL C 20 -45.12 -19.47 18.68
C VAL C 20 -43.85 -19.60 19.52
N PRO C 21 -42.75 -20.10 18.96
CA PRO C 21 -41.51 -20.25 19.76
C PRO C 21 -41.03 -18.95 20.37
N GLU C 22 -40.45 -19.06 21.56
CA GLU C 22 -39.84 -17.90 22.18
C GLU C 22 -38.59 -17.42 21.43
N PHE C 23 -37.90 -18.33 20.73
CA PHE C 23 -36.67 -17.99 20.02
C PHE C 23 -36.55 -18.85 18.77
N ILE C 24 -36.23 -18.21 17.65
CA ILE C 24 -35.90 -18.87 16.39
C ILE C 24 -34.61 -18.28 15.85
N SER C 25 -33.76 -19.13 15.29
CA SER C 25 -32.62 -18.64 14.54
C SER C 25 -32.47 -19.47 13.27
N VAL C 26 -32.23 -18.79 12.14
CA VAL C 26 -32.16 -19.43 10.84
C VAL C 26 -30.99 -18.84 10.08
N GLY C 27 -30.28 -19.70 9.35
CA GLY C 27 -29.20 -19.29 8.47
C GLY C 27 -29.59 -19.48 7.01
N TYR C 28 -29.16 -18.54 6.17
CA TYR C 28 -29.40 -18.55 4.73
C TYR C 28 -28.09 -18.32 3.97
N VAL C 29 -27.92 -19.04 2.86
CA VAL C 29 -26.98 -18.66 1.81
C VAL C 29 -27.83 -18.25 0.62
N ASP C 30 -27.62 -17.02 0.15
CA ASP C 30 -28.51 -16.36 -0.82
C ASP C 30 -29.94 -16.49 -0.28
N SER C 31 -30.90 -16.95 -1.07
CA SER C 31 -32.26 -17.12 -0.58
C SER C 31 -32.54 -18.54 -0.06
N HIS C 32 -31.51 -19.35 0.12
CA HIS C 32 -31.70 -20.74 0.53
C HIS C 32 -31.52 -20.86 2.03
N PRO C 33 -32.53 -21.33 2.76
CA PRO C 33 -32.31 -21.69 4.17
C PRO C 33 -31.28 -22.81 4.25
N ILE C 34 -30.40 -22.74 5.25
CA ILE C 34 -29.40 -23.78 5.37
C ILE C 34 -29.43 -24.44 6.74
N THR C 35 -29.81 -23.69 7.78
CA THR C 35 -29.84 -24.21 9.13
C THR C 35 -30.96 -23.56 9.92
N THR C 36 -31.45 -24.29 10.92
CA THR C 36 -32.51 -23.77 11.77
C THR C 36 -32.33 -24.26 13.19
N TYR C 37 -32.79 -23.43 14.14
CA TYR C 37 -32.83 -23.73 15.55
C TYR C 37 -34.01 -22.99 16.15
N ASP C 38 -34.70 -23.62 17.09
CA ASP C 38 -35.67 -22.85 17.86
C ASP C 38 -35.78 -23.39 19.28
N SER C 39 -36.49 -22.63 20.11
CA SER C 39 -36.59 -22.93 21.54
C SER C 39 -37.49 -24.11 21.83
N VAL C 40 -38.21 -24.62 20.84
CA VAL C 40 -39.05 -25.80 21.01
C VAL C 40 -38.25 -27.08 20.78
N THR C 41 -37.58 -27.21 19.63
CA THR C 41 -36.72 -28.37 19.41
C THR C 41 -35.44 -28.30 20.24
N ARG C 42 -34.92 -27.10 20.45
CA ARG C 42 -33.63 -26.89 21.11
C ARG C 42 -32.50 -27.65 20.40
N GLN C 43 -32.65 -27.85 19.09
CA GLN C 43 -31.72 -28.62 18.27
C GLN C 43 -31.40 -27.86 16.99
N LYS C 44 -30.14 -27.83 16.61
CA LYS C 44 -29.76 -27.30 15.31
C LYS C 44 -29.95 -28.36 14.24
N GLU C 45 -30.68 -28.00 13.19
CA GLU C 45 -31.04 -28.93 12.12
C GLU C 45 -30.63 -28.36 10.77
N PRO C 46 -30.18 -29.19 9.85
CA PRO C 46 -29.96 -28.73 8.48
C PRO C 46 -31.28 -28.39 7.80
N ARG C 47 -31.21 -27.43 6.88
CA ARG C 47 -32.34 -27.11 6.03
C ARG C 47 -32.02 -27.29 4.57
N ALA C 48 -30.82 -27.81 4.25
CA ALA C 48 -30.42 -28.08 2.88
C ALA C 48 -29.68 -29.42 2.89
N PRO C 49 -29.99 -30.31 1.95
CA PRO C 49 -29.29 -31.61 1.94
C PRO C 49 -27.78 -31.49 1.81
N TRP C 50 -27.29 -30.54 1.02
CA TRP C 50 -25.84 -30.38 0.89
C TRP C 50 -25.18 -29.87 2.17
N MET C 51 -25.91 -29.21 3.07
CA MET C 51 -25.39 -28.92 4.41
C MET C 51 -25.29 -30.20 5.25
N ALA C 52 -26.34 -31.01 5.25
CA ALA C 52 -26.37 -32.24 6.04
C ALA C 52 -25.27 -33.21 5.63
N GLU C 53 -25.08 -33.40 4.32
CA GLU C 53 -24.08 -34.34 3.84
C GLU C 53 -22.64 -33.91 4.13
N ASN C 54 -22.39 -32.63 4.37
CA ASN C 54 -21.01 -32.16 4.40
C ASN C 54 -20.51 -31.70 5.76
N LEU C 55 -21.38 -31.59 6.77
CA LEU C 55 -20.95 -31.24 8.11
C LEU C 55 -21.19 -32.41 9.05
N ALA C 56 -20.14 -32.83 9.76
CA ALA C 56 -20.20 -33.99 10.63
C ALA C 56 -21.03 -33.68 11.89
N PRO C 57 -21.53 -34.72 12.58
CA PRO C 57 -22.42 -34.46 13.73
C PRO C 57 -21.82 -33.57 14.79
N ASP C 58 -20.49 -33.61 14.97
CA ASP C 58 -19.82 -32.70 15.89
C ASP C 58 -20.20 -31.24 15.63
N HIS C 59 -20.36 -30.87 14.36
CA HIS C 59 -20.70 -29.49 14.03
C HIS C 59 -22.08 -29.12 14.57
N TRP C 60 -23.09 -29.95 14.26
CA TRP C 60 -24.43 -29.73 14.76
C TRP C 60 -24.48 -29.76 16.28
N GLU C 61 -23.76 -30.71 16.90
CA GLU C 61 -23.71 -30.79 18.35
C GLU C 61 -23.14 -29.51 18.95
N ARG C 62 -22.03 -29.01 18.40
CA ARG C 62 -21.39 -27.82 18.97
C ARG C 62 -22.30 -26.59 18.85
N TYR C 63 -22.86 -26.37 17.67
CA TYR C 63 -23.66 -25.16 17.52
C TYR C 63 -25.02 -25.26 18.21
N THR C 64 -25.51 -26.48 18.49
CA THR C 64 -26.68 -26.59 19.36
C THR C 64 -26.39 -25.99 20.73
N GLN C 65 -25.22 -26.30 21.30
CA GLN C 65 -24.87 -25.72 22.60
C GLN C 65 -24.79 -24.20 22.54
N LEU C 66 -24.20 -23.66 21.48
CA LEU C 66 -24.10 -22.20 21.35
C LEU C 66 -25.47 -21.56 21.15
N LEU C 67 -26.31 -22.16 20.30
CA LEU C 67 -27.65 -21.63 20.09
C LEU C 67 -28.47 -21.61 21.38
N ARG C 68 -28.28 -22.61 22.25
CA ARG C 68 -28.96 -22.59 23.54
C ARG C 68 -28.50 -21.42 24.39
N GLY C 69 -27.19 -21.14 24.40
CA GLY C 69 -26.72 -19.97 25.09
C GLY C 69 -27.21 -18.68 24.46
N TRP C 70 -27.22 -18.63 23.13
CA TRP C 70 -27.65 -17.40 22.47
C TRP C 70 -29.13 -17.17 22.70
N GLN C 71 -29.91 -18.25 22.73
CA GLN C 71 -31.31 -18.16 23.11
C GLN C 71 -31.46 -17.48 24.46
N GLN C 72 -30.71 -17.95 25.45
CA GLN C 72 -30.84 -17.40 26.79
C GLN C 72 -30.47 -15.93 26.84
N MET C 73 -29.41 -15.55 26.13
CA MET C 73 -28.98 -14.16 26.18
C MET C 73 -29.93 -13.25 25.40
N PHE C 74 -30.52 -13.74 24.31
CA PHE C 74 -31.52 -12.95 23.61
C PHE C 74 -32.69 -12.63 24.53
N LYS C 75 -33.11 -13.61 25.33
CA LYS C 75 -34.27 -13.45 26.20
C LYS C 75 -34.03 -12.35 27.22
N VAL C 76 -32.85 -12.35 27.85
CA VAL C 76 -32.50 -11.31 28.83
C VAL C 76 -32.41 -9.94 28.16
N GLU C 77 -31.82 -9.87 26.97
CA GLU C 77 -31.72 -8.59 26.30
C GLU C 77 -33.10 -8.01 26.01
N LEU C 78 -34.00 -8.86 25.49
CA LEU C 78 -35.35 -8.37 25.23
C LEU C 78 -36.01 -7.87 26.51
N LYS C 79 -35.77 -8.55 27.64
CA LYS C 79 -36.32 -8.05 28.91
C LYS C 79 -35.74 -6.70 29.29
N ARG C 80 -34.44 -6.50 29.07
CA ARG C 80 -33.85 -5.20 29.40
C ARG C 80 -34.41 -4.10 28.51
N LEU C 81 -34.63 -4.40 27.23
CA LEU C 81 -35.20 -3.40 26.33
C LEU C 81 -36.60 -3.00 26.78
N GLN C 82 -37.47 -3.98 27.03
CA GLN C 82 -38.83 -3.66 27.49
C GLN C 82 -38.79 -2.81 28.75
N ARG C 83 -37.87 -3.11 29.66
CA ARG C 83 -37.77 -2.29 30.86
C ARG C 83 -37.39 -0.86 30.50
N HIS C 84 -36.48 -0.68 29.53
CA HIS C 84 -36.08 0.66 29.12
C HIS C 84 -37.26 1.44 28.54
N TYR C 85 -38.10 0.76 27.76
CA TYR C 85 -39.26 1.39 27.14
C TYR C 85 -40.50 1.40 28.03
N ASN C 86 -40.44 0.78 29.21
CA ASN C 86 -41.62 0.61 30.06
CA ASN C 86 -41.62 0.60 30.07
C ASN C 86 -42.74 -0.07 29.28
N HIS C 87 -42.39 -1.15 28.60
CA HIS C 87 -43.29 -1.92 27.76
C HIS C 87 -43.66 -3.22 28.46
N SER C 88 -44.94 -3.53 28.47
CA SER C 88 -45.41 -4.83 28.94
C SER C 88 -46.05 -5.55 27.76
N GLY C 89 -46.42 -6.81 27.97
CA GLY C 89 -47.02 -7.57 26.90
C GLY C 89 -45.96 -8.17 25.99
N SER C 90 -46.41 -8.54 24.80
CA SER C 90 -45.57 -9.28 23.87
C SER C 90 -44.84 -8.31 22.93
N HIS C 91 -43.54 -8.47 22.83
CA HIS C 91 -42.74 -7.67 21.93
C HIS C 91 -41.74 -8.58 21.25
N THR C 92 -41.13 -8.09 20.18
CA THR C 92 -40.21 -8.89 19.39
C THR C 92 -38.84 -8.22 19.35
N TYR C 93 -37.83 -9.05 19.25
CA TYR C 93 -36.44 -8.63 19.18
C TYR C 93 -35.83 -9.45 18.05
N GLN C 94 -35.14 -8.78 17.14
CA GLN C 94 -34.56 -9.46 15.99
C GLN C 94 -33.11 -9.01 15.79
N ARG C 95 -32.34 -9.91 15.16
CA ARG C 95 -30.94 -9.71 14.87
C ARG C 95 -30.67 -10.24 13.48
N MET C 96 -29.81 -9.55 12.72
CA MET C 96 -29.35 -10.04 11.44
C MET C 96 -27.87 -9.78 11.32
N ILE C 97 -27.09 -10.84 11.15
CA ILE C 97 -25.66 -10.70 10.89
C ILE C 97 -25.32 -11.44 9.59
N GLY C 98 -24.34 -10.92 8.86
CA GLY C 98 -23.89 -11.65 7.68
C GLY C 98 -22.90 -10.88 6.85
N CYS C 99 -22.63 -11.41 5.67
CA CYS C 99 -21.62 -10.88 4.77
C CYS C 99 -21.98 -11.22 3.33
N GLU C 100 -21.40 -10.47 2.40
CA GLU C 100 -21.55 -10.72 0.97
C GLU C 100 -20.19 -10.79 0.31
N LEU C 101 -20.03 -11.72 -0.61
CA LEU C 101 -18.85 -11.83 -1.47
C LEU C 101 -19.29 -11.37 -2.85
N LEU C 102 -18.93 -10.14 -3.23
CA LEU C 102 -19.37 -9.59 -4.49
C LEU C 102 -18.64 -10.23 -5.66
N GLU C 103 -19.20 -10.01 -6.85
CA GLU C 103 -18.66 -10.61 -8.08
C GLU C 103 -17.21 -10.19 -8.32
N ASP C 104 -16.88 -8.91 -8.04
CA ASP C 104 -15.52 -8.41 -8.26
C ASP C 104 -14.54 -8.79 -7.15
N GLY C 105 -14.96 -9.61 -6.19
CA GLY C 105 -14.08 -10.05 -5.13
C GLY C 105 -14.13 -9.22 -3.86
N SER C 106 -14.66 -8.00 -3.92
CA SER C 106 -14.82 -7.21 -2.71
CA SER C 106 -14.84 -7.20 -2.72
C SER C 106 -15.90 -7.82 -1.82
N THR C 107 -15.93 -7.39 -0.56
CA THR C 107 -16.84 -7.94 0.43
C THR C 107 -17.56 -6.82 1.17
N THR C 108 -18.71 -7.18 1.75
CA THR C 108 -19.42 -6.35 2.72
C THR C 108 -19.76 -7.20 3.92
N GLY C 109 -20.10 -6.51 5.01
CA GLY C 109 -20.55 -7.17 6.22
C GLY C 109 -21.55 -6.26 6.89
N PHE C 110 -22.40 -6.86 7.72
CA PHE C 110 -23.46 -6.10 8.38
C PHE C 110 -23.89 -6.87 9.61
N LEU C 111 -24.39 -6.11 10.58
CA LEU C 111 -24.83 -6.62 11.87
C LEU C 111 -25.83 -5.60 12.39
N GLN C 112 -27.08 -6.00 12.56
CA GLN C 112 -28.17 -5.08 12.84
C GLN C 112 -29.16 -5.73 13.79
N TYR C 113 -29.81 -4.89 14.60
CA TYR C 113 -30.87 -5.29 15.51
C TYR C 113 -32.11 -4.46 15.24
N ALA C 114 -33.26 -5.08 15.47
CA ALA C 114 -34.53 -4.39 15.39
C ALA C 114 -35.38 -4.73 16.63
N TYR C 115 -36.17 -3.77 17.07
CA TYR C 115 -37.10 -3.97 18.18
C TYR C 115 -38.50 -3.67 17.66
N ASP C 116 -39.40 -4.63 17.85
CA ASP C 116 -40.77 -4.54 17.33
C ASP C 116 -40.78 -4.25 15.83
N GLY C 117 -39.88 -4.92 15.10
CA GLY C 117 -39.83 -4.84 13.65
C GLY C 117 -39.29 -3.54 13.08
N GLN C 118 -38.61 -2.73 13.88
CA GLN C 118 -38.06 -1.44 13.47
C GLN C 118 -36.59 -1.42 13.79
N ASP C 119 -35.80 -0.81 12.91
CA ASP C 119 -34.37 -0.59 13.18
C ASP C 119 -34.17 -0.08 14.59
N PHE C 120 -33.20 -0.67 15.27
CA PHE C 120 -32.83 -0.29 16.62
C PHE C 120 -31.36 0.07 16.70
N LEU C 121 -30.47 -0.84 16.30
CA LEU C 121 -29.03 -0.63 16.35
C LEU C 121 -28.39 -1.18 15.08
N ILE C 122 -27.46 -0.41 14.49
CA ILE C 122 -26.74 -0.78 13.27
C ILE C 122 -25.25 -0.68 13.53
N PHE C 123 -24.53 -1.78 13.35
CA PHE C 123 -23.09 -1.78 13.55
C PHE C 123 -22.40 -1.22 12.31
N ASN C 124 -21.45 -0.34 12.52
CA ASN C 124 -20.58 0.11 11.43
C ASN C 124 -19.19 -0.45 11.69
N LYS C 125 -18.81 -1.48 10.94
CA LYS C 125 -17.52 -2.11 11.20
C LYS C 125 -16.35 -1.24 10.76
N ASP C 126 -16.60 -0.14 10.03
CA ASP C 126 -15.52 0.71 9.58
C ASP C 126 -15.09 1.72 10.63
N THR C 127 -15.99 2.13 11.50
CA THR C 127 -15.63 2.98 12.62
C THR C 127 -15.68 2.25 13.95
N LEU C 128 -16.07 0.97 13.94
CA LEU C 128 -16.28 0.21 15.17
C LEU C 128 -17.23 0.96 16.11
N SER C 129 -18.39 1.35 15.58
CA SER C 129 -19.36 2.06 16.39
C SER C 129 -20.76 1.59 16.03
N TRP C 130 -21.70 1.85 16.94
CA TRP C 130 -23.09 1.49 16.77
C TRP C 130 -23.93 2.75 16.50
N LEU C 131 -24.77 2.70 15.49
CA LEU C 131 -25.72 3.76 15.24
C LEU C 131 -27.06 3.43 15.92
N ALA C 132 -27.55 4.35 16.75
CA ALA C 132 -28.73 4.19 17.59
C ALA C 132 -29.89 5.04 17.06
N VAL C 133 -31.09 4.46 16.99
CA VAL C 133 -32.26 5.20 16.50
C VAL C 133 -32.90 6.10 17.56
N ASP C 134 -32.74 5.82 18.85
CA ASP C 134 -33.37 6.64 19.88
C ASP C 134 -32.56 6.57 21.16
N ASN C 135 -33.06 7.24 22.21
CA ASN C 135 -32.31 7.33 23.46
C ASN C 135 -32.13 5.97 24.11
N VAL C 136 -33.06 5.03 23.89
CA VAL C 136 -32.92 3.70 24.47
C VAL C 136 -31.81 2.94 23.76
N ALA C 137 -31.86 2.92 22.43
CA ALA C 137 -30.76 2.35 21.66
C ALA C 137 -29.42 2.99 22.04
N HIS C 138 -29.42 4.30 22.28
CA HIS C 138 -28.19 5.00 22.62
C HIS C 138 -27.62 4.51 23.95
N THR C 139 -28.49 4.22 24.91
CA THR C 139 -28.06 3.63 26.17
C THR C 139 -27.40 2.28 25.95
N ILE C 140 -28.00 1.44 25.11
CA ILE C 140 -27.40 0.16 24.77
C ILE C 140 -26.07 0.36 24.05
N LYS C 141 -26.03 1.30 23.11
CA LYS C 141 -24.84 1.57 22.32
C LYS C 141 -23.64 1.90 23.21
N GLN C 142 -23.81 2.85 24.14
CA GLN C 142 -22.71 3.22 25.03
C GLN C 142 -22.10 2.01 25.72
N ALA C 143 -22.93 1.07 26.17
CA ALA C 143 -22.40 -0.12 26.82
C ALA C 143 -21.61 -0.99 25.84
N TRP C 144 -22.14 -1.18 24.63
CA TRP C 144 -21.45 -2.02 23.67
C TRP C 144 -20.15 -1.39 23.20
N GLU C 145 -20.14 -0.06 23.03
CA GLU C 145 -18.95 0.63 22.57
C GLU C 145 -17.84 0.64 23.61
N ALA C 146 -18.15 0.34 24.88
CA ALA C 146 -17.09 0.38 25.88
C ALA C 146 -16.19 -0.85 25.83
N ASN C 147 -16.55 -1.88 25.06
CA ASN C 147 -15.78 -3.11 24.96
C ASN C 147 -15.05 -3.13 23.62
N GLN C 148 -13.86 -2.52 23.60
CA GLN C 148 -13.11 -2.35 22.36
C GLN C 148 -12.75 -3.71 21.74
N HIS C 149 -12.27 -4.63 22.56
CA HIS C 149 -11.89 -5.95 22.07
C HIS C 149 -13.05 -6.66 21.40
N GLU C 150 -14.25 -6.50 21.92
CA GLU C 150 -15.40 -7.18 21.33
C GLU C 150 -15.80 -6.53 20.01
N LEU C 151 -15.61 -5.21 19.87
CA LEU C 151 -15.84 -4.58 18.58
C LEU C 151 -14.85 -5.10 17.53
N LEU C 152 -13.58 -5.20 17.91
CA LEU C 152 -12.59 -5.82 17.02
C LEU C 152 -12.98 -7.26 16.67
N TYR C 153 -13.46 -8.02 17.66
CA TYR C 153 -13.84 -9.40 17.38
C TYR C 153 -14.96 -9.43 16.35
N GLN C 154 -15.93 -8.52 16.48
CA GLN C 154 -17.03 -8.48 15.51
C GLN C 154 -16.54 -8.13 14.12
N LYS C 155 -15.63 -7.15 14.03
CA LYS C 155 -15.09 -6.76 12.72
C LYS C 155 -14.42 -7.94 12.07
N ASN C 156 -13.53 -8.62 12.80
CA ASN C 156 -12.88 -9.80 12.26
C ASN C 156 -13.91 -10.85 11.81
N TRP C 157 -14.97 -11.08 12.59
CA TRP C 157 -15.90 -12.15 12.21
C TRP C 157 -16.60 -11.81 10.90
N LEU C 158 -17.08 -10.57 10.78
CA LEU C 158 -17.74 -10.11 9.55
C LEU C 158 -16.82 -10.17 8.34
N GLU C 159 -15.56 -9.77 8.50
CA GLU C 159 -14.69 -9.60 7.33
C GLU C 159 -13.96 -10.88 6.93
N GLU C 160 -13.59 -11.73 7.89
CA GLU C 160 -12.83 -12.94 7.59
C GLU C 160 -13.64 -14.21 7.81
N GLU C 161 -14.13 -14.42 9.03
CA GLU C 161 -14.79 -15.69 9.37
C GLU C 161 -16.06 -15.89 8.55
N CYS C 162 -16.92 -14.87 8.50
CA CYS C 162 -18.15 -14.99 7.75
C CYS C 162 -17.87 -15.31 6.29
N ILE C 163 -16.94 -14.58 5.66
CA ILE C 163 -16.61 -14.81 4.25
C ILE C 163 -16.09 -16.22 4.05
N ALA C 164 -15.27 -16.72 4.98
CA ALA C 164 -14.77 -18.10 4.88
C ALA C 164 -15.89 -19.13 5.02
N TRP C 165 -16.85 -18.90 5.91
CA TRP C 165 -17.97 -19.83 6.00
C TRP C 165 -18.77 -19.84 4.70
N LEU C 166 -18.98 -18.66 4.13
CA LEU C 166 -19.72 -18.55 2.87
C LEU C 166 -19.01 -19.30 1.74
N LYS C 167 -17.68 -19.16 1.63
CA LYS C 167 -16.97 -19.89 0.58
C LYS C 167 -17.08 -21.39 0.82
N ARG C 168 -17.05 -21.81 2.07
CA ARG C 168 -17.19 -23.23 2.35
C ARG C 168 -18.59 -23.71 1.97
N PHE C 169 -19.63 -22.98 2.38
CA PHE C 169 -21.00 -23.42 2.08
C PHE C 169 -21.27 -23.33 0.58
N LEU C 170 -20.74 -22.31 -0.07
CA LEU C 170 -20.92 -22.15 -1.51
CA LEU C 170 -20.93 -22.17 -1.51
C LEU C 170 -20.41 -23.38 -2.27
N GLU C 171 -19.28 -23.93 -1.82
CA GLU C 171 -18.75 -25.14 -2.45
C GLU C 171 -19.59 -26.38 -2.12
N TYR C 172 -20.02 -26.54 -0.86
CA TYR C 172 -20.95 -27.62 -0.51
C TYR C 172 -22.18 -27.66 -1.42
N GLY C 173 -22.82 -26.50 -1.63
CA GLY C 173 -24.03 -26.50 -2.45
C GLY C 173 -23.87 -26.01 -3.88
N LYS C 174 -22.71 -26.24 -4.50
CA LYS C 174 -22.44 -25.58 -5.78
C LYS C 174 -23.42 -26.01 -6.86
N ASP C 175 -23.82 -27.28 -6.87
CA ASP C 175 -24.74 -27.75 -7.90
C ASP C 175 -26.07 -27.03 -7.84
N THR C 176 -26.44 -26.51 -6.66
CA THR C 176 -27.64 -25.69 -6.51
C THR C 176 -27.33 -24.22 -6.69
N LEU C 177 -26.37 -23.71 -5.92
CA LEU C 177 -26.18 -22.25 -5.80
C LEU C 177 -25.52 -21.63 -7.02
N GLN C 178 -24.65 -22.35 -7.72
CA GLN C 178 -23.92 -21.78 -8.84
C GLN C 178 -24.51 -22.20 -10.18
N ARG C 179 -25.66 -22.85 -10.20
CA ARG C 179 -26.27 -23.21 -11.47
C ARG C 179 -26.95 -22.01 -12.10
N THR C 180 -27.33 -22.16 -13.36
CA THR C 180 -28.11 -21.15 -14.05
C THR C 180 -29.26 -21.83 -14.78
N GLU C 181 -30.47 -21.33 -14.61
CA GLU C 181 -31.61 -21.78 -15.39
C GLU C 181 -32.18 -20.56 -16.07
N PRO C 182 -32.08 -20.45 -17.40
CA PRO C 182 -32.47 -19.20 -18.04
C PRO C 182 -33.97 -19.02 -18.03
N PRO C 183 -34.45 -17.79 -18.07
CA PRO C 183 -35.90 -17.56 -18.03
C PRO C 183 -36.61 -17.98 -19.31
N LEU C 184 -37.83 -18.46 -19.15
CA LEU C 184 -38.81 -18.50 -20.23
C LEU C 184 -39.55 -17.18 -20.24
N VAL C 185 -39.58 -16.49 -21.39
CA VAL C 185 -40.09 -15.13 -21.44
C VAL C 185 -41.06 -14.97 -22.60
N ARG C 186 -42.18 -14.29 -22.36
CA ARG C 186 -43.15 -14.03 -23.40
C ARG C 186 -43.79 -12.67 -23.16
N VAL C 187 -44.35 -12.12 -24.23
CA VAL C 187 -45.08 -10.85 -24.21
C VAL C 187 -46.53 -11.14 -24.57
N ASN C 188 -47.46 -10.61 -23.76
CA ASN C 188 -48.89 -10.71 -24.00
C ASN C 188 -49.47 -9.32 -24.25
N ARG C 189 -50.29 -9.20 -25.28
CA ARG C 189 -50.96 -7.95 -25.66
C ARG C 189 -52.46 -8.13 -25.51
N LYS C 190 -53.17 -7.08 -25.09
CA LYS C 190 -54.61 -7.18 -24.93
C LYS C 190 -55.22 -5.79 -24.78
N GLU C 191 -56.29 -5.53 -25.53
CA GLU C 191 -57.10 -4.34 -25.27
C GLU C 191 -57.90 -4.55 -23.99
N THR C 192 -57.82 -3.58 -23.07
CA THR C 192 -58.51 -3.68 -21.79
C THR C 192 -59.71 -2.74 -21.75
N PHE C 193 -59.65 -1.73 -20.90
CA PHE C 193 -60.60 -0.62 -21.02
C PHE C 193 -60.57 -0.10 -22.44
N PRO C 194 -61.72 0.16 -23.06
CA PRO C 194 -61.73 0.55 -24.49
C PRO C 194 -60.72 1.65 -24.79
N GLY C 195 -60.01 1.50 -25.91
CA GLY C 195 -58.95 2.41 -26.29
C GLY C 195 -57.60 2.15 -25.63
N VAL C 196 -57.57 1.39 -24.54
CA VAL C 196 -56.37 1.16 -23.76
C VAL C 196 -55.85 -0.23 -24.09
N THR C 197 -54.56 -0.35 -24.34
CA THR C 197 -53.93 -1.62 -24.66
C THR C 197 -52.83 -1.89 -23.65
N ALA C 198 -52.85 -3.08 -23.06
CA ALA C 198 -51.93 -3.46 -22.00
C ALA C 198 -50.91 -4.46 -22.55
N LEU C 199 -49.63 -4.21 -22.26
CA LEU C 199 -48.55 -5.14 -22.61
C LEU C 199 -47.94 -5.71 -21.33
N PHE C 200 -47.86 -7.03 -21.26
CA PHE C 200 -47.28 -7.75 -20.12
C PHE C 200 -46.07 -8.54 -20.61
N CYS C 201 -44.95 -8.37 -19.93
CA CYS C 201 -43.73 -9.13 -20.21
C CYS C 201 -43.55 -10.08 -19.04
N LYS C 202 -43.69 -11.39 -19.27
CA LYS C 202 -43.73 -12.34 -18.17
C LYS C 202 -42.60 -13.35 -18.31
N ALA C 203 -41.87 -13.54 -17.22
CA ALA C 203 -40.75 -14.47 -17.15
C ALA C 203 -40.97 -15.49 -16.05
N HIS C 204 -40.59 -16.74 -16.32
CA HIS C 204 -40.64 -17.77 -15.30
C HIS C 204 -39.57 -18.81 -15.60
N GLY C 205 -39.40 -19.73 -14.66
CA GLY C 205 -38.46 -20.81 -14.83
C GLY C 205 -37.01 -20.48 -14.58
N PHE C 206 -36.69 -19.32 -14.02
CA PHE C 206 -35.30 -18.88 -13.98
C PHE C 206 -34.72 -19.00 -12.57
N TYR C 207 -33.41 -19.24 -12.53
CA TYR C 207 -32.58 -19.27 -11.32
C TYR C 207 -31.20 -18.82 -11.77
N PRO C 208 -30.50 -17.96 -11.00
CA PRO C 208 -30.87 -17.34 -9.70
C PRO C 208 -32.05 -16.37 -9.78
N PRO C 209 -32.62 -15.94 -8.66
CA PRO C 209 -33.82 -15.07 -8.73
C PRO C 209 -33.53 -13.67 -9.26
N GLU C 210 -32.28 -13.22 -9.24
CA GLU C 210 -32.00 -11.86 -9.67
C GLU C 210 -32.15 -11.76 -11.19
N ILE C 211 -33.01 -10.84 -11.62
CA ILE C 211 -33.35 -10.65 -13.03
C ILE C 211 -33.67 -9.18 -13.24
N TYR C 212 -33.37 -8.68 -14.44
N TYR C 212 -33.35 -8.68 -14.43
CA TYR C 212 -33.67 -7.31 -14.81
CA TYR C 212 -33.67 -7.31 -14.83
C TYR C 212 -34.65 -7.34 -15.97
C TYR C 212 -34.67 -7.36 -15.96
N MET C 213 -35.72 -6.56 -15.85
CA MET C 213 -36.76 -6.50 -16.88
C MET C 213 -37.19 -5.06 -17.02
N THR C 214 -37.35 -4.62 -18.25
CA THR C 214 -37.81 -3.25 -18.49
C THR C 214 -38.45 -3.19 -19.86
N TRP C 215 -39.22 -2.12 -20.06
CA TRP C 215 -39.83 -1.81 -21.34
C TRP C 215 -39.15 -0.59 -21.94
N MET C 216 -38.91 -0.65 -23.25
CA MET C 216 -38.30 0.44 -23.99
CA MET C 216 -38.30 0.44 -23.99
C MET C 216 -39.19 0.82 -25.16
N LYS C 217 -39.10 2.10 -25.56
CA LYS C 217 -39.83 2.65 -26.70
C LYS C 217 -38.81 3.08 -27.75
N ASN C 218 -38.98 2.57 -28.97
CA ASN C 218 -38.16 2.98 -30.12
C ASN C 218 -36.66 2.91 -29.81
N GLY C 219 -36.25 1.99 -28.94
CA GLY C 219 -34.85 1.83 -28.60
C GLY C 219 -34.38 2.59 -27.38
N GLU C 220 -35.12 3.59 -26.90
CA GLU C 220 -34.78 4.37 -25.72
C GLU C 220 -35.70 4.01 -24.55
N GLU C 221 -35.36 4.53 -23.37
CA GLU C 221 -36.09 4.22 -22.14
C GLU C 221 -37.56 4.61 -22.27
N ILE C 222 -38.41 3.93 -21.51
CA ILE C 222 -39.84 4.24 -21.50
C ILE C 222 -40.02 5.54 -20.77
N GLN C 224 -42.84 4.90 -19.58
CA GLN C 224 -42.76 5.83 -18.46
C GLN C 224 -43.35 5.23 -17.19
N GLU C 225 -44.60 4.77 -17.27
CA GLU C 225 -45.33 4.24 -16.10
C GLU C 225 -45.36 2.71 -16.20
N ILE C 226 -44.34 2.07 -15.67
CA ILE C 226 -44.20 0.62 -15.73
C ILE C 226 -44.61 0.03 -14.39
N ASP C 227 -45.44 -0.99 -14.42
CA ASP C 227 -45.76 -1.74 -13.23
CA ASP C 227 -45.78 -1.76 -13.23
C ASP C 227 -44.90 -3.00 -13.19
N TYR C 228 -44.38 -3.31 -12.01
CA TYR C 228 -43.51 -4.47 -11.82
C TYR C 228 -44.19 -5.50 -10.94
N GLY C 229 -44.01 -6.77 -11.26
CA GLY C 229 -44.43 -7.85 -10.40
C GLY C 229 -43.26 -8.31 -9.57
N ASP C 230 -43.56 -8.76 -8.35
CA ASP C 230 -42.53 -9.31 -7.48
C ASP C 230 -41.89 -10.55 -8.11
N ILE C 231 -40.64 -10.77 -7.76
CA ILE C 231 -39.96 -12.02 -8.10
C ILE C 231 -40.47 -13.07 -7.11
N LEU C 232 -41.22 -14.05 -7.60
CA LEU C 232 -41.95 -14.97 -6.74
C LEU C 232 -41.43 -16.39 -6.90
N PRO C 233 -41.30 -17.14 -5.80
CA PRO C 233 -40.88 -18.53 -5.91
C PRO C 233 -42.01 -19.38 -6.50
N SER C 234 -41.67 -20.20 -7.48
CA SER C 234 -42.63 -21.07 -8.15
C SER C 234 -42.78 -22.41 -7.46
N GLY C 235 -41.89 -22.74 -6.52
CA GLY C 235 -42.00 -23.92 -5.70
C GLY C 235 -41.06 -25.05 -6.10
N ASP C 236 -40.51 -25.00 -7.31
CA ASP C 236 -39.59 -26.01 -7.83
C ASP C 236 -38.14 -25.52 -7.88
N GLY C 237 -37.80 -24.50 -7.11
CA GLY C 237 -36.45 -23.96 -7.09
C GLY C 237 -36.22 -22.82 -8.05
N THR C 238 -37.17 -22.53 -8.93
CA THR C 238 -37.09 -21.45 -9.89
C THR C 238 -38.07 -20.33 -9.51
N TYR C 239 -38.02 -19.25 -10.29
CA TYR C 239 -38.72 -18.02 -9.96
C TYR C 239 -39.47 -17.48 -11.18
N GLN C 240 -40.39 -16.55 -10.93
CA GLN C 240 -41.17 -15.92 -11.97
C GLN C 240 -41.35 -14.44 -11.65
N ALA C 241 -41.48 -13.62 -12.70
CA ALA C 241 -41.70 -12.18 -12.52
C ALA C 241 -42.30 -11.63 -13.80
N TRP C 242 -42.73 -10.37 -13.75
CA TRP C 242 -43.29 -9.71 -14.92
C TRP C 242 -43.13 -8.20 -14.81
N ALA C 243 -43.37 -7.53 -15.94
CA ALA C 243 -43.43 -6.07 -16.00
C ALA C 243 -44.44 -5.69 -17.08
N SER C 244 -45.15 -4.58 -16.86
CA SER C 244 -46.19 -4.19 -17.80
C SER C 244 -46.24 -2.68 -17.99
N ILE C 245 -46.76 -2.28 -19.16
CA ILE C 245 -46.97 -0.89 -19.55
C ILE C 245 -48.29 -0.79 -20.29
N GLU C 246 -48.72 0.44 -20.57
CA GLU C 246 -49.84 0.73 -21.45
C GLU C 246 -49.37 1.15 -22.83
N LEU C 247 -50.28 1.11 -23.80
CA LEU C 247 -49.95 1.39 -25.19
C LEU C 247 -50.61 2.67 -25.66
N ASP C 248 -50.24 3.07 -26.88
CA ASP C 248 -50.68 4.31 -27.51
C ASP C 248 -50.14 5.52 -26.73
N ASN C 253 -44.37 3.81 -30.63
CA ASN C 253 -44.95 2.94 -31.65
C ASN C 253 -44.24 1.58 -31.70
N LEU C 254 -42.98 1.53 -31.28
CA LEU C 254 -42.18 0.30 -31.29
C LEU C 254 -41.79 -0.03 -29.85
N TYR C 255 -42.54 -0.91 -29.21
CA TYR C 255 -42.28 -1.27 -27.83
C TYR C 255 -41.54 -2.60 -27.77
N SER C 256 -40.60 -2.70 -26.83
CA SER C 256 -39.88 -3.95 -26.68
C SER C 256 -39.56 -4.19 -25.22
N CYS C 257 -39.68 -5.45 -24.80
CA CYS C 257 -39.28 -5.86 -23.47
C CYS C 257 -37.83 -6.30 -23.47
N HIS C 258 -37.06 -5.81 -22.51
CA HIS C 258 -35.66 -6.16 -22.35
C HIS C 258 -35.48 -6.90 -21.04
N VAL C 259 -34.71 -7.98 -21.08
CA VAL C 259 -34.58 -8.90 -19.96
C VAL C 259 -33.11 -9.29 -19.87
N GLU C 260 -32.49 -9.08 -18.72
CA GLU C 260 -31.11 -9.53 -18.52
C GLU C 260 -31.09 -10.53 -17.38
N HIS C 261 -30.44 -11.67 -17.62
CA HIS C 261 -30.37 -12.73 -16.62
C HIS C 261 -29.03 -13.44 -16.75
N SER C 262 -28.21 -13.36 -15.70
CA SER C 262 -26.98 -14.13 -15.61
CA SER C 262 -26.97 -14.12 -15.62
C SER C 262 -26.10 -13.95 -16.86
N GLY C 263 -25.89 -12.69 -17.25
CA GLY C 263 -25.00 -12.40 -18.35
C GLY C 263 -25.55 -12.66 -19.74
N VAL C 264 -26.86 -12.87 -19.87
CA VAL C 264 -27.50 -13.02 -21.17
C VAL C 264 -28.59 -11.96 -21.30
N HIS C 265 -28.57 -11.23 -22.41
CA HIS C 265 -29.59 -10.22 -22.68
CA HIS C 265 -29.57 -10.21 -22.69
C HIS C 265 -30.60 -10.76 -23.67
N MET C 266 -31.85 -10.37 -23.49
CA MET C 266 -32.94 -10.83 -24.33
CA MET C 266 -32.97 -10.84 -24.29
C MET C 266 -33.83 -9.64 -24.66
N VAL C 267 -34.31 -9.61 -25.91
CA VAL C 267 -35.19 -8.56 -26.38
C VAL C 267 -36.41 -9.21 -27.02
N LEU C 268 -37.59 -8.75 -26.67
CA LEU C 268 -38.85 -9.21 -27.26
C LEU C 268 -39.58 -7.99 -27.80
N GLN C 269 -39.50 -7.81 -29.11
CA GLN C 269 -40.18 -6.71 -29.78
CA GLN C 269 -40.17 -6.71 -29.79
C GLN C 269 -41.65 -7.03 -29.94
N VAL C 270 -42.49 -6.04 -29.68
CA VAL C 270 -43.94 -6.18 -29.84
C VAL C 270 -44.29 -5.83 -31.28
N PRO C 271 -44.91 -6.74 -32.04
CA PRO C 271 -45.22 -6.59 -33.47
C PRO C 271 -46.14 -5.41 -33.78
N GLN D 3 -5.71 -29.39 14.36
CA GLN D 3 -5.46 -28.05 14.90
C GLN D 3 -4.40 -28.09 15.99
N ASN D 4 -3.48 -27.14 15.94
CA ASN D 4 -2.28 -27.21 16.75
C ASN D 4 -1.84 -25.82 17.19
N ILE D 5 -1.33 -25.74 18.41
CA ILE D 5 -0.74 -24.53 18.99
C ILE D 5 0.65 -24.90 19.47
N ASP D 6 1.64 -24.09 19.12
CA ASP D 6 3.01 -24.38 19.54
C ASP D 6 3.62 -23.14 20.16
N GLN D 7 4.24 -23.33 21.32
CA GLN D 7 5.03 -22.32 22.00
C GLN D 7 6.20 -23.06 22.63
N PRO D 8 7.35 -22.39 22.77
CA PRO D 8 8.51 -23.05 23.35
C PRO D 8 8.21 -23.60 24.75
N THR D 9 8.80 -24.75 25.07
CA THR D 9 8.61 -25.39 26.36
C THR D 9 9.14 -24.51 27.49
N GLU D 10 10.28 -23.86 27.26
CA GLU D 10 10.98 -23.14 28.31
C GLU D 10 11.82 -22.03 27.67
N MET D 11 11.93 -20.90 28.37
CA MET D 11 12.82 -19.82 27.99
C MET D 11 13.46 -19.25 29.25
N THR D 12 14.73 -18.87 29.12
CA THR D 12 15.51 -18.26 30.18
C THR D 12 16.09 -16.95 29.67
N ALA D 13 15.87 -15.87 30.40
CA ALA D 13 16.47 -14.56 30.11
C ALA D 13 16.95 -13.95 31.42
N THR D 14 17.59 -12.79 31.32
CA THR D 14 18.22 -12.15 32.46
C THR D 14 17.36 -11.00 32.98
N GLU D 15 17.39 -10.83 34.30
CA GLU D 15 16.69 -9.75 34.97
C GLU D 15 17.01 -8.41 34.34
N GLY D 16 15.98 -7.63 34.06
CA GLY D 16 16.13 -6.31 33.47
C GLY D 16 16.24 -6.29 31.96
N ALA D 17 16.31 -7.44 31.31
CA ALA D 17 16.36 -7.49 29.87
C ALA D 17 14.95 -7.69 29.31
N ILE D 18 14.87 -8.10 28.05
CA ILE D 18 13.57 -8.33 27.43
CA ILE D 18 13.60 -8.31 27.36
C ILE D 18 13.51 -9.78 26.94
N VAL D 19 12.30 -10.33 26.95
CA VAL D 19 12.07 -11.65 26.40
C VAL D 19 10.81 -11.63 25.53
N GLN D 20 10.89 -12.31 24.38
CA GLN D 20 9.76 -12.47 23.47
C GLN D 20 9.31 -13.93 23.46
N ILE D 21 8.05 -14.19 23.77
CA ILE D 21 7.52 -15.56 23.82
C ILE D 21 6.64 -15.77 22.60
N ASN D 22 7.06 -16.63 21.69
CA ASN D 22 6.33 -16.85 20.45
C ASN D 22 5.21 -17.89 20.63
N CYS D 23 4.15 -17.74 19.84
CA CYS D 23 3.07 -18.73 19.76
C CYS D 23 2.56 -18.78 18.33
N THR D 24 2.74 -19.91 17.65
CA THR D 24 2.15 -20.09 16.32
C THR D 24 0.97 -21.05 16.41
N TYR D 25 -0.03 -20.86 15.54
CA TYR D 25 -1.23 -21.68 15.55
C TYR D 25 -1.63 -22.06 14.12
N GLN D 26 -2.03 -23.31 13.96
CA GLN D 26 -2.64 -23.82 12.73
C GLN D 26 -4.05 -24.22 13.12
N THR D 27 -5.03 -23.39 12.77
CA THR D 27 -6.41 -23.67 13.12
C THR D 27 -7.29 -23.57 11.89
N SER D 28 -8.44 -24.22 11.97
CA SER D 28 -9.52 -24.02 11.03
C SER D 28 -10.35 -22.87 11.57
N GLY D 29 -10.05 -21.67 11.08
CA GLY D 29 -10.74 -20.48 11.54
C GLY D 29 -10.08 -19.87 12.76
N PHE D 30 -10.37 -18.59 12.97
CA PHE D 30 -9.70 -17.82 14.00
C PHE D 30 -10.67 -16.77 14.53
N ASN D 31 -10.82 -16.71 15.85
CA ASN D 31 -11.66 -15.72 16.49
C ASN D 31 -10.93 -15.05 17.65
N GLY D 32 -9.61 -15.09 17.66
CA GLY D 32 -8.83 -14.40 18.67
C GLY D 32 -7.79 -15.28 19.33
N LEU D 33 -6.74 -14.65 19.84
CA LEU D 33 -5.64 -15.28 20.54
C LEU D 33 -5.49 -14.65 21.91
N PHE D 34 -5.42 -15.49 22.95
CA PHE D 34 -5.30 -15.09 24.34
C PHE D 34 -3.95 -15.50 24.90
N TRP D 35 -3.44 -14.69 25.83
CA TRP D 35 -2.29 -15.03 26.65
C TRP D 35 -2.70 -14.99 28.11
N TYR D 36 -2.28 -16.00 28.86
CA TYR D 36 -2.49 -16.11 30.30
C TYR D 36 -1.14 -16.27 31.00
N GLN D 37 -1.02 -15.68 32.19
CA GLN D 37 0.09 -15.95 33.09
C GLN D 37 -0.36 -16.93 34.17
N GLN D 38 0.49 -17.91 34.48
CA GLN D 38 0.22 -18.89 35.54
C GLN D 38 1.47 -19.05 36.40
N HIS D 39 1.45 -18.47 37.58
CA HIS D 39 2.49 -18.77 38.56
C HIS D 39 2.39 -20.20 39.08
N ALA D 40 3.50 -20.68 39.61
CA ALA D 40 3.61 -22.08 40.02
C ALA D 40 2.67 -22.35 41.18
N GLY D 41 1.81 -23.36 41.03
CA GLY D 41 0.86 -23.65 42.08
C GLY D 41 -0.34 -22.73 42.11
N GLU D 42 -0.41 -21.77 41.20
CA GLU D 42 -1.49 -20.79 41.11
C GLU D 42 -2.38 -21.10 39.91
N ALA D 43 -3.46 -20.37 39.81
CA ALA D 43 -4.33 -20.47 38.67
C ALA D 43 -3.90 -19.51 37.56
N PRO D 44 -4.23 -19.79 36.30
CA PRO D 44 -3.93 -18.82 35.24
C PRO D 44 -4.75 -17.56 35.41
N THR D 45 -4.17 -16.43 34.96
CA THR D 45 -4.86 -15.15 34.94
C THR D 45 -4.70 -14.52 33.56
N PHE D 46 -5.75 -13.85 33.10
CA PHE D 46 -5.75 -13.31 31.75
C PHE D 46 -4.71 -12.18 31.61
N LEU D 47 -3.95 -12.22 30.51
CA LEU D 47 -3.00 -11.16 30.21
C LEU D 47 -3.44 -10.30 29.04
N SER D 48 -3.81 -10.91 27.92
CA SER D 48 -4.07 -10.13 26.71
C SER D 48 -4.94 -10.92 25.75
N TYR D 49 -5.57 -10.18 24.83
CA TYR D 49 -6.33 -10.72 23.72
C TYR D 49 -6.00 -9.92 22.47
N ASN D 50 -5.77 -10.62 21.36
CA ASN D 50 -5.59 -9.98 20.05
C ASN D 50 -6.51 -10.69 19.08
N VAL D 51 -7.12 -9.95 18.15
CA VAL D 51 -7.84 -10.62 17.08
C VAL D 51 -7.55 -9.97 15.73
N LEU D 52 -7.25 -8.67 15.71
CA LEU D 52 -6.76 -8.04 14.48
C LEU D 52 -5.25 -7.79 14.57
N ASP D 53 -4.68 -7.36 13.46
CA ASP D 53 -3.23 -7.25 13.36
C ASP D 53 -2.73 -6.04 14.12
N GLY D 54 -1.73 -6.25 14.95
CA GLY D 54 -1.05 -5.14 15.57
C GLY D 54 -0.52 -5.53 16.93
N LEU D 55 -0.06 -4.52 17.64
CA LEU D 55 0.61 -4.65 18.92
C LEU D 55 -0.18 -3.88 19.95
N GLU D 56 -0.47 -4.51 21.08
CA GLU D 56 -1.11 -3.83 22.18
C GLU D 56 -0.20 -3.88 23.40
N GLU D 57 -0.05 -2.74 24.07
CA GLU D 57 0.80 -2.60 25.25
C GLU D 57 -0.04 -2.50 26.51
N LYS D 58 0.41 -3.15 27.58
CA LYS D 58 -0.23 -3.10 28.90
C LYS D 58 0.89 -3.12 29.92
N GLY D 59 1.43 -1.95 30.22
CA GLY D 59 2.53 -1.87 31.17
C GLY D 59 3.80 -2.37 30.54
N ARG D 60 4.48 -3.27 31.24
CA ARG D 60 5.69 -3.88 30.71
C ARG D 60 5.39 -5.03 29.76
N PHE D 61 4.12 -5.34 29.51
CA PHE D 61 3.73 -6.46 28.68
C PHE D 61 3.09 -5.93 27.40
N SER D 62 3.49 -6.50 26.28
CA SER D 62 2.88 -6.19 25.00
C SER D 62 2.57 -7.49 24.29
N SER D 63 1.52 -7.49 23.48
CA SER D 63 1.11 -8.68 22.76
CA SER D 63 1.12 -8.68 22.75
C SER D 63 0.86 -8.32 21.30
N PHE D 64 1.46 -9.09 20.41
CA PHE D 64 1.45 -8.82 18.97
C PHE D 64 0.68 -9.94 18.30
N LEU D 65 -0.05 -9.60 17.23
CA LEU D 65 -0.68 -10.61 16.41
C LEU D 65 -0.44 -10.30 14.95
N SER D 66 -0.12 -11.34 14.18
CA SER D 66 -0.14 -11.30 12.72
C SER D 66 -1.05 -12.42 12.24
N ARG D 67 -2.20 -12.07 11.67
CA ARG D 67 -3.14 -13.08 11.20
CA ARG D 67 -3.12 -13.10 11.22
C ARG D 67 -2.61 -13.81 9.97
N SER D 68 -1.85 -13.13 9.12
CA SER D 68 -1.38 -13.79 7.91
C SER D 68 -0.24 -14.77 8.18
N LYS D 69 0.53 -14.56 9.24
CA LYS D 69 1.59 -15.49 9.60
C LYS D 69 1.16 -16.47 10.68
N GLY D 70 -0.11 -16.43 11.12
CA GLY D 70 -0.61 -17.28 12.18
C GLY D 70 0.29 -17.32 13.40
N TYR D 71 0.65 -16.14 13.89
CA TYR D 71 1.72 -16.00 14.86
C TYR D 71 1.39 -14.86 15.83
N SER D 72 1.72 -15.06 17.10
CA SER D 72 1.65 -14.01 18.11
C SER D 72 2.91 -14.05 18.94
N TYR D 73 3.29 -12.93 19.53
CA TYR D 73 4.27 -13.01 20.59
C TYR D 73 3.78 -12.24 21.81
N LEU D 74 4.22 -12.71 22.97
CA LEU D 74 4.13 -11.96 24.22
C LEU D 74 5.52 -11.42 24.54
N LEU D 75 5.62 -10.10 24.64
CA LEU D 75 6.88 -9.41 24.84
C LEU D 75 6.90 -8.81 26.25
N LEU D 76 7.88 -9.20 27.06
CA LEU D 76 8.04 -8.66 28.40
C LEU D 76 9.32 -7.81 28.44
N LYS D 77 9.17 -6.56 28.85
CA LYS D 77 10.30 -5.63 29.00
C LYS D 77 10.67 -5.48 30.47
N GLU D 78 11.92 -5.06 30.71
CA GLU D 78 12.43 -4.77 32.05
C GLU D 78 12.12 -5.90 33.03
N LEU D 79 12.56 -7.11 32.65
CA LEU D 79 12.22 -8.33 33.37
C LEU D 79 12.53 -8.23 34.86
N GLN D 80 11.58 -8.67 35.68
CA GLN D 80 11.74 -8.80 37.11
C GLN D 80 11.65 -10.27 37.50
N MET D 81 12.22 -10.59 38.67
CA MET D 81 12.16 -11.97 39.13
C MET D 81 10.72 -12.45 39.23
N LYS D 82 9.80 -11.56 39.61
CA LYS D 82 8.41 -11.95 39.77
C LYS D 82 7.76 -12.35 38.46
N ASP D 83 8.43 -12.12 37.32
CA ASP D 83 7.90 -12.55 36.03
C ASP D 83 8.15 -14.04 35.76
N SER D 84 8.91 -14.72 36.62
CA SER D 84 9.05 -16.17 36.56
C SER D 84 7.69 -16.83 36.73
N ALA D 85 7.26 -17.56 35.70
CA ALA D 85 5.94 -18.18 35.66
C ALA D 85 5.78 -18.89 34.33
N SER D 86 4.66 -19.57 34.12
CA SER D 86 4.32 -20.10 32.80
C SER D 86 3.40 -19.12 32.10
N TYR D 87 3.51 -19.08 30.78
CA TYR D 87 2.71 -18.21 29.94
C TYR D 87 2.04 -19.12 28.93
N LEU D 88 0.70 -19.09 28.92
CA LEU D 88 -0.09 -20.01 28.12
C LEU D 88 -0.72 -19.19 27.02
N CYS D 89 -0.65 -19.70 25.80
CA CYS D 89 -1.30 -19.11 24.64
CA CYS D 89 -1.36 -19.07 24.69
C CYS D 89 -2.46 -20.00 24.22
N ALA D 90 -3.60 -19.40 23.86
CA ALA D 90 -4.77 -20.16 23.47
C ALA D 90 -5.50 -19.42 22.35
N VAL D 91 -5.96 -20.17 21.36
CA VAL D 91 -6.68 -19.61 20.22
C VAL D 91 -8.13 -20.07 20.23
N LYS D 92 -9.04 -19.15 19.94
CA LYS D 92 -10.45 -19.45 19.74
C LYS D 92 -10.67 -19.80 18.27
N ASP D 93 -11.13 -21.02 17.99
CA ASP D 93 -11.22 -21.49 16.62
C ASP D 93 -12.54 -21.07 15.98
N SER D 94 -12.83 -21.56 14.78
CA SER D 94 -14.02 -21.10 14.05
CA SER D 94 -14.02 -21.11 14.05
C SER D 94 -15.30 -21.42 14.80
N ASN D 95 -15.30 -22.42 15.68
CA ASN D 95 -16.44 -22.80 16.48
C ASN D 95 -16.35 -22.27 17.91
N TYR D 96 -15.47 -21.30 18.15
CA TYR D 96 -15.29 -20.63 19.43
C TYR D 96 -14.78 -21.58 20.51
N GLN D 97 -14.11 -22.64 20.12
CA GLN D 97 -13.50 -23.55 21.08
C GLN D 97 -12.06 -23.09 21.36
N LEU D 98 -11.65 -23.15 22.62
CA LEU D 98 -10.29 -22.77 22.99
C LEU D 98 -9.35 -23.95 22.78
N ILE D 99 -8.30 -23.74 21.98
CA ILE D 99 -7.19 -24.69 21.83
C ILE D 99 -5.99 -24.11 22.56
N TRP D 100 -5.41 -24.88 23.47
CA TRP D 100 -4.41 -24.40 24.40
C TRP D 100 -3.03 -24.88 24.01
N GLY D 101 -2.06 -23.95 23.93
CA GLY D 101 -0.66 -24.36 23.90
C GLY D 101 -0.22 -24.97 25.21
N ALA D 102 0.85 -25.77 25.15
CA ALA D 102 1.32 -26.46 26.36
C ALA D 102 2.04 -25.52 27.34
N GLY D 103 2.15 -24.24 27.01
CA GLY D 103 2.70 -23.27 27.94
C GLY D 103 4.21 -23.19 27.86
N THR D 104 4.72 -21.98 28.07
CA THR D 104 6.15 -21.69 28.15
C THR D 104 6.50 -21.34 29.59
N LYS D 105 7.44 -22.08 30.19
CA LYS D 105 7.97 -21.71 31.49
C LYS D 105 9.09 -20.68 31.31
N LEU D 106 8.96 -19.51 31.93
CA LEU D 106 9.94 -18.43 31.81
C LEU D 106 10.79 -18.39 33.07
N ILE D 107 12.10 -18.54 32.91
CA ILE D 107 13.06 -18.52 34.01
C ILE D 107 13.88 -17.24 33.90
N ILE D 108 13.93 -16.48 34.99
CA ILE D 108 14.64 -15.21 35.02
C ILE D 108 15.93 -15.41 35.80
N LYS D 109 17.04 -15.06 35.19
CA LYS D 109 18.34 -15.18 35.84
C LYS D 109 18.69 -13.88 36.54
N PRO D 110 18.89 -13.88 37.85
CA PRO D 110 19.23 -12.64 38.53
C PRO D 110 20.61 -12.16 38.15
N ASP D 111 20.81 -10.85 38.26
CA ASP D 111 22.12 -10.25 37.98
C ASP D 111 22.90 -10.21 39.29
N ILE D 112 23.84 -11.15 39.44
CA ILE D 112 24.59 -11.27 40.68
C ILE D 112 25.75 -10.29 40.63
N GLN D 113 25.66 -9.22 41.43
CA GLN D 113 26.66 -8.17 41.37
C GLN D 113 28.01 -8.64 41.90
N ASN D 114 28.01 -9.37 43.01
CA ASN D 114 29.25 -9.75 43.70
C ASN D 114 29.28 -11.24 43.94
N PRO D 115 29.45 -12.05 42.89
CA PRO D 115 29.45 -13.51 43.07
C PRO D 115 30.55 -13.92 44.04
N ASP D 116 30.19 -14.76 45.00
CA ASP D 116 31.13 -15.24 46.02
C ASP D 116 30.89 -16.72 46.24
N PRO D 117 31.20 -17.54 45.25
CA PRO D 117 30.83 -18.97 45.30
C PRO D 117 31.43 -19.67 46.51
N ALA D 118 30.61 -20.51 47.16
CA ALA D 118 31.04 -21.20 48.37
C ALA D 118 30.12 -22.39 48.65
N VAL D 119 30.65 -23.38 49.36
CA VAL D 119 29.88 -24.51 49.85
C VAL D 119 30.03 -24.56 51.36
N TYR D 120 28.92 -24.48 52.07
CA TYR D 120 28.92 -24.50 53.52
C TYR D 120 28.26 -25.78 54.04
N GLN D 121 28.62 -26.16 55.26
CA GLN D 121 28.00 -27.28 55.96
C GLN D 121 27.17 -26.74 57.11
N LEU D 122 25.87 -27.03 57.09
CA LEU D 122 24.96 -26.69 58.17
C LEU D 122 24.69 -27.94 58.99
N ARG D 123 24.55 -27.78 60.30
CA ARG D 123 24.29 -28.90 61.19
C ARG D 123 22.83 -28.87 61.64
N ASP D 124 22.27 -30.06 61.87
CA ASP D 124 20.95 -30.16 62.47
C ASP D 124 20.96 -29.42 63.81
N SER D 125 19.89 -28.67 64.08
CA SER D 125 19.74 -27.99 65.37
C SER D 125 19.15 -28.89 66.44
N LYS D 126 19.00 -30.19 66.17
CA LYS D 126 18.44 -31.15 67.12
C LYS D 126 19.25 -32.45 67.26
N SER D 127 20.00 -32.89 66.25
CA SER D 127 20.74 -34.15 66.31
C SER D 127 22.04 -34.04 65.52
N SER D 128 22.52 -35.17 64.97
CA SER D 128 23.74 -35.19 64.17
C SER D 128 23.47 -35.74 62.79
N SER D 131 23.23 -33.22 58.93
CA SER D 131 24.03 -32.23 58.21
C SER D 131 23.70 -32.17 56.70
N VAL D 132 23.52 -30.94 56.20
CA VAL D 132 23.27 -30.68 54.79
C VAL D 132 24.34 -29.72 54.28
N CYS D 133 24.44 -29.65 52.95
CA CYS D 133 25.44 -28.84 52.27
C CYS D 133 24.77 -27.77 51.42
N LEU D 134 25.17 -26.52 51.60
CA LEU D 134 24.63 -25.36 50.89
C LEU D 134 25.67 -24.81 49.92
N PHE D 135 25.39 -24.93 48.62
CA PHE D 135 26.16 -24.24 47.59
C PHE D 135 25.45 -22.93 47.31
N THR D 136 26.16 -21.81 47.43
CA THR D 136 25.48 -20.52 47.39
C THR D 136 26.42 -19.44 46.86
N ASP D 137 25.81 -18.30 46.51
CA ASP D 137 26.49 -17.05 46.16
C ASP D 137 27.25 -17.15 44.85
N PHE D 138 26.88 -18.07 43.98
CA PHE D 138 27.49 -18.18 42.66
C PHE D 138 26.70 -17.39 41.62
N ASP D 139 27.40 -17.04 40.54
CA ASP D 139 26.81 -16.28 39.44
CA ASP D 139 26.80 -16.28 39.45
C ASP D 139 25.75 -17.11 38.71
N SER D 140 24.75 -16.42 38.15
CA SER D 140 23.63 -17.11 37.51
C SER D 140 24.02 -17.92 36.28
N GLN D 141 25.23 -17.73 35.75
CA GLN D 141 25.67 -18.58 34.65
C GLN D 141 25.89 -20.02 35.10
N THR D 142 26.11 -20.24 36.39
CA THR D 142 26.39 -21.59 36.89
C THR D 142 25.14 -22.44 36.90
N ASN D 143 25.26 -23.65 36.36
CA ASN D 143 24.18 -24.62 36.33
C ASN D 143 24.47 -25.72 37.33
N VAL D 144 23.48 -26.07 38.15
CA VAL D 144 23.61 -27.12 39.15
C VAL D 144 23.10 -28.43 38.56
N SER D 145 23.93 -29.46 38.58
CA SER D 145 23.53 -30.76 38.07
C SER D 145 22.93 -31.61 39.19
N GLN D 146 22.04 -32.52 38.79
CA GLN D 146 21.50 -33.50 39.72
C GLN D 146 22.53 -34.59 39.95
N SER D 147 22.65 -35.05 41.19
CA SER D 147 23.55 -36.15 41.51
C SER D 147 23.00 -37.44 40.93
N LYS D 148 23.73 -38.05 39.99
CA LYS D 148 23.28 -39.31 39.42
C LYS D 148 23.23 -40.42 40.46
N ASP D 149 23.95 -40.28 41.57
CA ASP D 149 23.94 -41.27 42.62
C ASP D 149 22.67 -41.19 43.45
N SER D 150 22.09 -42.36 43.75
CA SER D 150 20.91 -42.45 44.60
C SER D 150 21.30 -42.30 46.05
N ASP D 151 20.28 -42.18 46.92
CA ASP D 151 20.44 -41.94 48.35
C ASP D 151 21.16 -40.63 48.66
N VAL D 152 21.47 -39.83 47.64
CA VAL D 152 22.02 -38.50 47.83
C VAL D 152 21.22 -37.54 46.96
N TYR D 153 20.62 -36.54 47.60
CA TYR D 153 19.61 -35.69 46.98
C TYR D 153 20.15 -34.27 46.83
N ILE D 154 20.10 -33.76 45.59
CA ILE D 154 20.52 -32.40 45.29
C ILE D 154 19.34 -31.68 44.65
N THR D 155 19.10 -30.45 45.10
CA THR D 155 17.95 -29.70 44.65
C THR D 155 18.31 -28.77 43.50
N ASP D 156 17.29 -28.17 42.90
CA ASP D 156 17.54 -27.15 41.90
C ASP D 156 18.01 -25.86 42.58
N LYS D 157 18.57 -24.96 41.76
CA LYS D 157 18.98 -23.68 42.30
C LYS D 157 17.78 -22.76 42.46
N CYS D 158 17.79 -21.97 43.54
CA CYS D 158 16.71 -21.08 43.94
CA CYS D 158 16.71 -21.02 43.73
C CYS D 158 17.29 -19.69 44.17
N VAL D 159 16.51 -18.65 43.89
CA VAL D 159 16.94 -17.27 44.06
C VAL D 159 16.16 -16.68 45.23
N LEU D 160 16.86 -16.35 46.31
CA LEU D 160 16.25 -15.62 47.41
C LEU D 160 16.56 -14.14 47.29
N ASP D 161 15.71 -13.32 47.90
CA ASP D 161 15.78 -11.86 47.82
C ASP D 161 15.65 -11.29 49.22
N MET D 162 16.71 -10.64 49.70
CA MET D 162 16.66 -9.91 50.97
C MET D 162 16.33 -8.46 50.64
N ARG D 163 15.02 -8.18 50.55
CA ARG D 163 14.56 -6.96 49.91
C ARG D 163 15.11 -5.71 50.60
N SER D 164 15.23 -5.73 51.93
CA SER D 164 15.67 -4.56 52.66
C SER D 164 17.12 -4.19 52.38
N MET D 165 17.88 -5.09 51.75
CA MET D 165 19.28 -4.84 51.46
C MET D 165 19.60 -4.86 49.97
N ASP D 166 18.60 -5.03 49.10
CA ASP D 166 18.80 -5.03 47.64
C ASP D 166 19.87 -6.04 47.24
N PHE D 167 19.72 -7.27 47.71
CA PHE D 167 20.68 -8.34 47.49
C PHE D 167 19.94 -9.64 47.21
N LYS D 168 20.18 -10.22 46.04
CA LYS D 168 19.72 -11.55 45.71
C LYS D 168 20.91 -12.51 45.63
N SER D 169 20.61 -13.81 45.66
CA SER D 169 21.65 -14.84 45.66
C SER D 169 21.04 -16.16 45.24
N ASN D 170 21.84 -16.95 44.52
CA ASN D 170 21.49 -18.31 44.15
C ASN D 170 21.94 -19.28 45.25
N SER D 171 21.24 -20.42 45.33
CA SER D 171 21.69 -21.48 46.22
C SER D 171 21.11 -22.79 45.75
N ALA D 172 21.82 -23.87 46.06
CA ALA D 172 21.33 -25.22 45.89
C ALA D 172 21.76 -26.04 47.10
N VAL D 173 20.89 -26.97 47.52
CA VAL D 173 21.09 -27.78 48.72
C VAL D 173 21.35 -29.22 48.31
N ALA D 174 22.27 -29.87 49.02
CA ALA D 174 22.57 -31.28 48.87
C ALA D 174 22.56 -31.95 50.24
N TRP D 175 22.02 -33.16 50.32
CA TRP D 175 22.04 -33.87 51.59
C TRP D 175 21.99 -35.37 51.34
N SER D 176 22.41 -36.12 52.36
CA SER D 176 22.47 -37.57 52.26
C SER D 176 22.58 -38.16 53.65
N ASN D 177 21.89 -39.27 53.86
CA ASN D 177 22.03 -40.07 55.08
C ASN D 177 23.12 -41.12 54.96
N LYS D 178 23.52 -41.46 53.74
CA LYS D 178 24.66 -42.32 53.53
C LYS D 178 25.92 -41.67 54.07
N SER D 179 26.76 -42.46 54.72
CA SER D 179 28.08 -41.98 55.16
C SER D 179 29.00 -41.90 53.94
N ASP D 180 30.27 -41.57 54.17
CA ASP D 180 31.23 -41.28 53.11
C ASP D 180 30.76 -40.12 52.22
N PHE D 181 29.89 -39.25 52.75
CA PHE D 181 29.35 -38.10 52.04
C PHE D 181 29.80 -36.83 52.75
N ALA D 182 30.57 -36.00 52.06
CA ALA D 182 31.04 -34.74 52.60
C ALA D 182 30.69 -33.62 51.63
N CYS D 183 30.62 -32.40 52.16
CA CYS D 183 30.33 -31.25 51.31
C CYS D 183 31.42 -30.99 50.29
N ALA D 184 32.59 -31.60 50.46
CA ALA D 184 33.71 -31.36 49.55
C ALA D 184 33.44 -31.90 48.16
N ASN D 185 32.71 -33.01 48.05
CA ASN D 185 32.38 -33.61 46.77
C ASN D 185 30.87 -33.71 46.56
N ALA D 186 30.09 -32.97 47.34
CA ALA D 186 28.64 -33.03 47.22
C ALA D 186 28.19 -32.66 45.81
N PHE D 187 28.82 -31.63 45.24
CA PHE D 187 28.43 -31.09 43.94
C PHE D 187 29.44 -31.45 42.86
N ASN D 188 30.10 -32.60 43.00
CA ASN D 188 31.16 -32.98 42.07
C ASN D 188 30.64 -33.27 40.67
N ASN D 189 29.34 -33.51 40.50
CA ASN D 189 28.77 -33.79 39.20
C ASN D 189 28.35 -32.53 38.44
N SER D 190 28.74 -31.34 38.94
CA SER D 190 28.36 -30.07 38.32
C SER D 190 29.60 -29.20 38.11
N ILE D 191 29.56 -28.37 37.07
CA ILE D 191 30.71 -27.54 36.71
C ILE D 191 30.74 -26.37 37.69
N ILE D 192 31.61 -26.49 38.69
CA ILE D 192 31.66 -25.56 39.83
C ILE D 192 32.74 -24.51 39.58
N PRO D 193 32.49 -23.24 39.89
CA PRO D 193 33.51 -22.19 39.70
C PRO D 193 34.82 -22.51 40.42
N GLU D 194 35.94 -22.20 39.74
CA GLU D 194 37.25 -22.60 40.25
C GLU D 194 37.57 -21.96 41.60
N ASP D 195 37.05 -20.76 41.86
CA ASP D 195 37.34 -20.03 43.09
C ASP D 195 36.35 -20.33 44.21
N THR D 196 35.68 -21.48 44.18
CA THR D 196 34.64 -21.79 45.15
C THR D 196 35.26 -22.07 46.53
N PHE D 197 34.85 -21.26 47.52
CA PHE D 197 35.39 -21.36 48.87
C PHE D 197 34.85 -22.60 49.58
N PHE D 198 35.74 -23.51 49.97
CA PHE D 198 35.39 -24.66 50.80
C PHE D 198 35.98 -24.48 52.18
N PRO D 199 35.20 -24.11 53.19
CA PRO D 199 35.75 -24.00 54.54
C PRO D 199 36.10 -25.37 55.11
N SER D 200 37.19 -25.41 55.90
CA SER D 200 37.68 -26.65 56.50
C SER D 200 36.59 -27.41 57.28
N GLY E 4 -13.81 -14.21 42.55
CA GLY E 4 -14.70 -14.48 41.44
C GLY E 4 -15.19 -15.92 41.39
N VAL E 5 -14.28 -16.85 41.11
CA VAL E 5 -14.62 -18.25 40.97
C VAL E 5 -14.09 -18.99 42.19
N THR E 6 -15.00 -19.61 42.94
CA THR E 6 -14.70 -20.39 44.12
C THR E 6 -14.87 -21.88 43.79
N GLN E 7 -13.84 -22.68 44.08
CA GLN E 7 -13.91 -24.11 43.87
C GLN E 7 -13.27 -24.83 45.04
N THR E 8 -13.76 -26.03 45.33
CA THR E 8 -13.36 -26.85 46.47
C THR E 8 -13.38 -28.31 46.07
N PRO E 9 -12.55 -29.16 46.71
CA PRO E 9 -11.55 -28.86 47.74
C PRO E 9 -10.22 -28.44 47.11
N LYS E 10 -9.28 -27.87 47.86
CA LYS E 10 -7.98 -27.57 47.27
C LYS E 10 -7.15 -28.83 47.08
N PHE E 11 -7.21 -29.75 48.04
CA PHE E 11 -6.46 -30.99 48.03
C PHE E 11 -7.37 -32.15 48.39
N GLN E 12 -7.15 -33.30 47.76
CA GLN E 12 -7.97 -34.46 48.07
C GLN E 12 -7.21 -35.71 47.68
N VAL E 13 -7.01 -36.61 48.62
CA VAL E 13 -6.53 -37.96 48.35
C VAL E 13 -7.73 -38.88 48.17
N LEU E 14 -7.69 -39.73 47.16
CA LEU E 14 -8.75 -40.69 46.88
C LEU E 14 -8.18 -42.07 46.66
N LYS E 15 -8.90 -43.09 47.13
CA LYS E 15 -8.59 -44.47 46.77
C LYS E 15 -9.35 -44.88 45.52
N THR E 16 -8.75 -45.75 44.71
CA THR E 16 -9.38 -46.25 43.50
C THR E 16 -10.78 -46.78 43.79
N GLY E 17 -11.72 -46.46 42.91
CA GLY E 17 -13.10 -46.86 43.05
C GLY E 17 -13.96 -45.91 43.85
N GLN E 18 -13.36 -45.02 44.64
CA GLN E 18 -14.10 -44.03 45.40
C GLN E 18 -14.71 -42.99 44.48
N SER E 19 -15.75 -42.35 44.97
CA SER E 19 -16.47 -41.27 44.28
C SER E 19 -16.09 -39.93 44.88
N MET E 20 -16.32 -38.90 44.10
CA MET E 20 -15.89 -37.56 44.49
CA MET E 20 -15.91 -37.56 44.49
C MET E 20 -16.69 -36.54 43.68
N THR E 21 -17.10 -35.46 44.33
CA THR E 21 -17.67 -34.31 43.64
C THR E 21 -16.80 -33.10 43.92
N LEU E 22 -16.50 -32.35 42.87
CA LEU E 22 -15.81 -31.07 42.98
C LEU E 22 -16.83 -29.95 42.82
N GLN E 23 -16.76 -28.96 43.69
CA GLN E 23 -17.70 -27.84 43.68
C GLN E 23 -17.05 -26.64 43.00
N CYS E 24 -17.86 -25.89 42.26
CA CYS E 24 -17.43 -24.65 41.64
C CYS E 24 -18.61 -23.70 41.58
N ALA E 25 -18.47 -22.52 42.19
CA ALA E 25 -19.46 -21.48 42.10
C ALA E 25 -18.80 -20.19 41.63
N GLN E 26 -19.52 -19.41 40.83
CA GLN E 26 -19.10 -18.08 40.41
C GLN E 26 -20.25 -17.11 40.67
N ASP E 27 -19.90 -15.89 41.10
CA ASP E 27 -20.90 -14.87 41.39
CA ASP E 27 -20.85 -14.85 41.44
C ASP E 27 -20.70 -13.64 40.52
N MET E 28 -20.28 -13.85 39.28
CA MET E 28 -20.08 -12.76 38.33
C MET E 28 -21.19 -12.70 37.30
N ASN E 29 -22.25 -13.48 37.48
CA ASN E 29 -23.38 -13.51 36.54
C ASN E 29 -22.94 -14.01 35.17
N HIS E 30 -21.95 -14.90 35.15
CA HIS E 30 -21.45 -15.48 33.91
C HIS E 30 -22.38 -16.57 33.40
N ASN E 31 -22.41 -16.72 32.08
CA ASN E 31 -23.25 -17.74 31.46
C ASN E 31 -22.55 -19.09 31.32
N SER E 32 -21.26 -19.07 30.97
CA SER E 32 -20.54 -20.27 30.54
C SER E 32 -19.56 -20.72 31.60
N MET E 33 -19.58 -22.01 31.93
CA MET E 33 -18.65 -22.56 32.90
C MET E 33 -17.94 -23.77 32.31
N TYR E 34 -16.78 -24.09 32.89
CA TYR E 34 -15.90 -25.08 32.30
C TYR E 34 -15.17 -25.84 33.40
N TRP E 35 -14.88 -27.12 33.13
CA TRP E 35 -13.98 -27.90 33.97
C TRP E 35 -12.80 -28.36 33.12
N TYR E 36 -11.59 -28.01 33.57
CA TYR E 36 -10.34 -28.35 32.91
C TYR E 36 -9.49 -29.23 33.81
N ARG E 37 -8.64 -30.06 33.22
CA ARG E 37 -7.54 -30.68 33.94
C ARG E 37 -6.21 -30.25 33.34
N GLN E 38 -5.22 -30.05 34.22
CA GLN E 38 -3.89 -29.65 33.80
C GLN E 38 -2.91 -30.75 34.16
N ASP E 39 -2.24 -31.30 33.16
CA ASP E 39 -1.26 -32.33 33.37
C ASP E 39 0.08 -31.90 32.79
N PRO E 40 1.19 -32.33 33.40
CA PRO E 40 2.52 -31.89 32.94
C PRO E 40 2.77 -32.13 31.46
N GLY E 41 3.30 -31.11 30.78
CA GLY E 41 3.71 -31.25 29.40
C GLY E 41 2.61 -31.21 28.36
N MET E 42 1.43 -30.71 28.71
CA MET E 42 0.41 -30.55 27.69
C MET E 42 -0.46 -29.36 28.04
N GLY E 43 -1.27 -28.93 27.08
CA GLY E 43 -2.19 -27.85 27.33
C GLY E 43 -3.37 -28.28 28.17
N LEU E 44 -4.02 -27.29 28.78
CA LEU E 44 -5.27 -27.54 29.47
C LEU E 44 -6.19 -28.37 28.61
N ARG E 45 -6.85 -29.35 29.22
CA ARG E 45 -7.80 -30.18 28.48
C ARG E 45 -9.19 -30.05 29.10
N LEU E 46 -10.15 -29.67 28.26
CA LEU E 46 -11.51 -29.48 28.69
C LEU E 46 -12.18 -30.82 28.94
N ILE E 47 -12.76 -30.99 30.13
CA ILE E 47 -13.45 -32.24 30.48
C ILE E 47 -14.92 -32.12 30.08
N TYR E 48 -15.59 -31.12 30.63
CA TYR E 48 -16.96 -30.79 30.27
C TYR E 48 -17.10 -29.28 30.33
N TYR E 49 -18.17 -28.78 29.74
CA TYR E 49 -18.49 -27.37 29.84
C TYR E 49 -20.00 -27.20 29.82
N SER E 50 -20.44 -26.00 30.13
CA SER E 50 -21.85 -25.65 30.13
C SER E 50 -21.94 -24.26 29.49
N ALA E 51 -22.45 -24.18 28.25
CA ALA E 51 -22.40 -22.90 27.56
C ALA E 51 -23.33 -21.90 28.21
N SER E 52 -24.40 -22.37 28.82
CA SER E 52 -25.33 -21.50 29.53
CA SER E 52 -25.32 -21.50 29.53
C SER E 52 -26.07 -22.35 30.55
N GLU E 53 -26.86 -21.68 31.37
CA GLU E 53 -27.72 -22.37 32.32
C GLU E 53 -28.62 -23.33 31.55
N GLY E 54 -28.76 -24.53 32.08
CA GLY E 54 -29.67 -25.48 31.47
C GLY E 54 -29.13 -26.27 30.30
N THR E 55 -27.82 -26.22 30.05
CA THR E 55 -27.23 -27.12 29.08
C THR E 55 -25.78 -27.40 29.45
N THR E 56 -25.33 -28.61 29.11
CA THR E 56 -23.95 -29.05 29.33
C THR E 56 -23.57 -29.91 28.14
N ASP E 57 -22.26 -30.12 27.95
CA ASP E 57 -21.82 -31.03 26.90
C ASP E 57 -20.39 -31.50 27.14
N LYS E 58 -20.04 -32.59 26.45
CA LYS E 58 -18.72 -33.19 26.56
C LYS E 58 -17.65 -32.22 26.08
N GLY E 59 -16.51 -32.25 26.74
CA GLY E 59 -15.30 -31.65 26.25
C GLY E 59 -14.43 -32.66 25.54
N GLU E 60 -13.12 -32.53 25.74
CA GLU E 60 -12.18 -33.41 25.04
C GLU E 60 -11.91 -34.70 25.80
N VAL E 61 -11.91 -34.66 27.12
CA VAL E 61 -11.61 -35.87 27.89
C VAL E 61 -12.74 -36.16 28.87
N PRO E 62 -13.95 -36.50 28.38
CA PRO E 62 -15.10 -36.67 29.29
C PRO E 62 -15.17 -38.01 30.03
N ASN E 63 -14.46 -39.05 29.60
CA ASN E 63 -14.69 -40.38 30.15
C ASN E 63 -14.20 -40.48 31.58
N GLY E 64 -15.00 -41.12 32.42
CA GLY E 64 -14.74 -41.17 33.84
C GLY E 64 -15.32 -40.00 34.63
N TYR E 65 -15.95 -39.05 33.96
CA TYR E 65 -16.47 -37.87 34.63
C TYR E 65 -17.89 -37.60 34.17
N ASN E 66 -18.58 -36.76 34.95
N ASN E 66 -18.58 -36.80 34.98
CA ASN E 66 -19.80 -36.15 34.49
CA ASN E 66 -19.88 -36.24 34.64
C ASN E 66 -19.97 -34.84 35.23
C ASN E 66 -19.99 -34.85 35.28
N VAL E 67 -20.97 -34.05 34.83
CA VAL E 67 -21.17 -32.73 35.38
C VAL E 67 -22.65 -32.41 35.55
N SER E 68 -22.91 -31.45 36.43
CA SER E 68 -24.25 -30.90 36.61
C SER E 68 -24.15 -29.38 36.67
N ARG E 69 -24.86 -28.70 35.77
CA ARG E 69 -25.06 -27.26 35.86
C ARG E 69 -26.29 -27.08 36.74
N LEU E 70 -26.06 -26.88 38.04
CA LEU E 70 -27.15 -26.89 39.01
C LEU E 70 -28.03 -25.65 38.89
N ASN E 71 -27.45 -24.53 38.49
CA ASN E 71 -28.11 -23.24 38.35
C ASN E 71 -27.09 -22.32 37.66
N LYS E 72 -27.41 -21.03 37.53
CA LYS E 72 -26.50 -20.15 36.80
C LYS E 72 -25.14 -20.03 37.50
N ARG E 73 -25.11 -20.17 38.82
CA ARG E 73 -23.88 -19.95 39.58
C ARG E 73 -22.99 -21.18 39.70
N GLU E 74 -23.54 -22.40 39.72
CA GLU E 74 -22.74 -23.55 40.11
C GLU E 74 -22.67 -24.62 39.02
N PHE E 75 -21.52 -25.29 38.99
CA PHE E 75 -21.19 -26.28 37.96
C PHE E 75 -20.30 -27.32 38.65
N SER E 76 -20.88 -28.45 39.04
CA SER E 76 -20.15 -29.47 39.77
CA SER E 76 -20.14 -29.47 39.77
C SER E 76 -19.53 -30.48 38.81
N LEU E 77 -18.45 -31.10 39.26
CA LEU E 77 -17.72 -32.12 38.51
C LEU E 77 -17.67 -33.38 39.37
N ARG E 78 -18.12 -34.48 38.80
CA ARG E 78 -18.28 -35.72 39.55
C ARG E 78 -17.33 -36.75 38.95
N LEU E 79 -16.56 -37.41 39.82
CA LEU E 79 -15.77 -38.58 39.46
C LEU E 79 -16.53 -39.80 39.99
N GLU E 80 -17.13 -40.57 39.08
CA GLU E 80 -18.01 -41.65 39.52
C GLU E 80 -17.23 -42.78 40.18
N SER E 81 -16.08 -43.14 39.62
CA SER E 81 -15.31 -44.27 40.16
C SER E 81 -13.83 -43.98 39.87
N ALA E 82 -13.17 -43.34 40.83
CA ALA E 82 -11.87 -42.74 40.56
C ALA E 82 -10.84 -43.79 40.18
N ALA E 83 -9.99 -43.42 39.22
CA ALA E 83 -8.87 -44.21 38.74
C ALA E 83 -7.58 -43.40 38.86
N PRO E 84 -6.43 -44.05 38.95
CA PRO E 84 -5.18 -43.31 39.13
C PRO E 84 -4.84 -42.37 37.98
N SER E 85 -5.30 -42.65 36.75
CA SER E 85 -5.05 -41.73 35.64
C SER E 85 -5.72 -40.38 35.84
N GLN E 86 -6.66 -40.30 36.79
CA GLN E 86 -7.39 -39.09 37.09
C GLN E 86 -6.67 -38.22 38.11
N THR E 87 -5.51 -38.67 38.60
CA THR E 87 -4.64 -37.84 39.41
C THR E 87 -4.20 -36.64 38.60
N SER E 88 -4.62 -35.44 39.00
CA SER E 88 -4.33 -34.25 38.20
C SER E 88 -4.68 -33.02 39.01
N VAL E 89 -4.52 -31.87 38.36
CA VAL E 89 -4.94 -30.58 38.91
C VAL E 89 -6.16 -30.13 38.11
N TYR E 90 -7.26 -29.93 38.81
CA TYR E 90 -8.52 -29.57 38.19
C TYR E 90 -8.73 -28.08 38.38
N PHE E 91 -9.15 -27.42 37.30
CA PHE E 91 -9.50 -26.01 37.30
C PHE E 91 -10.90 -25.84 36.76
N CYS E 92 -11.74 -25.10 37.47
CA CYS E 92 -13.01 -24.61 36.95
CA CYS E 92 -12.99 -24.64 36.89
C CYS E 92 -12.83 -23.17 36.49
N ALA E 93 -13.62 -22.77 35.51
CA ALA E 93 -13.54 -21.43 34.97
C ALA E 93 -14.91 -21.01 34.45
N SER E 94 -15.09 -19.70 34.30
CA SER E 94 -16.31 -19.15 33.73
C SER E 94 -15.95 -17.97 32.85
N SER E 95 -16.80 -17.71 31.87
CA SER E 95 -16.71 -16.49 31.07
C SER E 95 -18.12 -15.97 30.89
N VAL E 96 -18.22 -14.69 30.55
CA VAL E 96 -19.54 -14.09 30.38
CA VAL E 96 -19.54 -14.08 30.37
C VAL E 96 -20.35 -14.83 29.32
N TRP E 97 -19.69 -15.40 28.31
CA TRP E 97 -20.36 -16.17 27.26
C TRP E 97 -19.31 -16.82 26.34
N THR E 98 -19.57 -18.09 25.98
CA THR E 98 -18.55 -18.79 25.21
CA THR E 98 -18.64 -18.90 25.15
C THR E 98 -18.53 -18.36 23.74
N GLY E 99 -19.68 -18.09 23.13
CA GLY E 99 -19.69 -17.74 21.72
C GLY E 99 -19.41 -16.30 21.39
N GLU E 100 -18.47 -15.70 22.12
CA GLU E 100 -17.95 -14.38 21.83
C GLU E 100 -16.43 -14.45 21.90
N GLY E 101 -15.76 -13.93 20.88
CA GLY E 101 -14.35 -14.21 20.74
C GLY E 101 -13.48 -13.62 21.83
N SER E 102 -13.90 -12.49 22.40
CA SER E 102 -12.99 -11.70 23.22
C SER E 102 -13.14 -11.92 24.72
N GLY E 103 -14.26 -12.47 25.18
CA GLY E 103 -14.44 -12.68 26.61
C GLY E 103 -13.43 -13.69 27.13
N GLU E 104 -12.64 -13.31 28.13
CA GLU E 104 -11.62 -14.21 28.66
C GLU E 104 -12.21 -15.13 29.72
N LEU E 105 -11.40 -16.10 30.15
CA LEU E 105 -11.77 -17.00 31.23
C LEU E 105 -11.32 -16.46 32.56
N PHE E 106 -12.12 -16.74 33.59
CA PHE E 106 -11.77 -16.50 34.99
C PHE E 106 -11.69 -17.86 35.67
N PHE E 107 -10.55 -18.16 36.30
CA PHE E 107 -10.22 -19.50 36.80
C PHE E 107 -10.38 -19.59 38.31
N GLY E 108 -10.85 -20.75 38.78
CA GLY E 108 -10.79 -21.07 40.19
C GLY E 108 -9.35 -21.34 40.61
N GLU E 109 -9.17 -21.55 41.92
CA GLU E 109 -7.82 -21.71 42.45
C GLU E 109 -7.24 -23.10 42.21
N GLY E 110 -8.01 -24.01 41.65
CA GLY E 110 -7.46 -25.33 41.40
C GLY E 110 -7.73 -26.30 42.53
N SER E 111 -7.92 -27.56 42.16
CA SER E 111 -8.07 -28.68 43.07
C SER E 111 -7.05 -29.75 42.71
N ARG E 112 -6.24 -30.16 43.68
CA ARG E 112 -5.26 -31.21 43.48
C ARG E 112 -5.84 -32.52 43.99
N LEU E 113 -5.99 -33.50 43.08
CA LEU E 113 -6.53 -34.81 43.41
C LEU E 113 -5.49 -35.86 43.10
N THR E 114 -5.24 -36.74 44.07
CA THR E 114 -4.38 -37.89 43.90
C THR E 114 -5.21 -39.14 44.13
N VAL E 115 -5.19 -40.05 43.16
CA VAL E 115 -5.86 -41.33 43.27
C VAL E 115 -4.81 -42.40 43.46
N LEU E 116 -4.94 -43.19 44.52
CA LEU E 116 -4.02 -44.26 44.86
C LEU E 116 -4.76 -45.59 44.94
N GLU E 117 -4.07 -46.67 44.57
CA GLU E 117 -4.65 -48.00 44.72
C GLU E 117 -5.00 -48.29 46.17
N ASP E 118 -4.13 -47.90 47.10
CA ASP E 118 -4.42 -48.00 48.53
C ASP E 118 -3.71 -46.85 49.23
N LEU E 119 -4.16 -46.57 50.45
CA LEU E 119 -3.68 -45.41 51.20
C LEU E 119 -2.47 -45.71 52.07
N LYS E 120 -1.84 -46.88 51.90
CA LYS E 120 -0.81 -47.30 52.84
C LYS E 120 0.54 -46.62 52.63
N ASN E 121 0.76 -45.93 51.50
CA ASN E 121 1.99 -45.18 51.32
CA ASN E 121 1.97 -45.16 51.27
C ASN E 121 1.84 -43.70 51.67
N VAL E 122 0.69 -43.30 52.18
CA VAL E 122 0.51 -41.90 52.56
C VAL E 122 1.28 -41.65 53.86
N PHE E 123 2.18 -40.66 53.83
CA PHE E 123 3.02 -40.30 54.97
C PHE E 123 3.12 -38.78 55.10
N PRO E 124 3.03 -38.24 56.31
CA PRO E 124 3.28 -36.81 56.49
C PRO E 124 4.77 -36.52 56.46
N PRO E 125 5.17 -35.27 56.29
CA PRO E 125 6.61 -34.97 56.22
C PRO E 125 7.27 -35.03 57.58
N GLU E 126 8.54 -35.42 57.57
CA GLU E 126 9.43 -35.12 58.66
C GLU E 126 10.15 -33.82 58.34
N VAL E 127 10.18 -32.89 59.30
CA VAL E 127 10.72 -31.56 59.09
C VAL E 127 11.92 -31.35 60.00
N ALA E 128 12.98 -30.75 59.45
CA ALA E 128 14.15 -30.42 60.24
C ALA E 128 14.76 -29.11 59.74
N VAL E 129 15.29 -28.34 60.68
CA VAL E 129 15.90 -27.04 60.41
C VAL E 129 17.39 -27.14 60.67
N PHE E 130 18.18 -26.60 59.76
CA PHE E 130 19.62 -26.65 59.86
C PHE E 130 20.15 -25.24 60.04
N GLU E 131 20.96 -25.05 61.08
CA GLU E 131 21.41 -23.74 61.52
C GLU E 131 22.53 -23.21 60.63
N PRO E 132 22.68 -21.89 60.54
CA PRO E 132 23.68 -21.31 59.64
C PRO E 132 25.11 -21.66 60.03
N SER E 133 25.91 -21.95 59.01
CA SER E 133 27.33 -22.24 59.20
C SER E 133 28.08 -21.02 59.73
N GLU E 134 28.89 -21.22 60.76
CA GLU E 134 29.74 -20.14 61.24
C GLU E 134 30.66 -19.62 60.13
N ALA E 135 30.99 -20.47 59.15
CA ALA E 135 31.85 -20.04 58.06
C ALA E 135 31.14 -19.06 57.15
N GLU E 136 29.85 -19.29 56.84
CA GLU E 136 29.10 -18.31 56.07
C GLU E 136 29.02 -16.98 56.82
N ILE E 137 28.82 -17.02 58.13
CA ILE E 137 28.71 -15.80 58.92
C ILE E 137 30.00 -14.99 58.83
N SER E 138 31.15 -15.66 58.91
CA SER E 138 32.43 -14.96 58.84
C SER E 138 32.76 -14.50 57.44
N HIS E 139 32.31 -15.25 56.43
CA HIS E 139 32.71 -14.99 55.05
C HIS E 139 31.80 -14.00 54.34
N THR E 140 30.55 -13.86 54.79
CA THR E 140 29.58 -13.00 54.12
C THR E 140 28.82 -12.05 55.05
N GLN E 141 28.87 -12.26 56.37
CA GLN E 141 28.05 -11.56 57.36
C GLN E 141 26.55 -11.85 57.20
N LYS E 142 26.21 -12.89 56.44
CA LYS E 142 24.84 -13.36 56.31
C LYS E 142 24.76 -14.78 56.84
N ALA E 143 23.55 -15.15 57.27
CA ALA E 143 23.29 -16.47 57.84
C ALA E 143 22.09 -17.08 57.13
N THR E 144 22.25 -18.28 56.59
CA THR E 144 21.20 -18.99 55.89
C THR E 144 20.71 -20.16 56.74
N LEU E 145 19.39 -20.25 56.92
CA LEU E 145 18.74 -21.40 57.54
C LEU E 145 18.10 -22.24 56.45
N VAL E 146 18.25 -23.56 56.55
CA VAL E 146 17.69 -24.48 55.57
C VAL E 146 16.65 -25.36 56.26
N CYS E 147 15.50 -25.50 55.64
CA CYS E 147 14.46 -26.41 56.09
C CYS E 147 14.42 -27.62 55.17
N LEU E 148 14.16 -28.80 55.74
CA LEU E 148 13.99 -30.01 54.95
C LEU E 148 12.71 -30.72 55.38
N ALA E 149 11.80 -30.91 54.44
CA ALA E 149 10.63 -31.75 54.60
C ALA E 149 10.87 -33.02 53.79
N THR E 150 10.94 -34.16 54.45
CA THR E 150 11.29 -35.40 53.78
C THR E 150 10.29 -36.52 54.06
N GLY E 151 10.27 -37.48 53.13
CA GLY E 151 9.52 -38.70 53.31
C GLY E 151 8.01 -38.57 53.18
N PHE E 152 7.50 -37.49 52.61
CA PHE E 152 6.06 -37.38 52.53
C PHE E 152 5.54 -37.95 51.21
N TYR E 153 4.24 -38.27 51.22
CA TYR E 153 3.49 -38.82 50.10
C TYR E 153 2.00 -38.69 50.43
N PRO E 154 1.19 -38.18 49.50
CA PRO E 154 1.52 -37.67 48.17
C PRO E 154 2.18 -36.30 48.21
N ASP E 155 2.34 -35.65 47.05
CA ASP E 155 3.00 -34.34 46.94
C ASP E 155 1.98 -33.25 47.21
N HIS E 156 1.65 -33.08 48.49
CA HIS E 156 0.63 -32.13 48.95
C HIS E 156 1.21 -31.36 50.13
N VAL E 157 2.15 -30.44 49.88
CA VAL E 157 2.72 -29.64 50.95
C VAL E 157 2.70 -28.17 50.59
N GLU E 158 2.71 -27.35 51.64
CA GLU E 158 2.96 -25.91 51.54
C GLU E 158 3.90 -25.56 52.68
N LEU E 159 5.00 -24.90 52.36
CA LEU E 159 6.02 -24.59 53.34
C LEU E 159 6.09 -23.09 53.59
N SER E 160 6.38 -22.69 54.83
CA SER E 160 6.49 -21.29 55.22
C SER E 160 7.48 -21.11 56.36
N TRP E 161 7.91 -19.86 56.58
CA TRP E 161 8.89 -19.51 57.62
C TRP E 161 8.29 -18.53 58.62
N TRP E 162 8.50 -18.80 59.91
CA TRP E 162 7.99 -17.98 61.00
C TRP E 162 9.15 -17.52 61.87
N VAL E 163 9.20 -16.23 62.16
CA VAL E 163 10.25 -15.64 62.99
C VAL E 163 9.58 -14.83 64.09
N ASN E 164 9.73 -15.27 65.34
CA ASN E 164 9.08 -14.64 66.48
C ASN E 164 7.56 -14.65 66.33
N GLY E 165 7.04 -15.74 65.77
CA GLY E 165 5.61 -15.95 65.66
C GLY E 165 4.94 -15.25 64.49
N LYS E 166 5.68 -14.52 63.65
CA LYS E 166 5.13 -13.81 62.51
C LYS E 166 5.66 -14.41 61.21
N GLU E 167 4.83 -14.34 60.16
CA GLU E 167 5.21 -14.89 58.85
C GLU E 167 6.16 -13.94 58.12
N VAL E 168 7.21 -14.51 57.52
CA VAL E 168 8.24 -13.73 56.82
C VAL E 168 8.42 -14.28 55.41
N HIS E 169 8.68 -13.37 54.46
CA HIS E 169 8.88 -13.72 53.06
C HIS E 169 10.19 -13.22 52.48
N SER E 170 10.79 -12.17 53.04
CA SER E 170 12.06 -11.69 52.54
C SER E 170 13.16 -12.68 52.88
N GLY E 171 14.10 -12.82 51.96
CA GLY E 171 15.20 -13.74 52.16
C GLY E 171 14.80 -15.20 52.15
N VAL E 172 13.74 -15.55 51.42
CA VAL E 172 13.23 -16.91 51.38
C VAL E 172 13.18 -17.38 49.93
N CYS E 173 13.59 -18.62 49.69
CA CYS E 173 13.27 -19.32 48.47
CA CYS E 173 13.19 -19.31 48.48
C CYS E 173 13.04 -20.78 48.81
N THR E 174 11.96 -21.36 48.29
CA THR E 174 11.57 -22.73 48.51
C THR E 174 11.51 -23.43 47.15
N ASP E 175 12.02 -24.65 47.10
CA ASP E 175 11.99 -25.43 45.85
C ASP E 175 10.59 -25.36 45.25
N PRO E 176 10.46 -24.97 43.98
CA PRO E 176 9.12 -24.97 43.36
C PRO E 176 8.49 -26.35 43.29
N GLN E 177 9.28 -27.40 43.12
CA GLN E 177 8.74 -28.74 43.12
C GLN E 177 9.61 -29.64 44.01
N PRO E 178 9.00 -30.52 44.78
CA PRO E 178 9.78 -31.50 45.53
C PRO E 178 10.47 -32.47 44.60
N LEU E 179 11.46 -33.18 45.15
CA LEU E 179 12.14 -34.20 44.38
C LEU E 179 11.78 -35.59 44.93
N LYS E 180 11.98 -36.60 44.10
CA LYS E 180 11.61 -37.97 44.45
C LYS E 180 12.76 -38.63 45.19
N GLU E 181 12.46 -39.22 46.36
CA GLU E 181 13.48 -39.91 47.13
C GLU E 181 13.81 -41.26 46.53
N GLN E 182 12.94 -41.82 45.69
CA GLN E 182 13.14 -43.13 45.09
C GLN E 182 12.71 -43.04 43.63
N PRO E 183 13.51 -42.35 42.80
CA PRO E 183 13.05 -42.01 41.43
C PRO E 183 12.67 -43.22 40.60
N ALA E 184 13.17 -44.41 40.91
CA ALA E 184 12.85 -45.60 40.16
C ALA E 184 11.50 -46.22 40.55
N LEU E 185 10.88 -45.80 41.64
CA LEU E 185 9.60 -46.35 42.08
C LEU E 185 8.46 -45.45 41.62
N ASN E 186 7.35 -46.08 41.19
CA ASN E 186 6.20 -45.29 40.79
C ASN E 186 5.50 -44.63 41.97
N ASP E 187 5.74 -45.08 43.20
CA ASP E 187 5.18 -44.44 44.38
C ASP E 187 6.26 -43.90 45.30
N SER E 188 7.32 -43.35 44.71
CA SER E 188 8.38 -42.68 45.47
C SER E 188 7.79 -41.64 46.41
N ARG E 189 8.35 -41.57 47.62
CA ARG E 189 8.03 -40.44 48.48
C ARG E 189 8.86 -39.23 48.10
N TYR E 190 8.58 -38.09 48.74
CA TYR E 190 9.05 -36.79 48.26
C TYR E 190 9.85 -36.06 49.32
N ALA E 191 10.67 -35.11 48.85
CA ALA E 191 11.48 -34.25 49.70
C ALA E 191 11.42 -32.81 49.18
N LEU E 192 11.35 -31.86 50.11
CA LEU E 192 11.28 -30.44 49.78
C LEU E 192 12.24 -29.65 50.65
N SER E 193 12.95 -28.69 50.07
CA SER E 193 13.90 -27.86 50.79
C SER E 193 13.57 -26.38 50.59
N SER E 194 14.02 -25.57 51.56
CA SER E 194 13.80 -24.14 51.53
C SER E 194 14.91 -23.48 52.32
N ARG E 195 15.14 -22.19 52.04
CA ARG E 195 16.16 -21.40 52.74
C ARG E 195 15.57 -20.08 53.23
N LEU E 196 15.98 -19.70 54.43
CA LEU E 196 15.75 -18.36 54.96
C LEU E 196 17.10 -17.75 55.28
N ARG E 197 17.48 -16.70 54.55
CA ARG E 197 18.76 -16.03 54.78
C ARG E 197 18.49 -14.70 55.49
N VAL E 198 19.19 -14.47 56.60
CA VAL E 198 19.05 -13.26 57.39
C VAL E 198 20.45 -12.68 57.61
N SER E 199 20.48 -11.47 58.18
CA SER E 199 21.75 -10.88 58.56
C SER E 199 22.36 -11.65 59.73
N ALA E 200 23.69 -11.64 59.79
CA ALA E 200 24.38 -12.34 60.88
C ALA E 200 23.96 -11.81 62.24
N THR E 201 23.82 -10.49 62.37
CA THR E 201 23.36 -9.91 63.63
CA THR E 201 23.37 -9.92 63.63
C THR E 201 22.03 -10.52 64.05
N PHE E 202 21.09 -10.62 63.11
CA PHE E 202 19.77 -11.13 63.44
C PHE E 202 19.82 -12.59 63.89
N TRP E 203 20.76 -13.37 63.36
CA TRP E 203 20.90 -14.75 63.81
C TRP E 203 21.52 -14.84 65.20
N GLN E 204 22.52 -14.00 65.48
CA GLN E 204 23.26 -14.07 66.74
C GLN E 204 22.48 -13.49 67.92
N ASN E 205 21.24 -13.05 67.72
CA ASN E 205 20.41 -12.53 68.79
C ASN E 205 19.52 -13.65 69.33
N PRO E 206 19.71 -14.09 70.58
CA PRO E 206 18.90 -15.19 71.11
C PRO E 206 17.44 -14.84 71.34
N ARG E 207 17.05 -13.57 71.20
CA ARG E 207 15.64 -13.20 71.30
C ARG E 207 14.86 -13.52 70.04
N ASN E 208 15.51 -14.11 69.04
CA ASN E 208 14.88 -14.42 67.76
C ASN E 208 14.67 -15.92 67.63
N HIS E 209 13.40 -16.32 67.59
CA HIS E 209 13.00 -17.71 67.38
C HIS E 209 12.64 -17.89 65.90
N PHE E 210 13.21 -18.91 65.28
CA PHE E 210 12.94 -19.25 63.89
C PHE E 210 12.22 -20.58 63.83
N ARG E 211 11.20 -20.67 62.98
CA ARG E 211 10.45 -21.92 62.83
C ARG E 211 10.10 -22.14 61.37
N CYS E 212 10.34 -23.35 60.88
CA CYS E 212 9.92 -23.78 59.55
C CYS E 212 8.60 -24.54 59.69
N GLN E 213 7.61 -24.18 58.89
CA GLN E 213 6.28 -24.77 58.98
C GLN E 213 5.91 -25.45 57.67
N VAL E 214 5.35 -26.65 57.77
CA VAL E 214 4.91 -27.41 56.60
C VAL E 214 3.48 -27.86 56.85
N GLN E 215 2.55 -27.35 56.05
CA GLN E 215 1.20 -27.87 55.97
C GLN E 215 1.21 -29.10 55.06
N PHE E 216 0.63 -30.20 55.53
CA PHE E 216 0.55 -31.42 54.74
C PHE E 216 -0.91 -31.78 54.54
N TYR E 217 -1.28 -32.09 53.31
CA TYR E 217 -2.66 -32.42 52.96
C TYR E 217 -2.72 -33.92 52.70
N GLY E 218 -3.26 -34.67 53.67
CA GLY E 218 -3.36 -36.11 53.59
C GLY E 218 -4.77 -36.65 53.75
N LEU E 219 -4.94 -37.68 54.57
CA LEU E 219 -6.24 -38.33 54.70
C LEU E 219 -7.22 -37.43 55.44
N SER E 220 -8.50 -37.58 55.11
CA SER E 220 -9.55 -36.84 55.79
C SER E 220 -10.03 -37.61 57.00
N GLU E 221 -10.91 -36.97 57.79
CA GLU E 221 -11.31 -37.57 59.05
C GLU E 221 -12.00 -38.91 58.85
N ASN E 222 -12.70 -39.09 57.73
CA ASN E 222 -13.59 -40.23 57.52
C ASN E 222 -12.96 -41.34 56.67
N ASP E 223 -11.64 -41.50 56.72
CA ASP E 223 -10.94 -42.53 55.97
C ASP E 223 -10.52 -43.64 56.92
N GLU E 224 -10.81 -44.89 56.56
CA GLU E 224 -10.49 -46.00 57.43
C GLU E 224 -8.97 -46.17 57.54
N TRP E 225 -8.50 -46.47 58.75
CA TRP E 225 -7.08 -46.66 59.00
C TRP E 225 -6.91 -47.76 60.04
N THR E 226 -6.15 -48.80 59.70
CA THR E 226 -5.94 -49.94 60.58
C THR E 226 -4.50 -50.10 61.05
N GLN E 227 -3.53 -49.46 60.40
CA GLN E 227 -2.12 -49.73 60.65
C GLN E 227 -1.70 -49.26 62.03
N ASP E 228 -0.54 -49.77 62.47
CA ASP E 228 -0.02 -49.43 63.79
C ASP E 228 0.50 -47.99 63.83
N ARG E 229 1.02 -47.49 62.72
CA ARG E 229 1.44 -46.11 62.64
C ARG E 229 0.23 -45.17 62.55
N ALA E 230 0.42 -43.95 63.04
CA ALA E 230 -0.68 -43.01 63.16
C ALA E 230 -1.29 -42.69 61.79
N LYS E 231 -2.58 -42.40 61.81
CA LYS E 231 -3.31 -42.07 60.59
C LYS E 231 -2.69 -40.85 59.91
N PRO E 232 -2.21 -40.97 58.67
CA PRO E 232 -1.55 -39.81 58.02
C PRO E 232 -2.52 -38.69 57.63
N VAL E 233 -3.12 -38.04 58.62
CA VAL E 233 -4.15 -37.03 58.39
C VAL E 233 -3.50 -35.74 57.95
N THR E 234 -4.33 -34.81 57.47
CA THR E 234 -3.87 -33.44 57.21
C THR E 234 -3.37 -32.84 58.51
N GLN E 235 -2.20 -32.23 58.47
CA GLN E 235 -1.57 -31.78 59.71
C GLN E 235 -0.45 -30.80 59.39
N ILE E 236 -0.04 -30.05 60.40
CA ILE E 236 1.14 -29.19 60.31
C ILE E 236 2.29 -29.89 61.00
N VAL E 237 3.47 -29.85 60.38
CA VAL E 237 4.70 -30.31 61.00
C VAL E 237 5.67 -29.13 61.00
N SER E 238 6.38 -28.94 62.10
CA SER E 238 7.29 -27.82 62.25
C SER E 238 8.62 -28.28 62.84
N ALA E 239 9.65 -27.49 62.59
CA ALA E 239 10.93 -27.60 63.27
C ALA E 239 11.43 -26.19 63.51
N GLU E 240 12.16 -26.00 64.60
CA GLU E 240 12.49 -24.66 65.06
C GLU E 240 13.99 -24.57 65.37
N ALA E 241 14.43 -23.33 65.57
CA ALA E 241 15.79 -23.06 66.00
C ALA E 241 15.83 -21.66 66.60
N TRP E 242 16.52 -21.52 67.73
CA TRP E 242 16.72 -20.23 68.35
C TRP E 242 18.04 -19.63 67.89
N GLY E 243 18.06 -18.30 67.79
CA GLY E 243 19.30 -17.62 67.44
C GLY E 243 20.36 -17.87 68.49
N ARG E 244 21.61 -18.03 68.04
CA ARG E 244 22.74 -18.32 68.91
C ARG E 244 23.80 -17.23 68.80
N ILE F 2 -44.47 -1.55 15.35
CA ILE F 2 -45.62 -1.38 14.47
C ILE F 2 -45.96 -2.73 13.87
N GLN F 3 -47.17 -2.87 13.36
CA GLN F 3 -47.62 -4.11 12.76
C GLN F 3 -47.77 -3.91 11.26
N ARG F 4 -47.55 -4.98 10.51
CA ARG F 4 -47.63 -4.95 9.05
C ARG F 4 -48.50 -6.11 8.60
N THR F 5 -49.54 -5.79 7.84
CA THR F 5 -50.48 -6.81 7.39
C THR F 5 -49.89 -7.55 6.18
N PRO F 6 -50.24 -8.83 6.00
CA PRO F 6 -49.57 -9.64 4.98
C PRO F 6 -49.97 -9.28 3.56
N LYS F 7 -48.99 -9.28 2.68
CA LYS F 7 -49.25 -9.36 1.25
C LYS F 7 -49.51 -10.82 0.89
N ILE F 8 -50.51 -11.05 0.05
CA ILE F 8 -50.94 -12.41 -0.27
C ILE F 8 -51.03 -12.54 -1.78
N GLN F 9 -50.24 -13.45 -2.35
CA GLN F 9 -50.20 -13.62 -3.78
C GLN F 9 -50.43 -15.09 -4.11
N VAL F 10 -51.36 -15.34 -5.02
CA VAL F 10 -51.78 -16.69 -5.38
C VAL F 10 -51.54 -16.86 -6.86
N TYR F 11 -50.78 -17.89 -7.24
CA TYR F 11 -50.38 -18.01 -8.62
C TYR F 11 -49.90 -19.43 -8.86
N SER F 12 -50.02 -19.88 -10.10
CA SER F 12 -49.59 -21.23 -10.44
C SER F 12 -48.09 -21.29 -10.69
N ARG F 13 -47.50 -22.46 -10.43
CA ARG F 13 -46.08 -22.68 -10.71
C ARG F 13 -45.77 -22.47 -12.19
N HIS F 14 -46.58 -23.07 -13.07
CA HIS F 14 -46.47 -22.96 -14.51
C HIS F 14 -47.68 -22.22 -15.08
N PRO F 15 -47.57 -21.66 -16.29
CA PRO F 15 -48.75 -21.08 -16.94
C PRO F 15 -49.91 -22.08 -16.97
N ALA F 16 -51.09 -21.62 -16.55
CA ALA F 16 -52.21 -22.51 -16.24
C ALA F 16 -53.00 -22.88 -17.49
N GLU F 17 -53.32 -24.16 -17.62
CA GLU F 17 -54.22 -24.64 -18.67
C GLU F 17 -55.11 -25.69 -18.03
N ASN F 18 -56.42 -25.61 -18.31
CA ASN F 18 -57.37 -26.52 -17.68
C ASN F 18 -57.08 -27.97 -18.08
N GLY F 19 -57.13 -28.86 -17.09
CA GLY F 19 -56.91 -30.26 -17.33
C GLY F 19 -55.47 -30.71 -17.29
N LYS F 20 -54.52 -29.79 -17.13
CA LYS F 20 -53.10 -30.12 -17.06
C LYS F 20 -52.60 -29.93 -15.64
N SER F 21 -51.93 -30.96 -15.12
CA SER F 21 -51.43 -30.91 -13.76
C SER F 21 -50.49 -29.72 -13.57
N ASN F 22 -50.49 -29.19 -12.35
CA ASN F 22 -49.80 -27.94 -12.04
C ASN F 22 -49.62 -27.86 -10.53
N PHE F 23 -49.10 -26.73 -10.06
CA PHE F 23 -49.00 -26.47 -8.63
C PHE F 23 -49.58 -25.10 -8.35
N LEU F 24 -50.31 -24.98 -7.24
CA LEU F 24 -50.91 -23.72 -6.83
C LEU F 24 -50.15 -23.19 -5.62
N ASN F 25 -49.62 -21.98 -5.74
CA ASN F 25 -48.78 -21.35 -4.74
C ASN F 25 -49.53 -20.24 -4.01
N CYS F 26 -49.26 -20.12 -2.72
CA CYS F 26 -49.71 -18.95 -1.97
C CYS F 26 -48.51 -18.40 -1.21
N TYR F 27 -48.05 -17.24 -1.64
CA TYR F 27 -46.86 -16.59 -1.10
C TYR F 27 -47.33 -15.44 -0.21
N VAL F 28 -47.04 -15.54 1.08
CA VAL F 28 -47.56 -14.60 2.08
C VAL F 28 -46.35 -13.89 2.66
N SER F 29 -46.31 -12.55 2.56
CA SER F 29 -45.04 -11.87 2.82
C SER F 29 -45.25 -10.48 3.40
N GLY F 30 -44.17 -9.94 3.96
CA GLY F 30 -44.20 -8.58 4.46
C GLY F 30 -44.99 -8.38 5.71
N PHE F 31 -45.19 -9.41 6.51
CA PHE F 31 -45.99 -9.26 7.71
C PHE F 31 -45.11 -9.24 8.94
N HIS F 32 -45.68 -8.63 9.99
CA HIS F 32 -45.12 -8.49 11.32
C HIS F 32 -46.27 -8.22 12.28
N PRO F 33 -46.40 -8.94 13.41
CA PRO F 33 -45.47 -9.95 13.96
C PRO F 33 -45.58 -11.33 13.27
N SER F 34 -44.96 -12.39 13.80
CA SER F 34 -44.74 -13.61 13.01
C SER F 34 -45.89 -14.60 13.02
N ASP F 35 -46.76 -14.57 14.04
CA ASP F 35 -47.84 -15.55 14.13
C ASP F 35 -48.79 -15.38 12.96
N ILE F 36 -48.98 -16.47 12.19
CA ILE F 36 -49.81 -16.41 11.00
C ILE F 36 -50.41 -17.79 10.76
N GLU F 37 -51.57 -17.80 10.11
CA GLU F 37 -52.26 -19.04 9.76
C GLU F 37 -52.66 -18.98 8.30
N VAL F 38 -52.33 -20.00 7.53
CA VAL F 38 -52.59 -20.01 6.10
C VAL F 38 -53.22 -21.35 5.71
N ASP F 39 -54.26 -21.29 4.89
CA ASP F 39 -54.85 -22.48 4.28
C ASP F 39 -55.12 -22.24 2.81
N LEU F 40 -54.99 -23.29 2.03
CA LEU F 40 -55.44 -23.30 0.64
C LEU F 40 -56.83 -23.92 0.58
N LEU F 41 -57.75 -23.27 -0.11
CA LEU F 41 -59.12 -23.72 -0.28
C LEU F 41 -59.37 -24.12 -1.72
N LYS F 42 -60.18 -25.17 -1.91
CA LYS F 42 -60.77 -25.55 -3.19
C LYS F 42 -62.28 -25.49 -3.01
N ASN F 43 -62.95 -24.62 -3.76
CA ASN F 43 -64.39 -24.44 -3.62
C ASN F 43 -64.79 -24.18 -2.17
N GLY F 44 -63.98 -23.38 -1.48
CA GLY F 44 -64.31 -22.95 -0.13
C GLY F 44 -63.93 -23.90 0.99
N GLU F 45 -63.51 -25.12 0.68
CA GLU F 45 -63.16 -26.12 1.68
C GLU F 45 -61.65 -26.30 1.74
N ARG F 46 -61.12 -26.47 2.96
CA ARG F 46 -59.69 -26.59 3.17
C ARG F 46 -59.12 -27.80 2.42
N ILE F 47 -57.92 -27.60 1.82
CA ILE F 47 -57.19 -28.69 1.16
C ILE F 47 -56.23 -29.32 2.15
N GLU F 48 -56.16 -30.64 2.15
CA GLU F 48 -55.49 -31.35 3.24
C GLU F 48 -54.00 -31.54 3.00
N LYS F 49 -53.60 -31.93 1.78
CA LYS F 49 -52.19 -32.19 1.48
C LYS F 49 -51.53 -30.92 0.97
N VAL F 50 -51.14 -30.06 1.90
CA VAL F 50 -50.55 -28.76 1.57
C VAL F 50 -49.15 -28.68 2.17
N GLU F 51 -48.16 -28.48 1.32
CA GLU F 51 -46.78 -28.25 1.73
C GLU F 51 -46.56 -26.76 2.01
N HIS F 52 -45.59 -26.47 2.86
CA HIS F 52 -45.20 -25.08 3.06
C HIS F 52 -43.79 -25.00 3.60
N SER F 53 -43.15 -23.85 3.36
CA SER F 53 -41.83 -23.57 3.89
C SER F 53 -41.91 -23.16 5.36
N ASP F 54 -40.77 -23.20 6.03
CA ASP F 54 -40.69 -22.59 7.34
C ASP F 54 -40.80 -21.07 7.22
N LEU F 55 -41.25 -20.46 8.32
CA LEU F 55 -41.21 -19.01 8.42
C LEU F 55 -39.84 -18.48 7.98
N SER F 56 -39.83 -17.42 7.18
CA SER F 56 -38.57 -16.90 6.64
C SER F 56 -38.44 -15.41 6.91
N PHE F 57 -37.19 -14.94 6.87
CA PHE F 57 -36.81 -13.64 7.38
C PHE F 57 -36.35 -12.70 6.27
N SER F 58 -36.91 -11.51 6.24
CA SER F 58 -36.50 -10.47 5.32
C SER F 58 -35.63 -9.45 6.04
N LYS F 59 -34.77 -8.79 5.26
CA LYS F 59 -33.90 -7.73 5.77
C LYS F 59 -34.68 -6.57 6.35
N ASP F 60 -35.91 -6.35 5.89
CA ASP F 60 -36.67 -5.24 6.46
C ASP F 60 -37.39 -5.63 7.75
N TRP F 61 -37.06 -6.80 8.32
CA TRP F 61 -37.57 -7.39 9.58
C TRP F 61 -38.98 -7.99 9.46
N SER F 62 -39.60 -7.94 8.28
CA SER F 62 -40.85 -8.64 8.10
C SER F 62 -40.57 -10.13 7.81
N PHE F 63 -41.64 -10.89 7.59
CA PHE F 63 -41.55 -12.33 7.43
C PHE F 63 -42.30 -12.77 6.18
N TYR F 64 -41.99 -13.98 5.71
CA TYR F 64 -42.67 -14.52 4.55
C TYR F 64 -42.66 -16.04 4.60
N LEU F 65 -43.56 -16.62 3.81
CA LEU F 65 -43.80 -18.07 3.78
CA LEU F 65 -43.59 -18.07 3.67
C LEU F 65 -44.39 -18.44 2.43
N LEU F 66 -44.22 -19.68 2.02
CA LEU F 66 -44.83 -20.20 0.79
C LEU F 66 -45.63 -21.45 1.10
N TYR F 67 -46.93 -21.43 0.77
CA TYR F 67 -47.78 -22.61 0.79
C TYR F 67 -48.08 -23.03 -0.63
N TYR F 68 -48.08 -24.35 -0.88
CA TYR F 68 -48.39 -24.82 -2.22
C TYR F 68 -49.02 -26.21 -2.17
N THR F 69 -49.70 -26.55 -3.26
CA THR F 69 -50.31 -27.87 -3.39
C THR F 69 -50.41 -28.22 -4.87
N GLU F 70 -50.37 -29.52 -5.15
CA GLU F 70 -50.57 -30.00 -6.51
C GLU F 70 -52.05 -30.01 -6.85
N PHE F 71 -52.38 -29.53 -8.05
CA PHE F 71 -53.78 -29.48 -8.47
C PHE F 71 -53.83 -29.51 -10.00
N THR F 72 -54.98 -29.91 -10.51
CA THR F 72 -55.27 -29.80 -11.93
C THR F 72 -56.40 -28.78 -12.10
N PRO F 73 -56.13 -27.60 -12.62
CA PRO F 73 -57.17 -26.57 -12.69
C PRO F 73 -58.24 -26.95 -13.70
N THR F 74 -59.48 -26.58 -13.38
CA THR F 74 -60.63 -26.82 -14.24
C THR F 74 -61.48 -25.56 -14.29
N GLU F 75 -62.32 -25.48 -15.32
CA GLU F 75 -63.18 -24.31 -15.48
C GLU F 75 -64.13 -24.13 -14.29
N LYS F 76 -64.47 -25.22 -13.59
CA LYS F 76 -65.49 -25.16 -12.55
C LYS F 76 -64.94 -24.97 -11.14
N ASP F 77 -63.66 -25.28 -10.91
CA ASP F 77 -63.12 -25.26 -9.56
C ASP F 77 -62.56 -23.87 -9.23
N GLU F 78 -62.96 -23.34 -8.08
CA GLU F 78 -62.42 -22.09 -7.55
C GLU F 78 -61.40 -22.39 -6.47
N TYR F 79 -60.21 -21.79 -6.57
CA TYR F 79 -59.18 -21.95 -5.56
C TYR F 79 -58.92 -20.62 -4.89
N ALA F 80 -58.56 -20.68 -3.62
CA ALA F 80 -58.21 -19.46 -2.92
C ALA F 80 -57.17 -19.77 -1.85
N CYS F 81 -56.68 -18.70 -1.25
CA CYS F 81 -55.76 -18.77 -0.13
C CYS F 81 -56.39 -17.98 0.99
N ARG F 82 -56.45 -18.58 2.17
CA ARG F 82 -57.11 -17.99 3.33
C ARG F 82 -56.07 -17.75 4.41
N VAL F 83 -56.00 -16.52 4.91
CA VAL F 83 -54.90 -16.10 5.76
C VAL F 83 -55.48 -15.38 6.97
N ASN F 84 -54.95 -15.68 8.15
CA ASN F 84 -55.26 -14.91 9.34
C ASN F 84 -53.99 -14.39 9.98
N HIS F 85 -54.10 -13.18 10.54
CA HIS F 85 -53.00 -12.44 11.14
C HIS F 85 -53.63 -11.44 12.10
N VAL F 86 -52.87 -11.08 13.14
CA VAL F 86 -53.40 -10.16 14.14
C VAL F 86 -53.84 -8.82 13.54
N THR F 87 -53.32 -8.45 12.36
CA THR F 87 -53.80 -7.23 11.71
C THR F 87 -55.17 -7.40 11.06
N LEU F 88 -55.70 -8.61 11.00
CA LEU F 88 -56.96 -8.84 10.32
C LEU F 88 -58.04 -9.17 11.35
N SER F 89 -59.17 -8.47 11.26
CA SER F 89 -60.27 -8.77 12.17
CA SER F 89 -60.31 -8.75 12.14
C SER F 89 -60.91 -10.12 11.87
N GLN F 90 -60.80 -10.58 10.64
CA GLN F 90 -61.38 -11.84 10.19
CA GLN F 90 -61.39 -11.84 10.19
C GLN F 90 -60.43 -12.46 9.18
N PRO F 91 -60.47 -13.78 9.02
CA PRO F 91 -59.60 -14.40 8.02
C PRO F 91 -59.87 -13.82 6.64
N LYS F 92 -58.81 -13.60 5.87
CA LYS F 92 -58.91 -13.02 4.54
C LYS F 92 -58.76 -14.12 3.49
N ILE F 93 -59.73 -14.20 2.61
CA ILE F 93 -59.76 -15.18 1.53
C ILE F 93 -59.41 -14.48 0.23
N VAL F 94 -58.30 -14.87 -0.37
CA VAL F 94 -57.80 -14.29 -1.61
C VAL F 94 -57.96 -15.31 -2.73
N LYS F 95 -58.79 -14.99 -3.71
CA LYS F 95 -59.08 -15.90 -4.81
C LYS F 95 -57.93 -15.94 -5.81
N TRP F 96 -57.76 -17.10 -6.45
CA TRP F 96 -56.79 -17.22 -7.54
C TRP F 96 -57.40 -16.64 -8.81
N ASP F 97 -56.61 -15.85 -9.54
CA ASP F 97 -57.13 -15.16 -10.72
C ASP F 97 -57.09 -16.00 -11.99
N ARG F 98 -56.69 -17.27 -11.90
CA ARG F 98 -56.67 -18.21 -13.04
C ARG F 98 -55.70 -17.78 -14.13
N ASP F 99 -54.59 -17.12 -13.77
CA ASP F 99 -53.57 -16.73 -14.75
C ASP F 99 -54.11 -15.80 -15.85
N GLN G 3 16.43 32.47 -13.81
CA GLN G 3 15.46 32.15 -14.85
C GLN G 3 14.10 31.91 -14.22
N ASN G 4 13.05 32.40 -14.87
CA ASN G 4 11.73 32.16 -14.32
C ASN G 4 10.69 32.14 -15.44
N ILE G 5 9.60 31.44 -15.17
CA ILE G 5 8.49 31.28 -16.11
CA ILE G 5 8.50 31.31 -16.10
C ILE G 5 7.21 31.56 -15.33
N ASP G 6 6.32 32.37 -15.92
CA ASP G 6 5.13 32.81 -15.22
C ASP G 6 3.87 32.60 -16.07
N GLN G 7 2.84 32.05 -15.44
CA GLN G 7 1.52 31.87 -16.01
C GLN G 7 0.48 32.11 -14.92
N PRO G 8 -0.72 32.55 -15.29
CA PRO G 8 -1.76 32.77 -14.28
C PRO G 8 -2.09 31.48 -13.56
N THR G 9 -2.44 31.62 -12.28
CA THR G 9 -2.77 30.45 -11.47
C THR G 9 -4.00 29.72 -11.99
N GLU G 10 -5.03 30.46 -12.40
CA GLU G 10 -6.31 29.86 -12.74
C GLU G 10 -7.09 30.80 -13.64
N MET G 11 -7.88 30.22 -14.55
CA MET G 11 -8.74 30.97 -15.45
C MET G 11 -10.10 30.29 -15.59
N THR G 12 -11.14 31.11 -15.73
CA THR G 12 -12.50 30.60 -15.87
C THR G 12 -13.14 31.22 -17.11
N ALA G 13 -13.65 30.37 -18.00
CA ALA G 13 -14.38 30.78 -19.18
C ALA G 13 -15.63 29.91 -19.33
N THR G 14 -16.51 30.34 -20.23
CA THR G 14 -17.78 29.68 -20.49
CA THR G 14 -17.76 29.65 -20.46
C THR G 14 -17.66 28.70 -21.65
N GLU G 15 -18.40 27.60 -21.55
CA GLU G 15 -18.46 26.61 -22.62
C GLU G 15 -18.79 27.28 -23.95
N GLY G 16 -18.10 26.85 -25.00
CA GLY G 16 -18.29 27.41 -26.33
C GLY G 16 -17.50 28.68 -26.63
N ALA G 17 -16.81 29.24 -25.67
CA ALA G 17 -16.13 30.50 -25.91
C ALA G 17 -14.65 30.25 -26.23
N ILE G 18 -13.82 31.29 -26.14
CA ILE G 18 -12.40 31.21 -26.48
CA ILE G 18 -12.40 31.16 -26.45
C ILE G 18 -11.60 31.66 -25.27
N VAL G 19 -10.48 30.98 -24.99
CA VAL G 19 -9.63 31.34 -23.87
C VAL G 19 -8.17 31.36 -24.31
N GLN G 20 -7.45 32.39 -23.88
CA GLN G 20 -6.04 32.55 -24.19
C GLN G 20 -5.24 32.44 -22.90
N ILE G 21 -4.38 31.43 -22.82
CA ILE G 21 -3.60 31.19 -21.62
C ILE G 21 -2.18 31.68 -21.87
N ASN G 22 -1.72 32.66 -21.08
CA ASN G 22 -0.42 33.32 -21.30
C ASN G 22 0.72 32.64 -20.55
N CYS G 23 1.92 32.77 -21.10
CA CYS G 23 3.14 32.25 -20.48
CA CYS G 23 3.14 32.25 -20.47
C CYS G 23 4.29 33.18 -20.83
N THR G 24 4.79 33.92 -19.85
CA THR G 24 5.97 34.76 -20.03
CA THR G 24 5.97 34.76 -20.04
C THR G 24 7.18 34.08 -19.38
N TYR G 25 8.34 34.21 -20.01
CA TYR G 25 9.56 33.58 -19.52
C TYR G 25 10.75 34.53 -19.62
N GLN G 26 11.61 34.50 -18.60
CA GLN G 26 12.92 35.15 -18.57
C GLN G 26 13.95 34.04 -18.47
N THR G 27 14.74 33.84 -19.52
CA THR G 27 15.78 32.81 -19.51
C THR G 27 17.03 33.36 -20.16
N SER G 28 18.16 32.76 -19.82
CA SER G 28 19.37 32.90 -20.62
C SER G 28 19.33 31.78 -21.64
N GLY G 29 19.20 32.16 -22.91
CA GLY G 29 19.09 31.19 -23.97
C GLY G 29 17.68 30.61 -24.10
N PHE G 30 17.39 30.16 -25.30
CA PHE G 30 16.05 29.72 -25.63
C PHE G 30 16.17 28.65 -26.71
N ASN G 31 15.64 27.45 -26.41
CA ASN G 31 15.64 26.34 -27.36
C ASN G 31 14.25 25.77 -27.58
N GLY G 32 13.20 26.53 -27.26
CA GLY G 32 11.85 26.05 -27.46
C GLY G 32 10.96 26.16 -26.24
N LEU G 33 9.66 26.24 -26.51
CA LEU G 33 8.61 26.41 -25.53
C LEU G 33 7.56 25.35 -25.77
N PHE G 34 7.24 24.59 -24.73
CA PHE G 34 6.26 23.52 -24.80
C PHE G 34 5.02 23.86 -24.00
N TRP G 35 3.86 23.42 -24.51
CA TRP G 35 2.64 23.37 -23.73
C TRP G 35 2.23 21.92 -23.52
N TYR G 36 1.80 21.62 -22.30
CA TYR G 36 1.32 20.31 -21.87
C TYR G 36 -0.05 20.44 -21.23
N GLN G 37 -0.88 19.42 -21.41
CA GLN G 37 -2.19 19.35 -20.77
C GLN G 37 -2.14 18.34 -19.64
N GLN G 38 -2.63 18.73 -18.46
CA GLN G 38 -2.70 17.80 -17.34
C GLN G 38 -4.10 17.82 -16.75
N HIS G 39 -4.86 16.75 -16.99
CA HIS G 39 -6.13 16.55 -16.31
C HIS G 39 -5.90 16.18 -14.85
N ALA G 40 -6.78 16.66 -13.97
CA ALA G 40 -6.66 16.44 -12.54
C ALA G 40 -6.48 14.96 -12.20
N GLY G 41 -5.44 14.67 -11.41
CA GLY G 41 -5.06 13.32 -11.06
C GLY G 41 -4.36 12.53 -12.14
N GLU G 42 -4.01 13.13 -13.28
CA GLU G 42 -3.48 12.35 -14.40
C GLU G 42 -2.11 12.87 -14.79
N ALA G 43 -1.53 12.27 -15.83
CA ALA G 43 -0.19 12.63 -16.29
C ALA G 43 -0.27 13.78 -17.29
N PRO G 44 0.68 14.71 -17.26
CA PRO G 44 0.74 15.72 -18.32
C PRO G 44 0.97 15.05 -19.66
N THR G 45 0.38 15.60 -20.72
CA THR G 45 0.65 15.11 -22.07
C THR G 45 0.93 16.28 -22.99
N PHE G 46 1.83 16.04 -23.94
CA PHE G 46 2.31 17.07 -24.87
C PHE G 46 1.16 17.62 -25.71
N LEU G 47 1.03 18.95 -25.72
CA LEU G 47 0.12 19.68 -26.59
C LEU G 47 0.82 20.34 -27.78
N SER G 48 1.92 21.05 -27.58
CA SER G 48 2.47 21.87 -28.66
C SER G 48 3.89 22.34 -28.34
N TYR G 49 4.60 22.70 -29.41
CA TYR G 49 5.97 23.18 -29.35
C TYR G 49 6.15 24.35 -30.32
N ASN G 50 6.69 25.46 -29.85
CA ASN G 50 7.09 26.57 -30.70
C ASN G 50 8.54 26.93 -30.43
N VAL G 51 9.24 27.38 -31.49
CA VAL G 51 10.63 27.82 -31.34
C VAL G 51 10.96 29.02 -32.23
N LEU G 52 10.31 29.15 -33.37
CA LEU G 52 10.35 30.40 -34.13
C LEU G 52 9.08 31.19 -33.87
N ASP G 53 9.10 32.45 -34.29
CA ASP G 53 8.00 33.35 -34.00
C ASP G 53 6.74 33.00 -34.80
N GLY G 54 5.57 33.18 -34.17
CA GLY G 54 4.33 33.12 -34.88
C GLY G 54 3.35 32.14 -34.26
N LEU G 55 2.31 31.84 -35.02
CA LEU G 55 1.16 31.07 -34.56
C LEU G 55 1.11 29.74 -35.30
N GLU G 56 0.93 28.65 -34.55
CA GLU G 56 0.73 27.32 -35.14
C GLU G 56 -0.59 26.74 -34.65
N GLU G 57 -1.41 26.28 -35.59
CA GLU G 57 -2.71 25.72 -35.28
C GLU G 57 -2.65 24.20 -35.24
N LYS G 58 -3.51 23.61 -34.42
CA LYS G 58 -3.57 22.17 -34.22
C LYS G 58 -4.96 21.80 -33.69
N GLY G 59 -5.93 21.65 -34.60
CA GLY G 59 -7.30 21.42 -34.16
C GLY G 59 -7.89 22.69 -33.56
N ARG G 60 -8.53 22.54 -32.41
CA ARG G 60 -9.10 23.67 -31.68
C ARG G 60 -8.07 24.48 -30.93
N PHE G 61 -6.86 23.95 -30.76
CA PHE G 61 -5.80 24.62 -30.00
C PHE G 61 -4.83 25.27 -30.97
N SER G 62 -4.43 26.49 -30.66
CA SER G 62 -3.36 27.17 -31.37
CA SER G 62 -3.35 27.15 -31.37
C SER G 62 -2.34 27.66 -30.35
N SER G 63 -1.07 27.67 -30.74
CA SER G 63 0.00 28.13 -29.87
CA SER G 63 0.01 28.13 -29.87
C SER G 63 0.82 29.21 -30.58
N PHE G 64 1.08 30.30 -29.87
CA PHE G 64 1.76 31.48 -30.38
C PHE G 64 3.06 31.72 -29.63
N LEU G 65 4.07 32.23 -30.33
CA LEU G 65 5.36 32.53 -29.72
C LEU G 65 5.93 33.85 -30.25
N SER G 66 6.41 34.70 -29.34
CA SER G 66 7.26 35.84 -29.66
C SER G 66 8.55 35.71 -28.86
N ARG G 67 9.65 35.35 -29.52
CA ARG G 67 10.93 35.24 -28.83
C ARG G 67 11.40 36.58 -28.27
N SER G 68 11.17 37.68 -29.01
CA SER G 68 11.71 38.96 -28.54
C SER G 68 10.94 39.47 -27.34
N LYS G 69 9.65 39.15 -27.24
CA LYS G 69 8.91 39.50 -26.04
C LYS G 69 9.04 38.47 -24.95
N GLY G 70 9.54 37.27 -25.26
CA GLY G 70 9.57 36.20 -24.28
C GLY G 70 8.18 35.84 -23.80
N TYR G 71 7.25 35.65 -24.72
CA TYR G 71 5.85 35.40 -24.39
CA TYR G 71 5.92 35.23 -24.29
C TYR G 71 5.28 34.35 -25.35
N SER G 72 4.41 33.49 -24.84
CA SER G 72 3.67 32.54 -25.64
C SER G 72 2.25 32.50 -25.09
N TYR G 73 1.29 32.16 -25.93
CA TYR G 73 -0.04 31.85 -25.43
C TYR G 73 -0.54 30.59 -26.08
N LEU G 74 -1.37 29.89 -25.33
CA LEU G 74 -2.12 28.74 -25.80
C LEU G 74 -3.57 29.19 -25.94
N LEU G 75 -4.11 29.07 -27.14
CA LEU G 75 -5.43 29.58 -27.48
C LEU G 75 -6.35 28.38 -27.70
N LEU G 76 -7.40 28.28 -26.89
CA LEU G 76 -8.41 27.22 -26.96
C LEU G 76 -9.73 27.82 -27.40
N LYS G 77 -10.24 27.40 -28.56
CA LYS G 77 -11.51 27.85 -29.12
C LYS G 77 -12.62 26.81 -28.88
N GLU G 78 -13.85 27.26 -29.08
CA GLU G 78 -15.06 26.43 -28.93
C GLU G 78 -14.94 25.49 -27.73
N LEU G 79 -14.79 26.10 -26.55
CA LEU G 79 -14.45 25.39 -25.33
C LEU G 79 -15.50 24.34 -24.98
N GLN G 80 -15.03 23.19 -24.53
CA GLN G 80 -15.87 22.08 -24.06
C GLN G 80 -15.46 21.69 -22.64
N MET G 81 -16.37 20.99 -21.95
CA MET G 81 -16.10 20.63 -20.55
C MET G 81 -14.84 19.77 -20.44
N LYS G 82 -14.58 18.91 -21.41
CA LYS G 82 -13.37 18.09 -21.33
C LYS G 82 -12.08 18.90 -21.42
N ASP G 83 -12.15 20.19 -21.79
CA ASP G 83 -10.98 21.06 -21.73
C ASP G 83 -10.63 21.47 -20.31
N SER G 84 -11.48 21.17 -19.32
CA SER G 84 -11.14 21.46 -17.95
CA SER G 84 -11.14 21.46 -17.95
C SER G 84 -9.89 20.69 -17.55
N ALA G 85 -8.83 21.41 -17.17
CA ALA G 85 -7.54 20.80 -16.91
C ALA G 85 -6.57 21.90 -16.48
N SER G 86 -5.39 21.48 -16.04
CA SER G 86 -4.25 22.38 -15.95
C SER G 86 -3.46 22.38 -17.24
N TYR G 87 -2.94 23.55 -17.60
CA TYR G 87 -2.09 23.70 -18.77
C TYR G 87 -0.73 24.21 -18.32
N LEU G 88 0.31 23.43 -18.62
CA LEU G 88 1.66 23.66 -18.13
C LEU G 88 2.52 24.17 -19.28
N CYS G 89 3.20 25.28 -19.07
CA CYS G 89 4.14 25.84 -20.03
CA CYS G 89 4.14 25.75 -20.06
C CYS G 89 5.56 25.50 -19.58
N ALA G 90 6.43 25.15 -20.52
CA ALA G 90 7.79 24.79 -20.17
C ALA G 90 8.75 25.29 -21.25
N VAL G 91 9.89 25.81 -20.82
CA VAL G 91 10.85 26.42 -21.71
C VAL G 91 12.19 25.69 -21.60
N LYS G 92 12.76 25.34 -22.75
CA LYS G 92 14.12 24.80 -22.84
C LYS G 92 15.13 25.95 -22.84
N ASP G 93 16.03 25.97 -21.86
CA ASP G 93 17.02 27.04 -21.76
C ASP G 93 18.25 26.72 -22.63
N SER G 94 19.26 27.59 -22.55
CA SER G 94 20.43 27.44 -23.41
CA SER G 94 20.43 27.44 -23.41
C SER G 94 21.15 26.12 -23.20
N ASN G 95 20.96 25.46 -22.05
CA ASN G 95 21.59 24.17 -21.79
C ASN G 95 20.61 23.01 -21.91
N TYR G 96 19.50 23.21 -22.65
CA TYR G 96 18.51 22.17 -22.95
C TYR G 96 17.84 21.64 -21.67
N GLN G 97 17.81 22.47 -20.65
CA GLN G 97 17.16 22.19 -19.38
CA GLN G 97 17.14 22.14 -19.41
C GLN G 97 15.76 22.80 -19.39
N LEU G 98 14.76 22.01 -19.04
CA LEU G 98 13.39 22.49 -18.98
C LEU G 98 13.14 23.26 -17.69
N ILE G 99 12.59 24.46 -17.82
CA ILE G 99 12.04 25.19 -16.68
CA ILE G 99 12.06 25.20 -16.69
C ILE G 99 10.54 25.23 -16.86
N TRP G 100 9.81 24.81 -15.83
CA TRP G 100 8.37 24.60 -15.87
C TRP G 100 7.63 25.74 -15.19
N GLY G 101 6.63 26.28 -15.88
CA GLY G 101 5.67 27.13 -15.20
C GLY G 101 4.82 26.35 -14.22
N ALA G 102 4.23 27.07 -13.28
CA ALA G 102 3.44 26.44 -12.21
C ALA G 102 2.10 25.93 -12.70
N GLY G 103 1.67 26.31 -13.89
CA GLY G 103 0.48 25.72 -14.46
C GLY G 103 -0.73 26.63 -14.32
N THR G 104 -1.62 26.57 -15.29
CA THR G 104 -2.86 27.33 -15.24
C THR G 104 -4.02 26.35 -15.21
N LYS G 105 -4.85 26.47 -14.18
CA LYS G 105 -6.06 25.66 -14.07
C LYS G 105 -7.20 26.32 -14.84
N LEU G 106 -7.69 25.65 -15.87
CA LEU G 106 -8.79 26.17 -16.68
C LEU G 106 -10.10 25.59 -16.15
N ILE G 107 -10.98 26.45 -15.66
CA ILE G 107 -12.32 26.06 -15.22
C ILE G 107 -13.31 26.48 -16.29
N ILE G 108 -14.20 25.56 -16.69
CA ILE G 108 -15.18 25.78 -17.75
C ILE G 108 -16.58 25.81 -17.13
N LYS G 109 -17.37 26.83 -17.46
CA LYS G 109 -18.73 26.93 -16.97
CA LYS G 109 -18.74 26.94 -16.97
C LYS G 109 -19.69 26.31 -17.99
N PRO G 110 -20.43 25.27 -17.64
CA PRO G 110 -21.35 24.70 -18.62
C PRO G 110 -22.44 25.70 -18.99
N ASP G 111 -22.90 25.64 -20.22
CA ASP G 111 -24.06 26.41 -20.65
C ASP G 111 -25.33 25.68 -20.18
N ILE G 112 -25.97 26.18 -19.12
CA ILE G 112 -27.17 25.55 -18.57
C ILE G 112 -28.41 26.06 -19.33
N GLN G 113 -29.02 25.17 -20.11
CA GLN G 113 -30.07 25.58 -21.03
C GLN G 113 -31.38 25.92 -20.32
N ASN G 114 -31.71 25.22 -19.24
CA ASN G 114 -32.96 25.46 -18.52
C ASN G 114 -32.66 25.39 -17.03
N PRO G 115 -32.18 26.48 -16.45
CA PRO G 115 -31.87 26.47 -15.01
C PRO G 115 -33.14 26.22 -14.21
N ASP G 116 -32.98 25.42 -13.17
CA ASP G 116 -34.10 25.03 -12.33
C ASP G 116 -33.59 24.88 -10.91
N PRO G 117 -33.02 25.95 -10.33
CA PRO G 117 -32.30 25.80 -9.05
C PRO G 117 -33.23 25.29 -7.94
N ALA G 118 -32.72 24.35 -7.15
CA ALA G 118 -33.49 23.71 -6.08
C ALA G 118 -32.53 23.16 -5.04
N VAL G 119 -33.01 23.08 -3.82
CA VAL G 119 -32.31 22.41 -2.73
C VAL G 119 -33.18 21.23 -2.28
N TYR G 120 -32.70 20.02 -2.48
CA TYR G 120 -33.42 18.82 -2.11
C TYR G 120 -32.75 18.15 -0.92
N GLN G 121 -33.58 17.63 -0.05
CA GLN G 121 -33.15 16.76 1.03
C GLN G 121 -33.11 15.32 0.51
N LEU G 122 -31.95 14.69 0.57
CA LEU G 122 -31.91 13.28 0.23
C LEU G 122 -32.43 12.43 1.40
N ARG G 123 -32.74 11.18 1.10
CA ARG G 123 -33.21 10.28 2.14
C ARG G 123 -32.06 9.87 3.06
N ASP G 124 -32.34 9.79 4.36
CA ASP G 124 -31.36 9.30 5.31
C ASP G 124 -30.94 7.88 4.94
N SER G 125 -29.74 7.50 5.36
CA SER G 125 -29.29 6.12 5.29
C SER G 125 -29.38 5.50 6.68
N LYS G 126 -29.77 4.23 6.76
CA LYS G 126 -29.88 3.62 8.08
C LYS G 126 -28.52 3.41 8.74
N SER G 127 -27.44 3.45 7.95
CA SER G 127 -26.08 3.23 8.42
C SER G 127 -25.32 4.52 8.71
N SER G 128 -25.98 5.66 8.68
CA SER G 128 -25.27 6.90 8.92
C SER G 128 -26.14 7.91 9.66
N ASP G 129 -25.53 8.68 10.56
CA ASP G 129 -26.24 9.73 11.29
C ASP G 129 -26.37 11.06 10.52
N LYS G 130 -25.88 11.14 9.28
CA LYS G 130 -25.85 12.41 8.57
C LYS G 130 -27.18 12.73 7.91
N SER G 131 -27.52 14.01 7.88
CA SER G 131 -28.53 14.54 6.98
CA SER G 131 -28.53 14.53 6.98
C SER G 131 -27.82 15.17 5.79
N VAL G 132 -28.34 14.94 4.58
CA VAL G 132 -27.66 15.29 3.34
C VAL G 132 -28.58 16.09 2.44
N CYS G 133 -28.06 17.22 1.93
CA CYS G 133 -28.78 18.18 1.10
C CYS G 133 -28.05 18.38 -0.21
N LEU G 134 -28.82 18.53 -1.29
CA LEU G 134 -28.30 18.67 -2.65
C LEU G 134 -28.84 19.96 -3.23
N PHE G 135 -27.93 20.90 -3.49
CA PHE G 135 -28.23 22.12 -4.24
C PHE G 135 -27.91 21.81 -5.70
N THR G 136 -28.88 21.95 -6.59
CA THR G 136 -28.66 21.42 -7.93
C THR G 136 -29.46 22.19 -8.97
N ASP G 137 -29.01 22.04 -10.22
CA ASP G 137 -29.65 22.55 -11.43
C ASP G 137 -29.60 24.07 -11.51
N PHE G 138 -28.67 24.71 -10.81
CA PHE G 138 -28.54 26.16 -10.88
C PHE G 138 -27.63 26.57 -12.04
N ASP G 139 -27.74 27.84 -12.41
CA ASP G 139 -26.97 28.38 -13.52
C ASP G 139 -25.49 28.55 -13.13
N SER G 140 -24.63 28.51 -14.13
CA SER G 140 -23.19 28.47 -13.87
C SER G 140 -22.64 29.75 -13.24
N GLN G 141 -23.37 30.86 -13.30
CA GLN G 141 -22.90 32.08 -12.66
C GLN G 141 -22.98 32.02 -11.13
N THR G 142 -23.70 31.05 -10.57
CA THR G 142 -23.82 30.92 -9.13
C THR G 142 -22.57 30.29 -8.52
N ASN G 143 -22.08 30.86 -7.43
CA ASN G 143 -20.94 30.29 -6.72
C ASN G 143 -21.41 29.69 -5.39
N VAL G 144 -20.72 28.63 -4.96
CA VAL G 144 -21.07 27.91 -3.76
C VAL G 144 -20.02 28.20 -2.68
N SER G 145 -20.44 28.85 -1.60
CA SER G 145 -19.52 29.18 -0.52
C SER G 145 -19.34 28.01 0.45
N GLN G 146 -18.13 27.94 1.02
CA GLN G 146 -17.85 26.95 2.06
C GLN G 146 -18.68 27.25 3.31
N SER G 147 -18.78 26.24 4.17
CA SER G 147 -19.61 26.37 5.35
CA SER G 147 -19.61 26.37 5.36
C SER G 147 -18.97 27.29 6.39
N LYS G 148 -19.82 28.00 7.13
CA LYS G 148 -19.37 28.79 8.26
C LYS G 148 -19.43 28.02 9.58
N ASP G 149 -20.21 26.93 9.63
CA ASP G 149 -20.32 26.09 10.84
CA ASP G 149 -20.31 26.09 10.82
C ASP G 149 -19.29 24.96 10.73
N SER G 150 -18.55 24.75 11.82
CA SER G 150 -17.52 23.70 11.81
CA SER G 150 -17.53 23.71 11.83
C SER G 150 -18.11 22.29 11.73
N ASP G 151 -19.39 22.11 12.04
CA ASP G 151 -20.01 20.80 11.95
C ASP G 151 -20.89 20.65 10.72
N VAL G 152 -20.80 21.58 9.77
CA VAL G 152 -21.49 21.50 8.50
C VAL G 152 -20.44 21.44 7.40
N TYR G 153 -20.61 20.53 6.46
CA TYR G 153 -19.67 20.31 5.37
C TYR G 153 -20.38 20.58 4.06
N ILE G 154 -19.80 21.45 3.25
CA ILE G 154 -20.34 21.84 1.95
C ILE G 154 -19.23 21.66 0.91
N THR G 155 -19.52 20.89 -0.13
CA THR G 155 -18.55 20.69 -1.20
C THR G 155 -18.72 21.76 -2.28
N ASP G 156 -17.68 21.92 -3.09
CA ASP G 156 -17.76 22.86 -4.19
C ASP G 156 -18.59 22.28 -5.34
N LYS G 157 -18.98 23.14 -6.27
CA LYS G 157 -19.88 22.68 -7.30
C LYS G 157 -19.17 21.75 -8.28
N CYS G 158 -19.94 20.80 -8.82
CA CYS G 158 -19.48 19.71 -9.68
C CYS G 158 -20.41 19.69 -10.90
N VAL G 159 -19.85 19.48 -12.09
CA VAL G 159 -20.66 19.43 -13.31
C VAL G 159 -20.83 17.98 -13.74
N LEU G 160 -22.08 17.55 -13.87
CA LEU G 160 -22.38 16.18 -14.26
CA LEU G 160 -22.44 16.18 -14.23
C LEU G 160 -23.05 16.16 -15.62
N ASP G 161 -22.74 15.12 -16.39
CA ASP G 161 -23.18 14.99 -17.77
C ASP G 161 -23.96 13.69 -17.90
N MET G 162 -25.23 13.80 -18.22
CA MET G 162 -26.03 12.60 -18.50
C MET G 162 -25.97 12.43 -20.01
N ARG G 163 -25.01 11.63 -20.45
CA ARG G 163 -24.70 11.55 -21.87
C ARG G 163 -25.90 11.08 -22.67
N SER G 164 -26.66 10.13 -22.11
CA SER G 164 -27.84 9.61 -22.79
C SER G 164 -28.83 10.72 -23.15
N MET G 165 -28.99 11.71 -22.27
CA MET G 165 -29.92 12.80 -22.49
C MET G 165 -29.25 14.09 -22.95
N ASP G 166 -27.93 14.07 -23.14
CA ASP G 166 -27.14 15.25 -23.49
C ASP G 166 -27.52 16.44 -22.60
N PHE G 167 -27.45 16.22 -21.29
CA PHE G 167 -27.95 17.14 -20.29
C PHE G 167 -26.87 17.32 -19.24
N LYS G 168 -26.51 18.57 -18.95
CA LYS G 168 -25.51 18.88 -17.93
C LYS G 168 -26.18 19.61 -16.76
N SER G 169 -25.64 19.42 -15.55
CA SER G 169 -26.17 20.17 -14.42
C SER G 169 -25.08 20.37 -13.37
N ASN G 170 -25.14 21.53 -12.71
CA ASN G 170 -24.31 21.86 -11.56
C ASN G 170 -24.96 21.33 -10.29
N SER G 171 -24.12 20.93 -9.34
CA SER G 171 -24.64 20.58 -8.02
C SER G 171 -23.54 20.73 -6.98
N ALA G 172 -23.98 20.95 -5.75
CA ALA G 172 -23.12 20.92 -4.56
C ALA G 172 -23.87 20.18 -3.47
N VAL G 173 -23.12 19.55 -2.57
CA VAL G 173 -23.69 18.73 -1.50
C VAL G 173 -23.33 19.34 -0.16
N ALA G 174 -24.29 19.34 0.77
CA ALA G 174 -24.03 19.74 2.15
C ALA G 174 -24.55 18.66 3.09
N TRP G 175 -23.87 18.48 4.22
CA TRP G 175 -24.31 17.48 5.17
C TRP G 175 -23.83 17.83 6.56
N SER G 176 -24.48 17.22 7.55
CA SER G 176 -24.20 17.45 8.96
C SER G 176 -24.94 16.41 9.76
N ASN G 177 -24.53 16.23 11.00
CA ASN G 177 -25.30 15.41 11.93
C ASN G 177 -25.81 16.24 13.11
N LYS G 178 -25.72 17.56 13.03
CA LYS G 178 -26.25 18.43 14.08
C LYS G 178 -27.78 18.35 14.09
N SER G 179 -28.34 18.47 15.30
CA SER G 179 -29.80 18.42 15.40
C SER G 179 -30.46 19.61 14.70
N ASP G 180 -29.80 20.77 14.71
CA ASP G 180 -30.38 21.99 14.15
C ASP G 180 -30.17 22.11 12.64
N PHE G 181 -29.64 21.10 11.96
CA PHE G 181 -29.30 21.21 10.54
C PHE G 181 -30.52 20.90 9.68
N ALA G 182 -30.80 21.77 8.72
CA ALA G 182 -31.93 21.63 7.81
C ALA G 182 -31.50 22.12 6.44
N CYS G 183 -32.03 21.47 5.40
CA CYS G 183 -31.67 21.86 4.05
C CYS G 183 -32.10 23.28 3.73
N ALA G 184 -33.19 23.74 4.35
CA ALA G 184 -33.66 25.10 4.09
C ALA G 184 -32.61 26.15 4.43
N ASN G 185 -31.69 25.84 5.34
CA ASN G 185 -30.64 26.76 5.75
CA ASN G 185 -30.64 26.79 5.71
C ASN G 185 -29.24 26.25 5.45
N ALA G 186 -29.12 25.11 4.76
CA ALA G 186 -27.80 24.52 4.52
C ALA G 186 -26.89 25.48 3.75
N PHE G 187 -27.39 26.08 2.68
CA PHE G 187 -26.58 26.95 1.84
C PHE G 187 -26.81 28.43 2.13
N ASN G 188 -27.13 28.76 3.39
CA ASN G 188 -27.41 30.14 3.78
C ASN G 188 -26.21 31.06 3.64
N ASN G 189 -25.00 30.51 3.56
CA ASN G 189 -23.83 31.36 3.37
CA ASN G 189 -23.81 31.33 3.37
C ASN G 189 -23.54 31.61 1.90
N SER G 190 -24.20 30.91 0.99
CA SER G 190 -24.04 31.17 -0.43
C SER G 190 -25.05 32.20 -0.90
N ILE G 191 -24.72 32.87 -2.01
CA ILE G 191 -25.64 33.73 -2.73
C ILE G 191 -26.33 32.84 -3.77
N ILE G 192 -27.57 32.45 -3.50
CA ILE G 192 -28.26 31.47 -4.34
C ILE G 192 -29.38 32.15 -5.12
N PRO G 193 -29.81 31.59 -6.26
CA PRO G 193 -30.82 32.26 -7.08
C PRO G 193 -32.10 32.53 -6.29
N GLU G 194 -32.68 33.71 -6.53
CA GLU G 194 -33.89 34.09 -5.83
C GLU G 194 -35.03 33.09 -6.08
N ASP G 195 -35.02 32.42 -7.23
CA ASP G 195 -36.11 31.50 -7.56
C ASP G 195 -35.84 30.06 -7.11
N THR G 196 -34.87 29.85 -6.23
CA THR G 196 -34.53 28.50 -5.79
C THR G 196 -35.73 27.81 -5.14
N PHE G 197 -36.04 26.60 -5.61
CA PHE G 197 -37.17 25.81 -5.13
C PHE G 197 -36.77 25.04 -3.89
N PHE G 198 -37.52 25.23 -2.81
CA PHE G 198 -37.30 24.60 -1.51
C PHE G 198 -38.53 23.73 -1.20
N PRO G 199 -38.53 22.45 -1.55
CA PRO G 199 -39.71 21.61 -1.32
C PRO G 199 -40.06 21.56 0.16
N SER G 200 -41.36 21.50 0.42
CA SER G 200 -41.84 21.45 1.79
CA SER G 200 -41.84 21.47 1.79
C SER G 200 -41.28 20.25 2.53
N PRO G 201 -40.74 20.42 3.75
CA PRO G 201 -40.31 19.31 4.60
C PRO G 201 -41.48 18.45 5.02
N ASN H 2 3.82 -0.59 -26.26
CA ASN H 2 2.49 0.00 -26.42
C ASN H 2 1.93 0.42 -25.07
N ALA H 3 2.71 0.16 -24.02
CA ALA H 3 2.35 0.58 -22.68
C ALA H 3 2.74 2.03 -22.41
N GLY H 4 3.78 2.53 -23.09
CA GLY H 4 4.29 3.85 -22.78
C GLY H 4 5.18 3.81 -21.57
N VAL H 5 4.88 4.64 -20.58
CA VAL H 5 5.64 4.73 -19.34
C VAL H 5 4.83 4.11 -18.23
N THR H 6 5.40 3.14 -17.52
CA THR H 6 4.74 2.40 -16.43
C THR H 6 5.51 2.65 -15.15
N GLN H 7 4.87 3.29 -14.18
CA GLN H 7 5.53 3.55 -12.90
C GLN H 7 4.65 3.05 -11.76
N THR H 8 5.30 2.59 -10.69
CA THR H 8 4.64 2.00 -9.54
C THR H 8 5.38 2.42 -8.29
N PRO H 9 4.71 2.48 -7.14
CA PRO H 9 3.28 2.24 -6.92
C PRO H 9 2.42 3.46 -7.23
N LYS H 10 1.09 3.28 -7.30
CA LYS H 10 0.18 4.40 -7.54
C LYS H 10 0.08 5.29 -6.32
N PHE H 11 0.09 4.69 -5.13
CA PHE H 11 -0.05 5.36 -3.84
C PHE H 11 0.90 4.70 -2.86
N GLN H 12 1.48 5.49 -1.96
CA GLN H 12 2.26 4.90 -0.88
C GLN H 12 2.23 5.82 0.34
N VAL H 13 2.05 5.23 1.52
CA VAL H 13 2.23 5.96 2.77
CA VAL H 13 2.18 5.91 2.81
C VAL H 13 3.48 5.43 3.45
N LEU H 14 4.22 6.34 4.09
CA LEU H 14 5.50 6.03 4.69
C LEU H 14 5.63 6.69 6.05
N LYS H 15 6.30 6.01 6.95
CA LYS H 15 6.72 6.64 8.20
C LYS H 15 8.03 7.36 7.96
N THR H 16 8.25 8.45 8.68
CA THR H 16 9.54 9.13 8.66
C THR H 16 10.65 8.14 8.94
N GLY H 17 11.65 8.10 8.07
CA GLY H 17 12.80 7.22 8.21
C GLY H 17 12.74 5.96 7.37
N GLN H 18 11.58 5.62 6.84
CA GLN H 18 11.42 4.41 6.07
C GLN H 18 11.94 4.61 4.64
N SER H 19 12.35 3.51 4.01
CA SER H 19 12.85 3.54 2.65
C SER H 19 11.77 3.16 1.65
N MET H 20 12.00 3.52 0.39
CA MET H 20 11.04 3.29 -0.68
CA MET H 20 11.05 3.25 -0.67
C MET H 20 11.76 3.35 -2.00
N THR H 21 11.39 2.48 -2.92
CA THR H 21 11.87 2.50 -4.29
C THR H 21 10.67 2.60 -5.21
N LEU H 22 10.64 3.64 -6.04
CA LEU H 22 9.66 3.77 -7.11
C LEU H 22 10.22 3.23 -8.42
N GLN H 23 9.43 2.43 -9.11
CA GLN H 23 9.81 1.77 -10.34
C GLN H 23 9.31 2.57 -11.53
N CYS H 24 10.09 2.56 -12.61
CA CYS H 24 9.65 3.14 -13.86
C CYS H 24 10.26 2.36 -15.00
N ALA H 25 9.43 2.01 -15.97
CA ALA H 25 9.86 1.34 -17.20
C ALA H 25 9.18 2.01 -18.37
N GLN H 26 9.88 2.07 -19.50
CA GLN H 26 9.28 2.55 -20.73
C GLN H 26 9.59 1.54 -21.83
N ASP H 27 8.56 1.19 -22.60
CA ASP H 27 8.70 0.25 -23.71
C ASP H 27 8.76 0.95 -25.05
N MET H 28 9.17 2.21 -25.06
CA MET H 28 9.20 3.00 -26.28
C MET H 28 10.58 3.06 -26.93
N ASN H 29 11.57 2.37 -26.37
CA ASN H 29 12.95 2.38 -26.83
C ASN H 29 13.53 3.79 -26.78
N HIS H 30 13.18 4.53 -25.74
CA HIS H 30 13.72 5.85 -25.51
C HIS H 30 15.09 5.75 -24.86
N ASN H 31 15.85 6.83 -24.97
CA ASN H 31 17.18 6.89 -24.37
C ASN H 31 17.24 7.71 -23.09
N SER H 32 16.42 8.75 -22.98
CA SER H 32 16.45 9.68 -21.87
C SER H 32 15.28 9.41 -20.91
N MET H 33 15.57 9.33 -19.61
CA MET H 33 14.55 9.15 -18.59
C MET H 33 14.76 10.14 -17.45
N TYR H 34 13.67 10.42 -16.74
CA TYR H 34 13.60 11.55 -15.83
C TYR H 34 12.69 11.18 -14.66
N TRP H 35 13.00 11.69 -13.48
CA TRP H 35 12.10 11.66 -12.32
C TRP H 35 11.84 13.10 -11.86
N TYR H 36 10.57 13.47 -11.80
CA TYR H 36 10.11 14.77 -11.35
C TYR H 36 9.31 14.62 -10.05
N ARG H 37 9.29 15.68 -9.25
CA ARG H 37 8.25 15.81 -8.23
C ARG H 37 7.39 17.02 -8.56
N GLN H 38 6.09 16.89 -8.29
CA GLN H 38 5.12 17.95 -8.50
C GLN H 38 4.48 18.29 -7.16
N ASP H 39 4.46 19.56 -6.82
CA ASP H 39 3.94 20.04 -5.56
C ASP H 39 3.02 21.23 -5.83
N PRO H 40 2.07 21.48 -4.94
CA PRO H 40 1.15 22.61 -5.15
C PRO H 40 1.90 23.93 -5.23
N GLY H 41 1.46 24.77 -6.15
CA GLY H 41 1.94 26.13 -6.25
C GLY H 41 3.24 26.32 -7.01
N MET H 42 3.83 25.26 -7.54
CA MET H 42 5.10 25.43 -8.24
C MET H 42 5.19 24.49 -9.42
N GLY H 43 6.15 24.78 -10.31
CA GLY H 43 6.37 23.93 -11.45
C GLY H 43 7.10 22.65 -11.08
N LEU H 44 6.91 21.63 -11.93
CA LEU H 44 7.70 20.41 -11.88
C LEU H 44 9.16 20.70 -11.61
N ARG H 45 9.76 19.92 -10.72
CA ARG H 45 11.17 20.03 -10.41
C ARG H 45 11.83 18.69 -10.69
N LEU H 46 12.90 18.71 -11.49
CA LEU H 46 13.66 17.51 -11.79
C LEU H 46 14.44 17.06 -10.57
N ILE H 47 14.40 15.75 -10.29
CA ILE H 47 15.10 15.17 -9.15
C ILE H 47 16.42 14.59 -9.61
N TYR H 48 16.36 13.65 -10.56
CA TYR H 48 17.51 13.10 -11.25
C TYR H 48 17.10 12.82 -12.69
N TYR H 49 18.11 12.66 -13.57
CA TYR H 49 17.83 12.31 -14.95
C TYR H 49 18.93 11.40 -15.47
N SER H 50 18.65 10.81 -16.63
CA SER H 50 19.51 9.81 -17.24
C SER H 50 19.49 10.08 -18.74
N ALA H 51 20.49 10.79 -19.24
CA ALA H 51 20.44 11.24 -20.64
C ALA H 51 20.47 10.06 -21.60
N SER H 52 21.03 8.94 -21.16
CA SER H 52 21.17 7.76 -21.99
CA SER H 52 21.17 7.76 -21.99
CA SER H 52 21.23 7.76 -22.00
C SER H 52 21.56 6.60 -21.08
N GLU H 53 21.41 5.38 -21.60
CA GLU H 53 21.76 4.23 -20.79
C GLU H 53 23.20 4.33 -20.35
N GLY H 54 23.47 4.02 -19.08
CA GLY H 54 24.83 4.06 -18.60
C GLY H 54 25.28 5.39 -18.01
N THR H 55 24.43 6.41 -17.97
CA THR H 55 24.81 7.64 -17.30
C THR H 55 23.59 8.24 -16.59
N THR H 56 23.84 8.86 -15.44
CA THR H 56 22.80 9.57 -14.69
C THR H 56 23.41 10.79 -14.04
N ASP H 57 22.55 11.73 -13.63
CA ASP H 57 23.07 12.92 -12.95
C ASP H 57 21.94 13.59 -12.18
N LYS H 58 22.32 14.47 -11.26
CA LYS H 58 21.37 15.18 -10.43
C LYS H 58 20.60 16.23 -11.21
N GLY H 59 19.39 16.52 -10.75
CA GLY H 59 18.59 17.60 -11.28
C GLY H 59 18.62 18.80 -10.37
N GLU H 60 17.46 19.44 -10.21
CA GLU H 60 17.34 20.60 -9.33
C GLU H 60 17.26 20.20 -7.85
N VAL H 61 16.54 19.12 -7.52
CA VAL H 61 16.33 18.77 -6.11
C VAL H 61 16.78 17.34 -5.82
N PRO H 62 18.09 17.05 -5.85
CA PRO H 62 18.53 15.65 -5.70
C PRO H 62 18.62 15.15 -4.26
N ASN H 63 18.60 16.02 -3.26
CA ASN H 63 18.98 15.62 -1.91
C ASN H 63 17.87 14.77 -1.28
N GLY H 64 18.27 13.65 -0.70
CA GLY H 64 17.33 12.67 -0.17
C GLY H 64 16.89 11.63 -1.16
N TYR H 65 17.41 11.68 -2.39
CA TYR H 65 17.05 10.71 -3.40
C TYR H 65 18.30 10.14 -4.06
N ASN H 66 18.11 8.97 -4.70
CA ASN H 66 19.10 8.38 -5.58
CA ASN H 66 19.11 8.43 -5.62
C ASN H 66 18.38 7.64 -6.70
N VAL H 67 19.09 7.39 -7.80
CA VAL H 67 18.51 6.71 -8.95
C VAL H 67 19.43 5.61 -9.44
N SER H 68 18.82 4.68 -10.18
CA SER H 68 19.56 3.65 -10.89
CA SER H 68 19.56 3.64 -10.88
C SER H 68 18.96 3.49 -12.28
N ARG H 69 19.77 3.77 -13.29
CA ARG H 69 19.38 3.44 -14.66
C ARG H 69 19.80 1.99 -14.84
N LEU H 70 18.86 1.08 -14.62
CA LEU H 70 19.16 -0.34 -14.61
C LEU H 70 19.46 -0.85 -16.01
N ASN H 71 18.77 -0.31 -17.01
CA ASN H 71 19.01 -0.67 -18.40
C ASN H 71 18.38 0.42 -19.27
N LYS H 72 18.25 0.16 -20.57
CA LYS H 72 17.64 1.16 -21.42
C LYS H 72 16.21 1.45 -20.99
N ARG H 73 15.53 0.44 -20.45
CA ARG H 73 14.09 0.52 -20.20
C ARG H 73 13.74 1.05 -18.81
N GLU H 74 14.57 0.84 -17.79
CA GLU H 74 14.12 1.08 -16.41
C GLU H 74 14.99 2.10 -15.68
N PHE H 75 14.31 2.92 -14.87
CA PHE H 75 14.92 4.04 -14.14
C PHE H 75 14.19 4.16 -12.81
N SER H 76 14.81 3.65 -11.76
CA SER H 76 14.19 3.61 -10.44
CA SER H 76 14.19 3.61 -10.44
C SER H 76 14.68 4.78 -9.59
N LEU H 77 13.77 5.29 -8.75
CA LEU H 77 14.02 6.35 -7.80
C LEU H 77 13.95 5.77 -6.40
N ARG H 78 15.01 5.99 -5.63
CA ARG H 78 15.10 5.47 -4.27
C ARG H 78 15.04 6.62 -3.29
N LEU H 79 14.13 6.54 -2.34
CA LEU H 79 14.14 7.36 -1.14
C LEU H 79 14.71 6.50 -0.03
N GLU H 80 15.83 6.93 0.53
CA GLU H 80 16.47 6.05 1.50
C GLU H 80 16.03 6.31 2.92
N SER H 81 15.70 7.57 3.27
CA SER H 81 15.23 7.90 4.61
C SER H 81 14.12 8.94 4.45
N ALA H 82 12.89 8.44 4.23
CA ALA H 82 11.76 9.32 3.94
C ALA H 82 11.66 10.45 4.94
N ALA H 83 11.33 11.63 4.44
CA ALA H 83 11.11 12.82 5.24
C ALA H 83 9.78 13.44 4.83
N PRO H 84 9.06 14.08 5.76
CA PRO H 84 7.75 14.64 5.42
C PRO H 84 7.77 15.59 4.22
N SER H 85 8.89 16.29 3.99
CA SER H 85 8.99 17.16 2.82
C SER H 85 9.02 16.38 1.51
N GLN H 86 9.25 15.07 1.54
CA GLN H 86 9.12 14.27 0.32
C GLN H 86 7.68 13.82 0.06
N THR H 87 6.71 14.28 0.86
CA THR H 87 5.32 14.13 0.48
C THR H 87 5.08 14.89 -0.81
N SER H 88 4.66 14.17 -1.85
CA SER H 88 4.62 14.77 -3.17
C SER H 88 4.00 13.77 -4.12
N VAL H 89 3.74 14.23 -5.34
CA VAL H 89 3.39 13.34 -6.44
C VAL H 89 4.61 13.25 -7.34
N TYR H 90 5.09 12.04 -7.55
CA TYR H 90 6.29 11.79 -8.33
C TYR H 90 5.93 11.29 -9.73
N PHE H 91 6.56 11.88 -10.74
CA PHE H 91 6.32 11.51 -12.12
C PHE H 91 7.63 11.11 -12.78
N CYS H 92 7.64 9.93 -13.38
CA CYS H 92 8.72 9.50 -14.26
CA CYS H 92 8.75 9.59 -14.25
C CYS H 92 8.37 9.88 -15.69
N ALA H 93 9.39 10.23 -16.48
CA ALA H 93 9.16 10.65 -17.85
C ALA H 93 10.28 10.12 -18.73
N SER H 94 10.03 10.10 -20.03
CA SER H 94 11.08 9.68 -20.94
C SER H 94 10.94 10.44 -22.25
N SER H 95 12.04 10.52 -22.98
CA SER H 95 12.06 11.14 -24.29
C SER H 95 13.01 10.35 -25.17
N VAL H 96 12.78 10.43 -26.47
CA VAL H 96 13.60 9.68 -27.44
C VAL H 96 15.09 9.95 -27.21
N TRP H 97 15.47 11.22 -27.13
CA TRP H 97 16.84 11.64 -26.85
C TRP H 97 16.78 12.85 -25.92
N THR H 98 17.94 13.44 -25.66
CA THR H 98 17.96 14.74 -24.99
C THR H 98 19.08 15.55 -25.61
N GLY H 99 19.08 16.85 -25.32
CA GLY H 99 19.99 17.73 -26.03
C GLY H 99 19.62 17.96 -27.47
N GLU H 100 18.51 17.36 -27.91
CA GLU H 100 17.67 17.87 -28.97
C GLU H 100 16.67 18.83 -28.34
N GLY H 101 16.28 19.84 -29.11
CA GLY H 101 15.35 20.80 -28.53
C GLY H 101 13.92 20.41 -28.77
N SER H 102 13.68 19.59 -29.80
CA SER H 102 12.31 19.43 -30.27
C SER H 102 11.51 18.37 -29.50
N GLY H 103 12.16 17.37 -28.91
CA GLY H 103 11.45 16.18 -28.46
C GLY H 103 10.65 16.40 -27.17
N GLU H 104 9.39 15.98 -27.18
CA GLU H 104 8.56 16.09 -25.98
C GLU H 104 8.85 14.97 -25.00
N LEU H 105 8.37 15.14 -23.78
CA LEU H 105 8.43 14.11 -22.75
C LEU H 105 7.15 13.29 -22.74
N PHE H 106 7.29 12.02 -22.40
CA PHE H 106 6.18 11.11 -22.18
C PHE H 106 6.19 10.75 -20.70
N PHE H 107 5.08 11.03 -20.01
CA PHE H 107 5.01 10.90 -18.57
C PHE H 107 4.33 9.60 -18.14
N GLY H 108 4.80 9.06 -17.02
CA GLY H 108 4.11 7.98 -16.33
C GLY H 108 2.89 8.49 -15.59
N GLU H 109 2.17 7.54 -14.98
CA GLU H 109 0.88 7.86 -14.37
C GLU H 109 1.01 8.64 -13.08
N GLY H 110 2.16 8.63 -12.43
CA GLY H 110 2.33 9.38 -11.20
C GLY H 110 2.29 8.46 -9.99
N SER H 111 3.08 8.80 -8.97
CA SER H 111 3.11 8.08 -7.70
C SER H 111 2.87 9.08 -6.59
N ARG H 112 1.83 8.86 -5.79
CA ARG H 112 1.48 9.77 -4.73
C ARG H 112 2.04 9.25 -3.42
N LEU H 113 2.91 10.02 -2.82
CA LEU H 113 3.62 9.62 -1.62
C LEU H 113 3.24 10.56 -0.49
N THR H 114 2.89 10.01 0.66
CA THR H 114 2.68 10.80 1.85
C THR H 114 3.59 10.24 2.93
N VAL H 115 4.42 11.11 3.50
CA VAL H 115 5.35 10.73 4.56
C VAL H 115 4.83 11.34 5.85
N LEU H 116 4.69 10.52 6.89
CA LEU H 116 4.13 10.91 8.17
C LEU H 116 5.09 10.59 9.30
N GLU H 117 5.15 11.48 10.29
CA GLU H 117 5.94 11.20 11.50
C GLU H 117 5.43 9.97 12.23
N ASP H 118 4.12 9.75 12.21
CA ASP H 118 3.46 8.71 12.99
C ASP H 118 2.29 8.19 12.17
N LEU H 119 2.11 6.88 12.09
CA LEU H 119 0.96 6.37 11.33
C LEU H 119 -0.35 6.44 12.10
N LYS H 120 -0.35 6.99 13.32
CA LYS H 120 -1.57 6.99 14.14
C LYS H 120 -2.69 7.87 13.58
N ASN H 121 -2.46 8.62 12.52
CA ASN H 121 -3.53 9.46 11.96
C ASN H 121 -3.95 9.00 10.56
N VAL H 122 -3.59 7.78 10.16
CA VAL H 122 -4.12 7.18 8.95
C VAL H 122 -5.50 6.59 9.26
N PHE H 123 -6.48 6.89 8.40
CA PHE H 123 -7.85 6.36 8.56
C PHE H 123 -8.43 5.95 7.21
N PRO H 124 -9.14 4.84 7.16
CA PRO H 124 -9.92 4.53 5.96
C PRO H 124 -11.15 5.41 5.92
N PRO H 125 -11.82 5.52 4.77
CA PRO H 125 -13.04 6.32 4.72
C PRO H 125 -14.21 5.54 5.28
N GLU H 126 -15.17 6.28 5.80
CA GLU H 126 -16.49 5.76 6.12
C GLU H 126 -17.35 6.10 4.91
N VAL H 127 -18.09 5.13 4.39
CA VAL H 127 -18.79 5.30 3.12
C VAL H 127 -20.29 5.12 3.33
N ALA H 128 -21.07 6.08 2.85
CA ALA H 128 -22.53 6.02 2.98
C ALA H 128 -23.16 6.51 1.67
N VAL H 129 -24.31 5.93 1.33
CA VAL H 129 -25.07 6.28 0.14
CA VAL H 129 -25.07 6.31 0.15
C VAL H 129 -26.45 6.77 0.57
N PHE H 130 -26.92 7.83 -0.08
CA PHE H 130 -28.20 8.46 0.26
C PHE H 130 -29.08 8.47 -0.96
N GLU H 131 -30.32 7.99 -0.81
CA GLU H 131 -31.21 7.76 -1.94
C GLU H 131 -31.87 9.06 -2.40
N PRO H 132 -32.31 9.11 -3.67
CA PRO H 132 -32.83 10.36 -4.24
C PRO H 132 -33.99 10.95 -3.47
N SER H 133 -34.13 12.28 -3.62
CA SER H 133 -35.26 13.01 -3.08
C SER H 133 -36.51 12.75 -3.91
N GLU H 134 -37.62 12.46 -3.23
CA GLU H 134 -38.89 12.30 -3.94
C GLU H 134 -39.31 13.61 -4.59
N ALA H 135 -39.08 14.74 -3.92
CA ALA H 135 -39.34 16.04 -4.52
C ALA H 135 -38.57 16.21 -5.83
N GLU H 136 -37.30 15.81 -5.88
CA GLU H 136 -36.53 15.91 -7.11
C GLU H 136 -37.15 15.06 -8.21
N ILE H 137 -37.48 13.80 -7.90
CA ILE H 137 -38.09 12.92 -8.90
C ILE H 137 -39.33 13.57 -9.50
N SER H 138 -40.22 14.09 -8.65
CA SER H 138 -41.46 14.62 -9.23
C SER H 138 -41.24 15.97 -9.91
N HIS H 139 -40.23 16.73 -9.49
CA HIS H 139 -39.99 18.05 -10.09
C HIS H 139 -39.22 17.96 -11.41
N THR H 140 -38.30 16.99 -11.54
CA THR H 140 -37.38 16.94 -12.68
C THR H 140 -37.40 15.64 -13.47
N GLN H 141 -38.05 14.58 -12.97
CA GLN H 141 -38.03 13.24 -13.60
C GLN H 141 -36.61 12.67 -13.65
N LYS H 142 -35.76 13.13 -12.74
CA LYS H 142 -34.40 12.62 -12.55
C LYS H 142 -34.20 12.33 -11.08
N ALA H 143 -33.23 11.48 -10.79
CA ALA H 143 -32.97 11.03 -9.43
C ALA H 143 -31.47 11.11 -9.18
N THR H 144 -31.06 11.87 -8.16
CA THR H 144 -29.64 11.97 -7.81
C THR H 144 -29.36 11.20 -6.52
N LEU H 145 -28.55 10.15 -6.63
CA LEU H 145 -27.98 9.51 -5.45
C LEU H 145 -26.69 10.22 -5.07
N VAL H 146 -26.38 10.24 -3.77
CA VAL H 146 -25.13 10.83 -3.30
C VAL H 146 -24.38 9.78 -2.48
N CYS H 147 -23.07 9.69 -2.75
CA CYS H 147 -22.16 8.91 -1.93
C CYS H 147 -21.23 9.87 -1.20
N LEU H 148 -21.10 9.68 0.12
CA LEU H 148 -20.18 10.44 0.95
C LEU H 148 -19.12 9.51 1.49
N ALA H 149 -17.86 9.87 1.30
CA ALA H 149 -16.72 9.16 1.87
C ALA H 149 -16.02 10.11 2.82
N THR H 150 -16.02 9.80 4.11
CA THR H 150 -15.68 10.80 5.10
C THR H 150 -14.67 10.26 6.10
N GLY H 151 -13.87 11.19 6.64
CA GLY H 151 -12.95 10.91 7.71
C GLY H 151 -11.68 10.20 7.34
N PHE H 152 -11.33 10.13 6.05
CA PHE H 152 -10.14 9.36 5.66
C PHE H 152 -8.90 10.25 5.63
N TYR H 153 -7.74 9.61 5.75
CA TYR H 153 -6.45 10.28 5.69
C TYR H 153 -5.40 9.20 5.48
N PRO H 154 -4.43 9.41 4.59
CA PRO H 154 -4.26 10.55 3.67
C PRO H 154 -5.27 10.57 2.51
N ASP H 155 -5.14 11.49 1.57
CA ASP H 155 -6.03 11.57 0.41
C ASP H 155 -5.55 10.57 -0.65
N HIS H 156 -5.70 9.30 -0.33
CA HIS H 156 -5.34 8.20 -1.22
C HIS H 156 -6.59 7.33 -1.45
N VAL H 157 -7.57 7.86 -2.20
CA VAL H 157 -8.79 7.10 -2.44
C VAL H 157 -9.16 7.12 -3.91
N GLU H 158 -9.89 6.09 -4.32
CA GLU H 158 -10.55 6.01 -5.62
C GLU H 158 -11.98 5.57 -5.39
N LEU H 159 -12.93 6.43 -5.74
CA LEU H 159 -14.35 6.17 -5.61
C LEU H 159 -14.92 5.78 -6.97
N SER H 160 -15.75 4.73 -6.99
CA SER H 160 -16.44 4.32 -8.21
C SER H 160 -17.88 3.97 -7.90
N TRP H 161 -18.71 4.06 -8.93
CA TRP H 161 -20.11 3.68 -8.86
C TRP H 161 -20.34 2.42 -9.67
N TRP H 162 -21.20 1.54 -9.18
CA TRP H 162 -21.51 0.29 -9.86
C TRP H 162 -23.02 0.17 -9.97
N VAL H 163 -23.52 0.04 -11.19
CA VAL H 163 -24.94 -0.11 -11.43
C VAL H 163 -25.18 -1.49 -12.01
N ASN H 164 -25.93 -2.30 -11.27
CA ASN H 164 -26.24 -3.68 -11.65
C ASN H 164 -24.96 -4.46 -11.92
N GLY H 165 -23.93 -4.19 -11.12
CA GLY H 165 -22.70 -4.95 -11.17
C GLY H 165 -21.68 -4.47 -12.17
N LYS H 166 -21.93 -3.38 -12.87
CA LYS H 166 -20.99 -2.81 -13.83
C LYS H 166 -20.61 -1.41 -13.39
N GLU H 167 -19.32 -1.09 -13.46
CA GLU H 167 -18.90 0.28 -13.19
C GLU H 167 -19.50 1.22 -14.24
N VAL H 168 -19.92 2.40 -13.78
CA VAL H 168 -20.49 3.41 -14.66
C VAL H 168 -19.75 4.71 -14.44
N HIS H 169 -19.71 5.54 -15.48
CA HIS H 169 -19.10 6.86 -15.42
CA HIS H 169 -19.13 6.87 -15.36
C HIS H 169 -20.09 7.90 -15.93
N SER H 170 -20.94 7.51 -16.85
CA SER H 170 -21.96 8.44 -17.33
C SER H 170 -22.91 8.77 -16.20
N GLY H 171 -23.27 10.04 -16.07
CA GLY H 171 -24.16 10.47 -15.02
C GLY H 171 -23.49 10.71 -13.68
N VAL H 172 -22.17 10.61 -13.59
CA VAL H 172 -21.42 10.63 -12.33
C VAL H 172 -20.62 11.91 -12.24
N CYS H 173 -20.60 12.55 -11.08
CA CYS H 173 -19.64 13.62 -10.81
CA CYS H 173 -19.55 13.52 -10.85
C CYS H 173 -19.09 13.47 -9.40
N THR H 174 -17.78 13.34 -9.27
CA THR H 174 -17.06 13.22 -7.99
C THR H 174 -16.24 14.48 -7.80
N ASP H 175 -16.22 15.04 -6.59
CA ASP H 175 -15.42 16.24 -6.33
C ASP H 175 -13.98 16.02 -6.83
N PRO H 176 -13.40 16.95 -7.59
CA PRO H 176 -11.99 16.77 -8.00
C PRO H 176 -11.02 16.91 -6.86
N GLN H 177 -11.39 17.61 -5.79
CA GLN H 177 -10.51 17.80 -4.65
C GLN H 177 -11.26 17.38 -3.39
N PRO H 178 -10.57 16.79 -2.41
CA PRO H 178 -11.24 16.44 -1.16
C PRO H 178 -11.46 17.68 -0.30
N LEU H 179 -12.37 17.54 0.65
CA LEU H 179 -12.70 18.59 1.59
C LEU H 179 -11.99 18.32 2.91
N LYS H 180 -11.26 19.31 3.43
CA LYS H 180 -10.70 19.19 4.77
C LYS H 180 -11.80 19.33 5.82
N GLU H 181 -12.00 18.28 6.62
CA GLU H 181 -13.06 18.34 7.62
C GLU H 181 -12.76 19.40 8.67
N GLN H 182 -11.48 19.59 9.00
CA GLN H 182 -11.04 20.66 9.89
C GLN H 182 -10.03 21.51 9.13
N PRO H 183 -10.48 22.50 8.39
CA PRO H 183 -9.58 23.27 7.51
C PRO H 183 -8.31 23.81 8.17
N ALA H 184 -8.33 24.08 9.48
CA ALA H 184 -7.18 24.71 10.12
C ALA H 184 -6.02 23.77 10.42
N LEU H 185 -6.24 22.45 10.41
CA LEU H 185 -5.18 21.52 10.81
C LEU H 185 -4.43 20.97 9.61
N ASN H 186 -3.10 20.87 9.76
CA ASN H 186 -2.26 20.37 8.68
C ASN H 186 -2.46 18.88 8.43
N ASP H 187 -3.03 18.15 9.38
CA ASP H 187 -3.27 16.71 9.26
C ASP H 187 -4.75 16.36 9.21
N SER H 188 -5.59 17.32 8.84
CA SER H 188 -7.04 17.13 8.89
C SER H 188 -7.48 15.91 8.08
N ARG H 189 -8.43 15.17 8.63
CA ARG H 189 -9.02 14.11 7.81
C ARG H 189 -9.89 14.73 6.71
N TYR H 190 -10.23 13.92 5.71
CA TYR H 190 -10.84 14.41 4.48
C TYR H 190 -12.22 13.84 4.26
N ALA H 191 -13.01 14.56 3.46
CA ALA H 191 -14.30 14.12 2.96
C ALA H 191 -14.32 14.25 1.45
N LEU H 192 -15.14 13.43 0.80
CA LEU H 192 -15.29 13.42 -0.65
C LEU H 192 -16.72 13.04 -1.00
N SER H 193 -17.35 13.79 -1.88
CA SER H 193 -18.71 13.46 -2.30
C SER H 193 -18.74 13.08 -3.77
N SER H 194 -19.74 12.27 -4.13
CA SER H 194 -20.01 11.91 -5.51
C SER H 194 -21.51 11.86 -5.70
N ARG H 195 -21.98 12.28 -6.87
CA ARG H 195 -23.38 12.13 -7.24
C ARG H 195 -23.50 11.22 -8.44
N LEU H 196 -24.56 10.41 -8.47
CA LEU H 196 -24.95 9.65 -9.64
C LEU H 196 -26.37 10.05 -10.00
N ARG H 197 -26.58 10.56 -11.20
CA ARG H 197 -27.91 10.99 -11.56
C ARG H 197 -28.43 10.12 -12.69
N VAL H 198 -29.62 9.56 -12.49
CA VAL H 198 -30.25 8.70 -13.46
C VAL H 198 -31.66 9.22 -13.74
N SER H 199 -32.29 8.68 -14.77
CA SER H 199 -33.69 9.00 -15.01
C SER H 199 -34.56 8.46 -13.88
N ALA H 200 -35.66 9.16 -13.60
CA ALA H 200 -36.63 8.66 -12.64
C ALA H 200 -37.07 7.23 -12.96
N THR H 201 -37.32 6.92 -14.23
CA THR H 201 -37.76 5.57 -14.57
CA THR H 201 -37.76 5.57 -14.57
C THR H 201 -36.67 4.54 -14.28
N PHE H 202 -35.39 4.93 -14.37
CA PHE H 202 -34.34 3.98 -14.02
C PHE H 202 -34.28 3.77 -12.51
N TRP H 203 -34.44 4.84 -11.73
CA TRP H 203 -34.46 4.71 -10.28
C TRP H 203 -35.66 3.89 -9.81
N GLN H 204 -36.79 4.00 -10.50
CA GLN H 204 -38.04 3.42 -10.02
C GLN H 204 -38.19 1.95 -10.40
N ASN H 205 -37.15 1.36 -10.98
CA ASN H 205 -37.13 -0.08 -11.23
C ASN H 205 -36.56 -0.79 -10.00
N PRO H 206 -37.35 -1.62 -9.31
CA PRO H 206 -36.89 -2.21 -8.04
C PRO H 206 -35.79 -3.25 -8.19
N ARG H 207 -35.52 -3.71 -9.42
CA ARG H 207 -34.43 -4.64 -9.63
CA ARG H 207 -34.43 -4.64 -9.69
C ARG H 207 -33.10 -3.95 -9.92
N ASN H 208 -33.08 -2.62 -10.03
CA ASN H 208 -31.84 -1.89 -10.26
C ASN H 208 -31.06 -1.74 -8.96
N HIS H 209 -29.76 -2.05 -9.02
CA HIS H 209 -28.89 -2.08 -7.84
C HIS H 209 -27.79 -1.06 -8.03
N PHE H 210 -27.55 -0.26 -7.00
CA PHE H 210 -26.56 0.82 -7.03
C PHE H 210 -25.54 0.61 -5.93
N ARG H 211 -24.28 0.85 -6.24
CA ARG H 211 -23.26 0.71 -5.20
C ARG H 211 -22.14 1.70 -5.43
N CYS H 212 -21.72 2.35 -4.36
CA CYS H 212 -20.56 3.23 -4.36
CA CYS H 212 -20.56 3.23 -4.36
CA CYS H 212 -20.55 3.20 -4.40
C CYS H 212 -19.44 2.55 -3.57
N GLN H 213 -18.27 2.43 -4.19
CA GLN H 213 -17.10 1.77 -3.64
C GLN H 213 -15.95 2.75 -3.55
N VAL H 214 -15.27 2.78 -2.42
CA VAL H 214 -14.07 3.57 -2.26
C VAL H 214 -12.92 2.61 -1.99
N GLN H 215 -11.95 2.56 -2.90
CA GLN H 215 -10.68 1.91 -2.63
C GLN H 215 -9.81 2.88 -1.86
N PHE H 216 -9.30 2.45 -0.72
CA PHE H 216 -8.39 3.23 0.11
C PHE H 216 -7.02 2.58 0.09
N TYR H 217 -5.96 3.37 -0.14
CA TYR H 217 -4.59 2.88 -0.11
C TYR H 217 -3.97 3.33 1.21
N GLY H 218 -3.64 2.36 2.06
CA GLY H 218 -3.22 2.65 3.41
C GLY H 218 -2.02 1.81 3.83
N LEU H 219 -2.09 1.23 5.01
CA LEU H 219 -0.97 0.50 5.56
C LEU H 219 -0.91 -0.91 4.95
N SER H 220 0.22 -1.58 5.17
CA SER H 220 0.39 -2.95 4.73
C SER H 220 0.94 -3.79 5.90
N GLU H 221 1.18 -5.07 5.62
CA GLU H 221 1.49 -6.03 6.69
C GLU H 221 2.73 -5.62 7.47
N ASN H 222 3.74 -5.06 6.80
CA ASN H 222 4.99 -4.74 7.46
C ASN H 222 4.94 -3.45 8.25
N ASP H 223 3.99 -2.56 7.96
CA ASP H 223 3.79 -1.38 8.78
C ASP H 223 3.42 -1.76 10.21
N GLU H 224 4.12 -1.15 11.17
CA GLU H 224 3.88 -1.44 12.57
C GLU H 224 2.66 -0.68 13.07
N TRP H 225 1.82 -1.34 13.85
CA TRP H 225 0.61 -0.72 14.34
C TRP H 225 0.48 -0.95 15.84
N THR H 226 0.23 0.15 16.59
CA THR H 226 0.11 0.08 18.04
C THR H 226 -1.10 0.84 18.59
N GLN H 227 -2.03 1.29 17.76
CA GLN H 227 -3.21 1.96 18.29
C GLN H 227 -4.28 0.94 18.72
N ASP H 228 -5.27 1.41 19.49
CA ASP H 228 -6.34 0.52 19.94
C ASP H 228 -7.34 0.20 18.84
N ARG H 229 -7.49 1.09 17.86
CA ARG H 229 -8.44 0.89 16.78
C ARG H 229 -7.84 -0.06 15.74
N ALA H 230 -8.65 -0.38 14.72
CA ALA H 230 -8.24 -1.34 13.71
C ALA H 230 -7.15 -0.76 12.82
N LYS H 231 -6.23 -1.60 12.42
CA LYS H 231 -5.14 -1.17 11.56
C LYS H 231 -5.69 -0.70 10.21
N PRO H 232 -5.39 0.55 9.79
CA PRO H 232 -5.96 1.11 8.53
C PRO H 232 -5.25 0.61 7.29
N VAL H 233 -5.42 -0.68 7.01
CA VAL H 233 -4.79 -1.30 5.84
C VAL H 233 -5.50 -0.87 4.57
N THR H 234 -4.79 -1.02 3.45
CA THR H 234 -5.42 -0.92 2.13
C THR H 234 -6.68 -1.80 2.08
N GLN H 235 -7.78 -1.24 1.63
CA GLN H 235 -9.06 -1.92 1.70
C GLN H 235 -10.07 -1.21 0.82
N ILE H 236 -11.18 -1.90 0.59
CA ILE H 236 -12.33 -1.38 -0.14
C ILE H 236 -13.50 -1.26 0.83
N VAL H 237 -14.08 -0.06 0.91
CA VAL H 237 -15.25 0.23 1.72
C VAL H 237 -16.36 0.64 0.76
N SER H 238 -17.57 0.07 0.94
CA SER H 238 -18.65 0.37 0.01
CA SER H 238 -18.66 0.34 0.01
C SER H 238 -19.98 0.48 0.77
N ALA H 239 -21.00 0.94 0.04
CA ALA H 239 -22.36 1.09 0.52
C ALA H 239 -23.26 1.03 -0.69
N GLU H 240 -24.50 0.59 -0.51
CA GLU H 240 -25.35 0.28 -1.64
C GLU H 240 -26.75 0.85 -1.45
N ALA H 241 -27.53 0.81 -2.53
CA ALA H 241 -28.97 1.06 -2.48
C ALA H 241 -29.66 0.35 -3.63
N TRP H 242 -30.94 0.07 -3.44
CA TRP H 242 -31.77 -0.55 -4.47
C TRP H 242 -32.78 0.47 -4.97
N GLY H 243 -33.16 0.31 -6.24
CA GLY H 243 -34.23 1.12 -6.79
C GLY H 243 -35.52 0.93 -6.01
N ARG H 244 -36.34 1.98 -6.00
CA ARG H 244 -37.55 2.03 -5.18
C ARG H 244 -38.73 2.32 -6.10
N ALA H 245 -39.67 1.39 -6.14
CA ALA H 245 -40.90 1.59 -6.91
C ALA H 245 -41.80 2.61 -6.21
#